data_2PQK
# 
_entry.id   2PQK 
# 
_audit_conform.dict_name       mmcif_pdbx.dic 
_audit_conform.dict_version    5.398 
_audit_conform.dict_location   http://mmcif.pdb.org/dictionaries/ascii/mmcif_pdbx.dic 
# 
loop_
_database_2.database_id 
_database_2.database_code 
_database_2.pdbx_database_accession 
_database_2.pdbx_DOI 
PDB   2PQK         pdb_00002pqk 10.2210/pdb2pqk/pdb 
RCSB  RCSB042677   ?            ?                   
WWPDB D_1000042677 ?            ?                   
# 
loop_
_pdbx_audit_revision_history.ordinal 
_pdbx_audit_revision_history.data_content_type 
_pdbx_audit_revision_history.major_revision 
_pdbx_audit_revision_history.minor_revision 
_pdbx_audit_revision_history.revision_date 
1 'Structure model' 1 0 2007-06-19 
2 'Structure model' 1 1 2008-05-01 
3 'Structure model' 1 2 2011-07-13 
4 'Structure model' 1 3 2013-04-10 
5 'Structure model' 1 4 2017-10-18 
6 'Structure model' 1 5 2024-11-13 
# 
_pdbx_audit_revision_details.ordinal             1 
_pdbx_audit_revision_details.revision_ordinal    1 
_pdbx_audit_revision_details.data_content_type   'Structure model' 
_pdbx_audit_revision_details.provider            repository 
_pdbx_audit_revision_details.type                'Initial release' 
_pdbx_audit_revision_details.description         ? 
_pdbx_audit_revision_details.details             ? 
# 
loop_
_pdbx_audit_revision_group.ordinal 
_pdbx_audit_revision_group.revision_ordinal 
_pdbx_audit_revision_group.data_content_type 
_pdbx_audit_revision_group.group 
1 2 'Structure model' 'Version format compliance' 
2 3 'Structure model' Advisory                    
3 3 'Structure model' 'Version format compliance' 
4 4 'Structure model' 'Database references'       
5 5 'Structure model' 'Refinement description'    
6 6 'Structure model' 'Data collection'           
7 6 'Structure model' 'Database references'       
8 6 'Structure model' 'Derived calculations'      
9 6 'Structure model' 'Structure summary'         
# 
loop_
_pdbx_audit_revision_category.ordinal 
_pdbx_audit_revision_category.revision_ordinal 
_pdbx_audit_revision_category.data_content_type 
_pdbx_audit_revision_category.category 
1  5 'Structure model' software                  
2  6 'Structure model' chem_comp_atom            
3  6 'Structure model' chem_comp_bond            
4  6 'Structure model' database_2                
5  6 'Structure model' pdbx_entry_details        
6  6 'Structure model' pdbx_modification_feature 
7  6 'Structure model' pdbx_struct_conn_angle    
8  6 'Structure model' struct_conn               
9  6 'Structure model' struct_ref_seq_dif        
10 6 'Structure model' struct_site               
# 
loop_
_pdbx_audit_revision_item.ordinal 
_pdbx_audit_revision_item.revision_ordinal 
_pdbx_audit_revision_item.data_content_type 
_pdbx_audit_revision_item.item 
1  6 'Structure model' '_database_2.pdbx_DOI'                        
2  6 'Structure model' '_database_2.pdbx_database_accession'         
3  6 'Structure model' '_pdbx_struct_conn_angle.ptnr1_auth_asym_id'  
4  6 'Structure model' '_pdbx_struct_conn_angle.ptnr1_auth_comp_id'  
5  6 'Structure model' '_pdbx_struct_conn_angle.ptnr1_auth_seq_id'   
6  6 'Structure model' '_pdbx_struct_conn_angle.ptnr1_label_asym_id' 
7  6 'Structure model' '_pdbx_struct_conn_angle.ptnr1_label_atom_id' 
8  6 'Structure model' '_pdbx_struct_conn_angle.ptnr1_label_comp_id' 
9  6 'Structure model' '_pdbx_struct_conn_angle.ptnr1_label_seq_id'  
10 6 'Structure model' '_pdbx_struct_conn_angle.ptnr1_symmetry'      
11 6 'Structure model' '_pdbx_struct_conn_angle.ptnr2_auth_comp_id'  
12 6 'Structure model' '_pdbx_struct_conn_angle.ptnr2_auth_seq_id'   
13 6 'Structure model' '_pdbx_struct_conn_angle.ptnr2_label_asym_id' 
14 6 'Structure model' '_pdbx_struct_conn_angle.ptnr2_label_atom_id' 
15 6 'Structure model' '_pdbx_struct_conn_angle.ptnr2_label_comp_id' 
16 6 'Structure model' '_pdbx_struct_conn_angle.ptnr3_auth_asym_id'  
17 6 'Structure model' '_pdbx_struct_conn_angle.ptnr3_auth_comp_id'  
18 6 'Structure model' '_pdbx_struct_conn_angle.ptnr3_auth_seq_id'   
19 6 'Structure model' '_pdbx_struct_conn_angle.ptnr3_label_asym_id' 
20 6 'Structure model' '_pdbx_struct_conn_angle.ptnr3_label_atom_id' 
21 6 'Structure model' '_pdbx_struct_conn_angle.ptnr3_label_comp_id' 
22 6 'Structure model' '_pdbx_struct_conn_angle.ptnr3_label_seq_id'  
23 6 'Structure model' '_pdbx_struct_conn_angle.ptnr3_symmetry'      
24 6 'Structure model' '_pdbx_struct_conn_angle.value'               
25 6 'Structure model' '_struct_conn.pdbx_dist_value'                
26 6 'Structure model' '_struct_conn.ptnr1_auth_asym_id'             
27 6 'Structure model' '_struct_conn.ptnr1_auth_comp_id'             
28 6 'Structure model' '_struct_conn.ptnr1_auth_seq_id'              
29 6 'Structure model' '_struct_conn.ptnr1_label_asym_id'            
30 6 'Structure model' '_struct_conn.ptnr1_label_atom_id'            
31 6 'Structure model' '_struct_conn.ptnr1_label_comp_id'            
32 6 'Structure model' '_struct_conn.ptnr1_label_seq_id'             
33 6 'Structure model' '_struct_conn.ptnr1_symmetry'                 
34 6 'Structure model' '_struct_conn.ptnr2_auth_asym_id'             
35 6 'Structure model' '_struct_conn.ptnr2_auth_comp_id'             
36 6 'Structure model' '_struct_conn.ptnr2_auth_seq_id'              
37 6 'Structure model' '_struct_conn.ptnr2_label_asym_id'            
38 6 'Structure model' '_struct_conn.ptnr2_label_atom_id'            
39 6 'Structure model' '_struct_conn.ptnr2_label_comp_id'            
40 6 'Structure model' '_struct_conn.ptnr2_label_seq_id'             
41 6 'Structure model' '_struct_conn.ptnr2_symmetry'                 
42 6 'Structure model' '_struct_ref_seq_dif.details'                 
43 6 'Structure model' '_struct_site.pdbx_auth_asym_id'              
44 6 'Structure model' '_struct_site.pdbx_auth_comp_id'              
45 6 'Structure model' '_struct_site.pdbx_auth_seq_id'               
# 
_pdbx_database_status.entry_id                        2PQK 
_pdbx_database_status.deposit_site                    RCSB 
_pdbx_database_status.process_site                    RCSB 
_pdbx_database_status.recvd_initial_deposition_date   2007-05-02 
_pdbx_database_status.status_code                     REL 
_pdbx_database_status.status_code_sf                  REL 
_pdbx_database_status.status_code_mr                  ? 
_pdbx_database_status.SG_entry                        ? 
_pdbx_database_status.status_code_cs                  ? 
_pdbx_database_status.pdb_format_compatible           Y 
_pdbx_database_status.methods_development_category    ? 
_pdbx_database_status.status_code_nmr_data            ? 
# 
loop_
_audit_author.name 
_audit_author.pdbx_ordinal 
'Bare, E.'      1 
'Grant, R.A.'   2 
'Keating, A.E.' 3 
# 
_citation.id                        primary 
_citation.title                     'Mcl-1-Bim complexes accommodate surprising point mutations via minor structural changes.' 
_citation.journal_abbrev            'Protein Sci.' 
_citation.journal_volume            19 
_citation.page_first                507 
_citation.page_last                 519 
_citation.year                      2010 
_citation.journal_id_ASTM           PRCIEI 
_citation.country                   US 
_citation.journal_id_ISSN           0961-8368 
_citation.journal_id_CSD            0795 
_citation.book_publisher            ? 
_citation.pdbx_database_id_PubMed   20066663 
_citation.pdbx_database_id_DOI      10.1002/pro.329 
# 
loop_
_citation_author.citation_id 
_citation_author.name 
_citation_author.ordinal 
_citation_author.identifier_ORCID 
primary 'Fire, E.'      1 ? 
primary 'Gulla, S.V.'   2 ? 
primary 'Grant, R.A.'   3 ? 
primary 'Keating, A.E.' 4 ? 
# 
loop_
_entity.id 
_entity.type 
_entity.src_method 
_entity.pdbx_description 
_entity.formula_weight 
_entity.pdbx_number_of_molecules 
_entity.pdbx_ec 
_entity.pdbx_mutation 
_entity.pdbx_fragment 
_entity.details 
1 polymer     man 'Induced myeloid leukemia cell differentiation protein Mcl-1' 17937.359 1   ? ? 'residues 172-327' ? 
2 polymer     syn 'Bim BH3 peptide'                                             3385.771  1   ? ? ?                  ? 
3 non-polymer syn 'ZINC ION'                                                    65.409    3   ? ? ?                  ? 
4 non-polymer syn 'SODIUM ION'                                                  22.990    1   ? ? ?                  ? 
5 water       nat water                                                         18.015    118 ? ? ?                  ? 
# 
_entity_name_com.entity_id   1 
_entity_name_com.name        'Bcl-2- related protein EAT/mcl1, mcl1/EAT' 
# 
loop_
_entity_poly.entity_id 
_entity_poly.type 
_entity_poly.nstd_linkage 
_entity_poly.nstd_monomer 
_entity_poly.pdbx_seq_one_letter_code 
_entity_poly.pdbx_seq_one_letter_code_can 
_entity_poly.pdbx_strand_id 
_entity_poly.pdbx_target_identifier 
1 'polypeptide(L)' no no 
;GSDELYRQSLEIISRYLREQATGAKDTKPMGRSGATSRKALETLRRVGDGVQRNHETAFQGMLRKLDIKNEDDVKSLSRV
MIHVFSDGVTNWGRIVTLISFGAFVAKHLKTINQESCIEPLAESITDVLVRTKRDWLVKQRGWDGFVEFFHVEDLEGG
;
;GSDELYRQSLEIISRYLREQATGAKDTKPMGRSGATSRKALETLRRVGDGVQRNHETAFQGMLRKLDIKNEDDVKSLSRV
MIHVFSDGVTNWGRIVTLISFGAFVAKHLKTINQESCIEPLAESITDVLVRTKRDWLVKQRGWDGFVEFFHVEDLEGG
;
A ? 
2 'polypeptide(L)' no no GGSGRPEIWIAQELRRIGDEFNAYYARRV GGSGRPEIWIAQELRRIGDEFNAYYARRV B ? 
# 
loop_
_pdbx_entity_nonpoly.entity_id 
_pdbx_entity_nonpoly.name 
_pdbx_entity_nonpoly.comp_id 
3 'ZINC ION'   ZN  
4 'SODIUM ION' NA  
5 water        HOH 
# 
loop_
_entity_poly_seq.entity_id 
_entity_poly_seq.num 
_entity_poly_seq.mon_id 
_entity_poly_seq.hetero 
1 1   GLY n 
1 2   SER n 
1 3   ASP n 
1 4   GLU n 
1 5   LEU n 
1 6   TYR n 
1 7   ARG n 
1 8   GLN n 
1 9   SER n 
1 10  LEU n 
1 11  GLU n 
1 12  ILE n 
1 13  ILE n 
1 14  SER n 
1 15  ARG n 
1 16  TYR n 
1 17  LEU n 
1 18  ARG n 
1 19  GLU n 
1 20  GLN n 
1 21  ALA n 
1 22  THR n 
1 23  GLY n 
1 24  ALA n 
1 25  LYS n 
1 26  ASP n 
1 27  THR n 
1 28  LYS n 
1 29  PRO n 
1 30  MET n 
1 31  GLY n 
1 32  ARG n 
1 33  SER n 
1 34  GLY n 
1 35  ALA n 
1 36  THR n 
1 37  SER n 
1 38  ARG n 
1 39  LYS n 
1 40  ALA n 
1 41  LEU n 
1 42  GLU n 
1 43  THR n 
1 44  LEU n 
1 45  ARG n 
1 46  ARG n 
1 47  VAL n 
1 48  GLY n 
1 49  ASP n 
1 50  GLY n 
1 51  VAL n 
1 52  GLN n 
1 53  ARG n 
1 54  ASN n 
1 55  HIS n 
1 56  GLU n 
1 57  THR n 
1 58  ALA n 
1 59  PHE n 
1 60  GLN n 
1 61  GLY n 
1 62  MET n 
1 63  LEU n 
1 64  ARG n 
1 65  LYS n 
1 66  LEU n 
1 67  ASP n 
1 68  ILE n 
1 69  LYS n 
1 70  ASN n 
1 71  GLU n 
1 72  ASP n 
1 73  ASP n 
1 74  VAL n 
1 75  LYS n 
1 76  SER n 
1 77  LEU n 
1 78  SER n 
1 79  ARG n 
1 80  VAL n 
1 81  MET n 
1 82  ILE n 
1 83  HIS n 
1 84  VAL n 
1 85  PHE n 
1 86  SER n 
1 87  ASP n 
1 88  GLY n 
1 89  VAL n 
1 90  THR n 
1 91  ASN n 
1 92  TRP n 
1 93  GLY n 
1 94  ARG n 
1 95  ILE n 
1 96  VAL n 
1 97  THR n 
1 98  LEU n 
1 99  ILE n 
1 100 SER n 
1 101 PHE n 
1 102 GLY n 
1 103 ALA n 
1 104 PHE n 
1 105 VAL n 
1 106 ALA n 
1 107 LYS n 
1 108 HIS n 
1 109 LEU n 
1 110 LYS n 
1 111 THR n 
1 112 ILE n 
1 113 ASN n 
1 114 GLN n 
1 115 GLU n 
1 116 SER n 
1 117 CYS n 
1 118 ILE n 
1 119 GLU n 
1 120 PRO n 
1 121 LEU n 
1 122 ALA n 
1 123 GLU n 
1 124 SER n 
1 125 ILE n 
1 126 THR n 
1 127 ASP n 
1 128 VAL n 
1 129 LEU n 
1 130 VAL n 
1 131 ARG n 
1 132 THR n 
1 133 LYS n 
1 134 ARG n 
1 135 ASP n 
1 136 TRP n 
1 137 LEU n 
1 138 VAL n 
1 139 LYS n 
1 140 GLN n 
1 141 ARG n 
1 142 GLY n 
1 143 TRP n 
1 144 ASP n 
1 145 GLY n 
1 146 PHE n 
1 147 VAL n 
1 148 GLU n 
1 149 PHE n 
1 150 PHE n 
1 151 HIS n 
1 152 VAL n 
1 153 GLU n 
1 154 ASP n 
1 155 LEU n 
1 156 GLU n 
1 157 GLY n 
1 158 GLY n 
2 1   GLY n 
2 2   GLY n 
2 3   SER n 
2 4   GLY n 
2 5   ARG n 
2 6   PRO n 
2 7   GLU n 
2 8   ILE n 
2 9   TRP n 
2 10  ILE n 
2 11  ALA n 
2 12  GLN n 
2 13  GLU n 
2 14  LEU n 
2 15  ARG n 
2 16  ARG n 
2 17  ILE n 
2 18  GLY n 
2 19  ASP n 
2 20  GLU n 
2 21  PHE n 
2 22  ASN n 
2 23  ALA n 
2 24  TYR n 
2 25  TYR n 
2 26  ALA n 
2 27  ARG n 
2 28  ARG n 
2 29  VAL n 
# 
_entity_src_gen.entity_id                          1 
_entity_src_gen.pdbx_src_id                        1 
_entity_src_gen.pdbx_alt_source_flag               sample 
_entity_src_gen.pdbx_seq_type                      ? 
_entity_src_gen.pdbx_beg_seq_num                   ? 
_entity_src_gen.pdbx_end_seq_num                   ? 
_entity_src_gen.gene_src_common_name               human 
_entity_src_gen.gene_src_genus                     Homo 
_entity_src_gen.pdbx_gene_src_gene                 MCL1 
_entity_src_gen.gene_src_species                   ? 
_entity_src_gen.gene_src_strain                    ? 
_entity_src_gen.gene_src_tissue                    ? 
_entity_src_gen.gene_src_tissue_fraction           ? 
_entity_src_gen.gene_src_details                   ? 
_entity_src_gen.pdbx_gene_src_fragment             ? 
_entity_src_gen.pdbx_gene_src_scientific_name      'Homo sapiens' 
_entity_src_gen.pdbx_gene_src_ncbi_taxonomy_id     9606 
_entity_src_gen.pdbx_gene_src_variant              ? 
_entity_src_gen.pdbx_gene_src_cell_line            ? 
_entity_src_gen.pdbx_gene_src_atcc                 ? 
_entity_src_gen.pdbx_gene_src_organ                ? 
_entity_src_gen.pdbx_gene_src_organelle            ? 
_entity_src_gen.pdbx_gene_src_cell                 ? 
_entity_src_gen.pdbx_gene_src_cellular_location    ? 
_entity_src_gen.host_org_common_name               ? 
_entity_src_gen.pdbx_host_org_scientific_name      'Escherichia coli' 
_entity_src_gen.pdbx_host_org_ncbi_taxonomy_id     562 
_entity_src_gen.host_org_genus                     Escherichia 
_entity_src_gen.pdbx_host_org_gene                 ? 
_entity_src_gen.pdbx_host_org_organ                ? 
_entity_src_gen.host_org_species                   ? 
_entity_src_gen.pdbx_host_org_tissue               ? 
_entity_src_gen.pdbx_host_org_tissue_fraction      ? 
_entity_src_gen.pdbx_host_org_strain               'BL21 pLysS' 
_entity_src_gen.pdbx_host_org_variant              ? 
_entity_src_gen.pdbx_host_org_cell_line            ? 
_entity_src_gen.pdbx_host_org_atcc                 ? 
_entity_src_gen.pdbx_host_org_culture_collection   ? 
_entity_src_gen.pdbx_host_org_cell                 ? 
_entity_src_gen.pdbx_host_org_organelle            ? 
_entity_src_gen.pdbx_host_org_cellular_location    ? 
_entity_src_gen.pdbx_host_org_vector_type          ? 
_entity_src_gen.pdbx_host_org_vector               ? 
_entity_src_gen.host_org_details                   ? 
_entity_src_gen.expression_system_id               ? 
_entity_src_gen.plasmid_name                       ? 
_entity_src_gen.plasmid_details                    ? 
_entity_src_gen.pdbx_description                   ? 
# 
_pdbx_entity_src_syn.entity_id              2 
_pdbx_entity_src_syn.pdbx_src_id            1 
_pdbx_entity_src_syn.pdbx_alt_source_flag   sample 
_pdbx_entity_src_syn.pdbx_beg_seq_num       ? 
_pdbx_entity_src_syn.pdbx_end_seq_num       ? 
_pdbx_entity_src_syn.organism_scientific    ? 
_pdbx_entity_src_syn.organism_common_name   ? 
_pdbx_entity_src_syn.ncbi_taxonomy_id       ? 
_pdbx_entity_src_syn.details                'Synthetic peptide, the sequence naturally occurs in Homo sapiens (Human)' 
# 
loop_
_chem_comp.id 
_chem_comp.type 
_chem_comp.mon_nstd_flag 
_chem_comp.name 
_chem_comp.pdbx_synonyms 
_chem_comp.formula 
_chem_comp.formula_weight 
ALA 'L-peptide linking' y ALANINE         ? 'C3 H7 N O2'     89.093  
ARG 'L-peptide linking' y ARGININE        ? 'C6 H15 N4 O2 1' 175.209 
ASN 'L-peptide linking' y ASPARAGINE      ? 'C4 H8 N2 O3'    132.118 
ASP 'L-peptide linking' y 'ASPARTIC ACID' ? 'C4 H7 N O4'     133.103 
CYS 'L-peptide linking' y CYSTEINE        ? 'C3 H7 N O2 S'   121.158 
GLN 'L-peptide linking' y GLUTAMINE       ? 'C5 H10 N2 O3'   146.144 
GLU 'L-peptide linking' y 'GLUTAMIC ACID' ? 'C5 H9 N O4'     147.129 
GLY 'peptide linking'   y GLYCINE         ? 'C2 H5 N O2'     75.067  
HIS 'L-peptide linking' y HISTIDINE       ? 'C6 H10 N3 O2 1' 156.162 
HOH non-polymer         . WATER           ? 'H2 O'           18.015  
ILE 'L-peptide linking' y ISOLEUCINE      ? 'C6 H13 N O2'    131.173 
LEU 'L-peptide linking' y LEUCINE         ? 'C6 H13 N O2'    131.173 
LYS 'L-peptide linking' y LYSINE          ? 'C6 H15 N2 O2 1' 147.195 
MET 'L-peptide linking' y METHIONINE      ? 'C5 H11 N O2 S'  149.211 
NA  non-polymer         . 'SODIUM ION'    ? 'Na 1'           22.990  
PHE 'L-peptide linking' y PHENYLALANINE   ? 'C9 H11 N O2'    165.189 
PRO 'L-peptide linking' y PROLINE         ? 'C5 H9 N O2'     115.130 
SER 'L-peptide linking' y SERINE          ? 'C3 H7 N O3'     105.093 
THR 'L-peptide linking' y THREONINE       ? 'C4 H9 N O3'     119.119 
TRP 'L-peptide linking' y TRYPTOPHAN      ? 'C11 H12 N2 O2'  204.225 
TYR 'L-peptide linking' y TYROSINE        ? 'C9 H11 N O3'    181.189 
VAL 'L-peptide linking' y VALINE          ? 'C5 H11 N O2'    117.146 
ZN  non-polymer         . 'ZINC ION'      ? 'Zn 2'           65.409  
# 
loop_
_pdbx_poly_seq_scheme.asym_id 
_pdbx_poly_seq_scheme.entity_id 
_pdbx_poly_seq_scheme.seq_id 
_pdbx_poly_seq_scheme.mon_id 
_pdbx_poly_seq_scheme.ndb_seq_num 
_pdbx_poly_seq_scheme.pdb_seq_num 
_pdbx_poly_seq_scheme.auth_seq_num 
_pdbx_poly_seq_scheme.pdb_mon_id 
_pdbx_poly_seq_scheme.auth_mon_id 
_pdbx_poly_seq_scheme.pdb_strand_id 
_pdbx_poly_seq_scheme.pdb_ins_code 
_pdbx_poly_seq_scheme.hetero 
A 1 1   GLY 1   170 ?   ?   ?   A . n 
A 1 2   SER 2   171 ?   ?   ?   A . n 
A 1 3   ASP 3   172 172 ASP ASP A . n 
A 1 4   GLU 4   173 173 GLU GLU A . n 
A 1 5   LEU 5   174 174 LEU LEU A . n 
A 1 6   TYR 6   175 175 TYR TYR A . n 
A 1 7   ARG 7   176 176 ARG ARG A . n 
A 1 8   GLN 8   177 177 GLN GLN A . n 
A 1 9   SER 9   178 178 SER SER A . n 
A 1 10  LEU 10  179 179 LEU LEU A . n 
A 1 11  GLU 11  180 180 GLU GLU A . n 
A 1 12  ILE 12  181 181 ILE ILE A . n 
A 1 13  ILE 13  182 182 ILE ILE A . n 
A 1 14  SER 14  183 183 SER SER A . n 
A 1 15  ARG 15  184 184 ARG ARG A . n 
A 1 16  TYR 16  185 185 TYR TYR A . n 
A 1 17  LEU 17  186 186 LEU LEU A . n 
A 1 18  ARG 18  187 187 ARG ARG A . n 
A 1 19  GLU 19  188 188 GLU GLU A . n 
A 1 20  GLN 20  189 189 GLN GLN A . n 
A 1 21  ALA 21  190 190 ALA ALA A . n 
A 1 22  THR 22  191 191 THR THR A . n 
A 1 23  GLY 23  192 192 GLY GLY A . n 
A 1 24  ALA 24  193 193 ALA ALA A . n 
A 1 25  LYS 25  194 194 LYS LYS A . n 
A 1 26  ASP 26  195 195 ASP ASP A . n 
A 1 27  THR 27  196 196 THR THR A . n 
A 1 28  LYS 28  197 197 LYS LYS A . n 
A 1 29  PRO 29  198 ?   ?   ?   A . n 
A 1 30  MET 30  199 ?   ?   ?   A . n 
A 1 31  GLY 31  200 ?   ?   ?   A . n 
A 1 32  ARG 32  201 ?   ?   ?   A . n 
A 1 33  SER 33  202 ?   ?   ?   A . n 
A 1 34  GLY 34  203 203 GLY GLY A . n 
A 1 35  ALA 35  204 204 ALA ALA A . n 
A 1 36  THR 36  205 205 THR THR A . n 
A 1 37  SER 37  206 206 SER SER A . n 
A 1 38  ARG 38  207 207 ARG ARG A . n 
A 1 39  LYS 39  208 208 LYS LYS A . n 
A 1 40  ALA 40  209 209 ALA ALA A . n 
A 1 41  LEU 41  210 210 LEU LEU A . n 
A 1 42  GLU 42  211 211 GLU GLU A . n 
A 1 43  THR 43  212 212 THR THR A . n 
A 1 44  LEU 44  213 213 LEU LEU A . n 
A 1 45  ARG 45  214 214 ARG ARG A . n 
A 1 46  ARG 46  215 215 ARG ARG A . n 
A 1 47  VAL 47  216 216 VAL VAL A . n 
A 1 48  GLY 48  217 217 GLY GLY A . n 
A 1 49  ASP 49  218 218 ASP ASP A . n 
A 1 50  GLY 50  219 219 GLY GLY A . n 
A 1 51  VAL 51  220 220 VAL VAL A . n 
A 1 52  GLN 52  221 221 GLN GLN A . n 
A 1 53  ARG 53  222 222 ARG ARG A . n 
A 1 54  ASN 54  223 223 ASN ASN A . n 
A 1 55  HIS 55  224 224 HIS HIS A . n 
A 1 56  GLU 56  225 225 GLU GLU A . n 
A 1 57  THR 57  226 226 THR THR A . n 
A 1 58  ALA 58  227 227 ALA ALA A . n 
A 1 59  PHE 59  228 228 PHE PHE A . n 
A 1 60  GLN 60  229 229 GLN GLN A . n 
A 1 61  GLY 61  230 230 GLY GLY A . n 
A 1 62  MET 62  231 231 MET MET A . n 
A 1 63  LEU 63  232 232 LEU LEU A . n 
A 1 64  ARG 64  233 233 ARG ARG A . n 
A 1 65  LYS 65  234 234 LYS LYS A . n 
A 1 66  LEU 66  235 235 LEU LEU A . n 
A 1 67  ASP 67  236 236 ASP ASP A . n 
A 1 68  ILE 68  237 237 ILE ILE A . n 
A 1 69  LYS 69  238 238 LYS LYS A . n 
A 1 70  ASN 70  239 239 ASN ASN A . n 
A 1 71  GLU 71  240 240 GLU GLU A . n 
A 1 72  ASP 72  241 241 ASP ASP A . n 
A 1 73  ASP 73  242 242 ASP ASP A . n 
A 1 74  VAL 74  243 243 VAL VAL A . n 
A 1 75  LYS 75  244 244 LYS LYS A . n 
A 1 76  SER 76  245 245 SER SER A . n 
A 1 77  LEU 77  246 246 LEU LEU A . n 
A 1 78  SER 78  247 247 SER SER A . n 
A 1 79  ARG 79  248 248 ARG ARG A . n 
A 1 80  VAL 80  249 249 VAL VAL A . n 
A 1 81  MET 81  250 250 MET MET A . n 
A 1 82  ILE 82  251 251 ILE ILE A . n 
A 1 83  HIS 83  252 252 HIS HIS A . n 
A 1 84  VAL 84  253 253 VAL VAL A . n 
A 1 85  PHE 85  254 254 PHE PHE A . n 
A 1 86  SER 86  255 255 SER SER A . n 
A 1 87  ASP 87  256 256 ASP ASP A . n 
A 1 88  GLY 88  257 257 GLY GLY A . n 
A 1 89  VAL 89  258 258 VAL VAL A . n 
A 1 90  THR 90  259 259 THR THR A . n 
A 1 91  ASN 91  260 260 ASN ASN A . n 
A 1 92  TRP 92  261 261 TRP TRP A . n 
A 1 93  GLY 93  262 262 GLY GLY A . n 
A 1 94  ARG 94  263 263 ARG ARG A . n 
A 1 95  ILE 95  264 264 ILE ILE A . n 
A 1 96  VAL 96  265 265 VAL VAL A . n 
A 1 97  THR 97  266 266 THR THR A . n 
A 1 98  LEU 98  267 267 LEU LEU A . n 
A 1 99  ILE 99  268 268 ILE ILE A . n 
A 1 100 SER 100 269 269 SER SER A . n 
A 1 101 PHE 101 270 270 PHE PHE A . n 
A 1 102 GLY 102 271 271 GLY GLY A . n 
A 1 103 ALA 103 272 272 ALA ALA A . n 
A 1 104 PHE 104 273 273 PHE PHE A . n 
A 1 105 VAL 105 274 274 VAL VAL A . n 
A 1 106 ALA 106 275 275 ALA ALA A . n 
A 1 107 LYS 107 276 276 LYS LYS A . n 
A 1 108 HIS 108 277 277 HIS HIS A . n 
A 1 109 LEU 109 278 278 LEU LEU A . n 
A 1 110 LYS 110 279 279 LYS LYS A . n 
A 1 111 THR 111 280 280 THR THR A . n 
A 1 112 ILE 112 281 281 ILE ILE A . n 
A 1 113 ASN 113 282 282 ASN ASN A . n 
A 1 114 GLN 114 283 283 GLN GLN A . n 
A 1 115 GLU 115 284 284 GLU GLU A . n 
A 1 116 SER 116 285 285 SER SER A . n 
A 1 117 CYS 117 286 286 CYS CYS A . n 
A 1 118 ILE 118 287 287 ILE ILE A . n 
A 1 119 GLU 119 288 288 GLU GLU A . n 
A 1 120 PRO 120 289 289 PRO PRO A . n 
A 1 121 LEU 121 290 290 LEU LEU A . n 
A 1 122 ALA 122 291 291 ALA ALA A . n 
A 1 123 GLU 123 292 292 GLU GLU A . n 
A 1 124 SER 124 293 293 SER SER A . n 
A 1 125 ILE 125 294 294 ILE ILE A . n 
A 1 126 THR 126 295 295 THR THR A . n 
A 1 127 ASP 127 296 296 ASP ASP A . n 
A 1 128 VAL 128 297 297 VAL VAL A . n 
A 1 129 LEU 129 298 298 LEU LEU A . n 
A 1 130 VAL 130 299 299 VAL VAL A . n 
A 1 131 ARG 131 300 300 ARG ARG A . n 
A 1 132 THR 132 301 301 THR THR A . n 
A 1 133 LYS 133 302 302 LYS LYS A . n 
A 1 134 ARG 134 303 303 ARG ARG A . n 
A 1 135 ASP 135 304 304 ASP ASP A . n 
A 1 136 TRP 136 305 305 TRP TRP A . n 
A 1 137 LEU 137 306 306 LEU LEU A . n 
A 1 138 VAL 138 307 307 VAL VAL A . n 
A 1 139 LYS 139 308 308 LYS LYS A . n 
A 1 140 GLN 140 309 309 GLN GLN A . n 
A 1 141 ARG 141 310 310 ARG ARG A . n 
A 1 142 GLY 142 311 311 GLY GLY A . n 
A 1 143 TRP 143 312 312 TRP TRP A . n 
A 1 144 ASP 144 313 313 ASP ASP A . n 
A 1 145 GLY 145 314 314 GLY GLY A . n 
A 1 146 PHE 146 315 315 PHE PHE A . n 
A 1 147 VAL 147 316 316 VAL VAL A . n 
A 1 148 GLU 148 317 317 GLU GLU A . n 
A 1 149 PHE 149 318 318 PHE PHE A . n 
A 1 150 PHE 150 319 319 PHE PHE A . n 
A 1 151 HIS 151 320 320 HIS HIS A . n 
A 1 152 VAL 152 321 321 VAL VAL A . n 
A 1 153 GLU 153 322 ?   ?   ?   A . n 
A 1 154 ASP 154 323 ?   ?   ?   A . n 
A 1 155 LEU 155 324 ?   ?   ?   A . n 
A 1 156 GLU 156 325 ?   ?   ?   A . n 
A 1 157 GLY 157 326 ?   ?   ?   A . n 
A 1 158 GLY 158 327 ?   ?   ?   A . n 
B 2 1   GLY 1   -3  ?   ?   ?   B . n 
B 2 2   GLY 2   -2  ?   ?   ?   B . n 
B 2 3   SER 3   -1  ?   ?   ?   B . n 
B 2 4   GLY 4   0   0   GLY GLY B . n 
B 2 5   ARG 5   1   1   ARG ARG B . n 
B 2 6   PRO 6   2   2   PRO PRO B . n 
B 2 7   GLU 7   3   3   GLU GLU B . n 
B 2 8   ILE 8   4   4   ILE ILE B . n 
B 2 9   TRP 9   5   5   TRP TRP B . n 
B 2 10  ILE 10  6   6   ILE ILE B . n 
B 2 11  ALA 11  7   7   ALA ALA B . n 
B 2 12  GLN 12  8   8   GLN GLN B . n 
B 2 13  GLU 13  9   9   GLU GLU B . n 
B 2 14  LEU 14  10  10  LEU LEU B . n 
B 2 15  ARG 15  11  11  ARG ARG B . n 
B 2 16  ARG 16  12  12  ARG ARG B . n 
B 2 17  ILE 17  13  13  ILE ILE B . n 
B 2 18  GLY 18  14  14  GLY GLY B . n 
B 2 19  ASP 19  15  15  ASP ASP B . n 
B 2 20  GLU 20  16  16  GLU GLU B . n 
B 2 21  PHE 21  17  17  PHE PHE B . n 
B 2 22  ASN 22  18  18  ASN ASN B . n 
B 2 23  ALA 23  19  19  ALA ALA B . n 
B 2 24  TYR 24  20  20  TYR TYR B . n 
B 2 25  TYR 25  21  21  TYR TYR B . n 
B 2 26  ALA 26  22  22  ALA ALA B . n 
B 2 27  ARG 27  23  ?   ?   ?   B . n 
B 2 28  ARG 28  24  ?   ?   ?   B . n 
B 2 29  VAL 29  25  ?   ?   ?   B . n 
# 
loop_
_pdbx_nonpoly_scheme.asym_id 
_pdbx_nonpoly_scheme.entity_id 
_pdbx_nonpoly_scheme.mon_id 
_pdbx_nonpoly_scheme.ndb_seq_num 
_pdbx_nonpoly_scheme.pdb_seq_num 
_pdbx_nonpoly_scheme.auth_seq_num 
_pdbx_nonpoly_scheme.pdb_mon_id 
_pdbx_nonpoly_scheme.auth_mon_id 
_pdbx_nonpoly_scheme.pdb_strand_id 
_pdbx_nonpoly_scheme.pdb_ins_code 
C 3 ZN  1  401 401 ZN  ZN  A . 
D 3 ZN  1  402 402 ZN  ZN  A . 
E 4 NA  1  404 404 NA  NA  A . 
F 3 ZN  1  403 403 ZN  ZN  B . 
G 5 HOH 1  1   1   HOH HOH A . 
G 5 HOH 2  2   2   HOH HOH A . 
G 5 HOH 3  3   3   HOH HOH A . 
G 5 HOH 4  4   4   HOH HOH A . 
G 5 HOH 5  5   5   HOH HOH A . 
G 5 HOH 6  6   6   HOH HOH A . 
G 5 HOH 7  7   7   HOH HOH A . 
G 5 HOH 8  8   8   HOH HOH A . 
G 5 HOH 9  9   9   HOH HOH A . 
G 5 HOH 10 10  10  HOH HOH A . 
G 5 HOH 11 11  11  HOH HOH A . 
G 5 HOH 12 12  12  HOH HOH A . 
G 5 HOH 13 13  13  HOH HOH A . 
G 5 HOH 14 14  14  HOH HOH A . 
G 5 HOH 15 15  15  HOH HOH A . 
G 5 HOH 16 16  16  HOH HOH A . 
G 5 HOH 17 21  21  HOH HOH A . 
G 5 HOH 18 22  22  HOH HOH A . 
G 5 HOH 19 23  23  HOH HOH A . 
G 5 HOH 20 24  24  HOH HOH A . 
G 5 HOH 21 25  25  HOH HOH A . 
G 5 HOH 22 26  26  HOH HOH A . 
G 5 HOH 23 29  29  HOH HOH A . 
G 5 HOH 24 30  30  HOH HOH A . 
G 5 HOH 25 31  31  HOH HOH A . 
G 5 HOH 26 32  32  HOH HOH A . 
G 5 HOH 27 33  33  HOH HOH A . 
G 5 HOH 28 35  35  HOH HOH A . 
G 5 HOH 29 36  36  HOH HOH A . 
G 5 HOH 30 38  38  HOH HOH A . 
G 5 HOH 31 39  39  HOH HOH A . 
G 5 HOH 32 40  40  HOH HOH A . 
G 5 HOH 33 42  42  HOH HOH A . 
G 5 HOH 34 43  43  HOH HOH A . 
G 5 HOH 35 45  45  HOH HOH A . 
G 5 HOH 36 46  46  HOH HOH A . 
G 5 HOH 37 48  48  HOH HOH A . 
G 5 HOH 38 49  49  HOH HOH A . 
G 5 HOH 39 52  52  HOH HOH A . 
G 5 HOH 40 53  53  HOH HOH A . 
G 5 HOH 41 54  54  HOH HOH A . 
G 5 HOH 42 55  55  HOH HOH A . 
G 5 HOH 43 56  56  HOH HOH A . 
G 5 HOH 44 57  57  HOH HOH A . 
G 5 HOH 45 58  58  HOH HOH A . 
G 5 HOH 46 59  59  HOH HOH A . 
G 5 HOH 47 60  60  HOH HOH A . 
G 5 HOH 48 62  62  HOH HOH A . 
G 5 HOH 49 64  64  HOH HOH A . 
G 5 HOH 50 65  65  HOH HOH A . 
G 5 HOH 51 67  67  HOH HOH A . 
G 5 HOH 52 68  68  HOH HOH A . 
G 5 HOH 53 69  69  HOH HOH A . 
G 5 HOH 54 70  70  HOH HOH A . 
G 5 HOH 55 71  71  HOH HOH A . 
G 5 HOH 56 72  72  HOH HOH A . 
G 5 HOH 57 73  73  HOH HOH A . 
G 5 HOH 58 75  75  HOH HOH A . 
G 5 HOH 59 76  76  HOH HOH A . 
G 5 HOH 60 78  78  HOH HOH A . 
G 5 HOH 61 79  79  HOH HOH A . 
G 5 HOH 62 80  80  HOH HOH A . 
G 5 HOH 63 81  81  HOH HOH A . 
G 5 HOH 64 82  82  HOH HOH A . 
G 5 HOH 65 84  84  HOH HOH A . 
G 5 HOH 66 85  85  HOH HOH A . 
G 5 HOH 67 86  86  HOH HOH A . 
G 5 HOH 68 88  88  HOH HOH A . 
G 5 HOH 69 90  90  HOH HOH A . 
G 5 HOH 70 91  91  HOH HOH A . 
G 5 HOH 71 92  92  HOH HOH A . 
G 5 HOH 72 93  93  HOH HOH A . 
G 5 HOH 73 94  94  HOH HOH A . 
G 5 HOH 74 96  96  HOH HOH A . 
G 5 HOH 75 97  97  HOH HOH A . 
G 5 HOH 76 98  98  HOH HOH A . 
G 5 HOH 77 99  99  HOH HOH A . 
G 5 HOH 78 100 100 HOH HOH A . 
G 5 HOH 79 101 101 HOH HOH A . 
G 5 HOH 80 102 102 HOH HOH A . 
G 5 HOH 81 103 103 HOH HOH A . 
G 5 HOH 82 104 104 HOH HOH A . 
G 5 HOH 83 105 105 HOH HOH A . 
G 5 HOH 84 106 106 HOH HOH A . 
G 5 HOH 85 107 107 HOH HOH A . 
G 5 HOH 86 108 108 HOH HOH A . 
G 5 HOH 87 109 109 HOH HOH A . 
G 5 HOH 88 110 110 HOH HOH A . 
G 5 HOH 89 111 111 HOH HOH A . 
G 5 HOH 90 112 112 HOH HOH A . 
G 5 HOH 91 114 114 HOH HOH A . 
G 5 HOH 92 115 115 HOH HOH A . 
G 5 HOH 93 116 116 HOH HOH A . 
G 5 HOH 94 117 117 HOH HOH A . 
G 5 HOH 95 118 118 HOH HOH A . 
H 5 HOH 1  404 17  HOH HOH B . 
H 5 HOH 2  405 18  HOH HOH B . 
H 5 HOH 3  406 19  HOH HOH B . 
H 5 HOH 4  407 20  HOH HOH B . 
H 5 HOH 5  408 27  HOH HOH B . 
H 5 HOH 6  409 28  HOH HOH B . 
H 5 HOH 7  410 34  HOH HOH B . 
H 5 HOH 8  411 37  HOH HOH B . 
H 5 HOH 9  412 41  HOH HOH B . 
H 5 HOH 10 413 44  HOH HOH B . 
H 5 HOH 11 414 47  HOH HOH B . 
H 5 HOH 12 415 50  HOH HOH B . 
H 5 HOH 13 416 51  HOH HOH B . 
H 5 HOH 14 417 61  HOH HOH B . 
H 5 HOH 15 418 63  HOH HOH B . 
H 5 HOH 16 419 66  HOH HOH B . 
H 5 HOH 17 420 74  HOH HOH B . 
H 5 HOH 18 421 77  HOH HOH B . 
H 5 HOH 19 422 83  HOH HOH B . 
H 5 HOH 20 423 87  HOH HOH B . 
H 5 HOH 21 424 89  HOH HOH B . 
H 5 HOH 22 425 95  HOH HOH B . 
H 5 HOH 23 426 113 HOH HOH B . 
# 
loop_
_pdbx_unobs_or_zero_occ_atoms.id 
_pdbx_unobs_or_zero_occ_atoms.PDB_model_num 
_pdbx_unobs_or_zero_occ_atoms.polymer_flag 
_pdbx_unobs_or_zero_occ_atoms.occupancy_flag 
_pdbx_unobs_or_zero_occ_atoms.auth_asym_id 
_pdbx_unobs_or_zero_occ_atoms.auth_comp_id 
_pdbx_unobs_or_zero_occ_atoms.auth_seq_id 
_pdbx_unobs_or_zero_occ_atoms.PDB_ins_code 
_pdbx_unobs_or_zero_occ_atoms.auth_atom_id 
_pdbx_unobs_or_zero_occ_atoms.label_alt_id 
_pdbx_unobs_or_zero_occ_atoms.label_asym_id 
_pdbx_unobs_or_zero_occ_atoms.label_comp_id 
_pdbx_unobs_or_zero_occ_atoms.label_seq_id 
_pdbx_unobs_or_zero_occ_atoms.label_atom_id 
1  1 Y 1 A LYS 197 ? CG  ? A LYS 28 CG  
2  1 Y 1 A LYS 197 ? CD  ? A LYS 28 CD  
3  1 Y 1 A LYS 197 ? CE  ? A LYS 28 CE  
4  1 Y 1 A LYS 197 ? NZ  ? A LYS 28 NZ  
5  1 Y 1 A ARG 222 ? CG  ? A ARG 53 CG  
6  1 Y 1 A ARG 222 ? CD  ? A ARG 53 CD  
7  1 Y 1 A ARG 222 ? NE  ? A ARG 53 NE  
8  1 Y 1 A ARG 222 ? CZ  ? A ARG 53 CZ  
9  1 Y 1 A ARG 222 ? NH1 ? A ARG 53 NH1 
10 1 Y 1 A ARG 222 ? NH2 ? A ARG 53 NH2 
11 1 Y 1 B ARG 1   ? CG  ? B ARG 5  CG  
12 1 Y 1 B ARG 1   ? CD  ? B ARG 5  CD  
13 1 Y 1 B ARG 1   ? NE  ? B ARG 5  NE  
14 1 Y 1 B ARG 1   ? CZ  ? B ARG 5  CZ  
15 1 Y 1 B ARG 1   ? NH1 ? B ARG 5  NH1 
16 1 Y 1 B ARG 1   ? NH2 ? B ARG 5  NH2 
# 
loop_
_software.name 
_software.version 
_software.date 
_software.type 
_software.contact_author 
_software.contact_author_email 
_software.classification 
_software.location 
_software.language 
_software.citation_id 
_software.pdbx_ordinal 
DENZO       .        ?                package 'Zbyszek Otwinowski' zbyszek@mix.swmed.edu    'data reduction'  
http://www.lnls.br/infra/linhasluz/denzo-hkl.htm ?          ? 1 
SCALEPACK   .        ?                package 'Zbyszek Otwinowski' zbyszek@mix.swmed.edu    'data scaling'    
http://www.lnls.br/infra/linhasluz/denzo-hkl.htm ?          ? 2 
REFMAC      5.2.0005 ?                program 'Murshudov, G.N.'    ccp4@dl.ac.uk            refinement        
http://www.ccp4.ac.uk/main.html                  Fortran_77 ? 3 
PDB_EXTRACT 2.000    'April. 3, 2006' package PDB                  sw-help@rcsb.rutgers.edu 'data extraction' 
http://pdb.rutgers.edu/software/                 C++        ? 4 
ADSC        Quantum  ?                ?       ?                    ?                        'data collection' ? ?          ? 5 
HKL-2000    .        ?                ?       ?                    ?                        'data reduction'  ? ?          ? 6 
HKL-2000    .        ?                ?       ?                    ?                        'data scaling'    ? ?          ? 7 
SHARP       .        ?                ?       ?                    ?                        phasing           ? ?          ? 8 
# 
_cell.entry_id           2PQK 
_cell.length_a           53.087 
_cell.length_b           71.846 
_cell.length_c           118.145 
_cell.angle_alpha        90.00 
_cell.angle_beta         90.00 
_cell.angle_gamma        90.00 
_cell.Z_PDB              8 
_cell.pdbx_unique_axis   ? 
_cell.length_a_esd       ? 
_cell.length_b_esd       ? 
_cell.length_c_esd       ? 
_cell.angle_alpha_esd    ? 
_cell.angle_beta_esd     ? 
_cell.angle_gamma_esd    ? 
# 
_symmetry.entry_id                         2PQK 
_symmetry.space_group_name_H-M             'I 2 2 2' 
_symmetry.pdbx_full_space_group_name_H-M   ? 
_symmetry.cell_setting                     ? 
_symmetry.Int_Tables_number                23 
_symmetry.space_group_name_Hall            ? 
# 
_exptl.crystals_number   1 
_exptl.entry_id          2PQK 
_exptl.method            'X-RAY DIFFRACTION' 
# 
_exptl_crystal.id                    1 
_exptl_crystal.density_Matthews      2.64 
_exptl_crystal.density_meas          ? 
_exptl_crystal.density_percent_sol   53.43 
_exptl_crystal.description           ? 
_exptl_crystal.F_000                 ? 
_exptl_crystal.preparation           ? 
# 
_exptl_crystal_grow.crystal_id      1 
_exptl_crystal_grow.method          'VAPOR DIFFUSION, HANGING DROP' 
_exptl_crystal_grow.pH              7.0 
_exptl_crystal_grow.temp            298 
_exptl_crystal_grow.temp_details    ? 
_exptl_crystal_grow.pdbx_details    
'0.2M zinc acetate, 0.1M imidazole, 20% PEG 3350, pH 7.0, VAPOR DIFFUSION, HANGING DROP, temperature 298K' 
_exptl_crystal_grow.pdbx_pH_range   . 
# 
_diffrn.id                     1 
_diffrn.ambient_temp           100 
_diffrn.ambient_temp_details   ? 
_diffrn.crystal_id             1 
# 
_diffrn_detector.diffrn_id              1 
_diffrn_detector.detector               CCD 
_diffrn_detector.type                   'ADSC QUANTUM 315' 
_diffrn_detector.pdbx_collection_date   2006-11-02 
_diffrn_detector.details                ? 
# 
_diffrn_radiation.diffrn_id                        1 
_diffrn_radiation.wavelength_id                    1 
_diffrn_radiation.pdbx_diffrn_protocol             'SINGLE WAVELENGTH' 
_diffrn_radiation.monochromator                    ? 
_diffrn_radiation.pdbx_monochromatic_or_laue_m_l   M 
_diffrn_radiation.pdbx_scattering_type             x-ray 
# 
_diffrn_radiation_wavelength.id           1 
_diffrn_radiation_wavelength.wavelength   0.98166 
_diffrn_radiation_wavelength.wt           1.0 
# 
_diffrn_source.diffrn_id                   1 
_diffrn_source.source                      SYNCHROTRON 
_diffrn_source.type                        'APS BEAMLINE 24-ID-C' 
_diffrn_source.pdbx_wavelength             0.98166 
_diffrn_source.pdbx_wavelength_list        ? 
_diffrn_source.pdbx_synchrotron_site       APS 
_diffrn_source.pdbx_synchrotron_beamline   24-ID-C 
# 
_reflns.entry_id                     2PQK 
_reflns.d_resolution_high            2.000 
_reflns.d_resolution_low             34.6 
_reflns.number_obs                   15537 
_reflns.pdbx_Rmerge_I_obs            0.062 
_reflns.pdbx_netI_over_sigmaI        11.900 
_reflns.pdbx_chi_squared             1.469 
_reflns.pdbx_redundancy              6.900 
_reflns.percent_possible_obs         99.000 
_reflns.observed_criterion_sigma_F   ? 
_reflns.observed_criterion_sigma_I   ? 
_reflns.number_all                   ? 
_reflns.pdbx_Rsym_value              ? 
_reflns.B_iso_Wilson_estimate        ? 
_reflns.R_free_details               ? 
_reflns.limit_h_max                  ? 
_reflns.limit_h_min                  ? 
_reflns.limit_k_max                  ? 
_reflns.limit_k_min                  ? 
_reflns.limit_l_max                  ? 
_reflns.limit_l_min                  ? 
_reflns.observed_criterion_F_max     ? 
_reflns.observed_criterion_F_min     ? 
_reflns.pdbx_scaling_rejects         ? 
_reflns.pdbx_ordinal                 1 
_reflns.pdbx_diffrn_id               1 
# 
loop_
_reflns_shell.d_res_high 
_reflns_shell.d_res_low 
_reflns_shell.number_measured_obs 
_reflns_shell.number_measured_all 
_reflns_shell.number_unique_obs 
_reflns_shell.Rmerge_I_obs 
_reflns_shell.meanI_over_sigI_obs 
_reflns_shell.pdbx_Rsym_value 
_reflns_shell.pdbx_chi_squared 
_reflns_shell.pdbx_redundancy 
_reflns_shell.percent_possible_obs 
_reflns_shell.number_unique_all 
_reflns_shell.percent_possible_all 
_reflns_shell.pdbx_ordinal 
_reflns_shell.pdbx_diffrn_id 
2.00 2.07  ? ? ? 0.335 ? ? 0.711 5.60 ? 1465 95.50  1  1 
2.07 2.15  ? ? ? 0.237 ? ? 0.792 6.60 ? 1504 98.00  2  1 
2.15 2.25  ? ? ? 0.182 ? ? 0.953 7.00 ? 1554 99.70  3  1 
2.25 2.37  ? ? ? 0.138 ? ? 0.905 7.20 ? 1534 100.00 4  1 
2.37 2.52  ? ? ? 0.114 ? ? 1.101 7.30 ? 1559 100.00 5  1 
2.52 2.71  ? ? ? 0.092 ? ? 1.225 7.30 ? 1558 100.00 6  1 
2.71 2.99  ? ? ? 0.076 ? ? 1.525 7.20 ? 1571 100.00 7  1 
2.99 3.42  ? ? ? 0.066 ? ? 2.193 7.20 ? 1575 100.00 8  1 
3.42 4.31  ? ? ? 0.052 ? ? 2.670 7.00 ? 1589 100.00 9  1 
4.31 50.00 ? ? ? 0.040 ? ? 2.356 6.60 ? 1628 96.90  10 1 
# 
_refine.entry_id                                 2PQK 
_refine.ls_d_res_high                            2.000 
_refine.ls_d_res_low                             34.6 
_refine.pdbx_ls_sigma_F                          0.00 
_refine.ls_percent_reflns_obs                    98.460 
_refine.ls_number_reflns_obs                     15537 
_refine.pdbx_ls_cross_valid_method               THROUGHOUT 
_refine.pdbx_R_Free_selection_details            RANDOM 
_refine.details                                  'HYDROGENS HAVE BEEN ADDED IN THE RIDING POSITIONS' 
_refine.ls_R_factor_obs                          0.196 
_refine.ls_R_factor_R_work                       0.194 
_refine.ls_R_factor_R_free                       0.229 
_refine.ls_percent_reflns_R_free                 5.000 
_refine.ls_number_reflns_R_free                  776 
_refine.B_iso_mean                               36.035 
_refine.aniso_B[1][1]                            -0.620 
_refine.aniso_B[2][2]                            -0.860 
_refine.aniso_B[3][3]                            1.470 
_refine.aniso_B[1][2]                            0.000 
_refine.aniso_B[1][3]                            0.000 
_refine.aniso_B[2][3]                            0.000 
_refine.correlation_coeff_Fo_to_Fc               0.951 
_refine.correlation_coeff_Fo_to_Fc_free          0.933 
_refine.pdbx_overall_ESU_R                       0.162 
_refine.pdbx_overall_ESU_R_Free                  0.148 
_refine.overall_SU_ML                            0.092 
_refine.overall_SU_B                             5.721 
_refine.solvent_model_details                    MASK 
_refine.pdbx_solvent_vdw_probe_radii             1.200 
_refine.pdbx_solvent_ion_probe_radii             0.800 
_refine.pdbx_solvent_shrinkage_radii             0.800 
_refine.pdbx_stereochemistry_target_values       'MAXIMUM LIKELIHOOD' 
_refine.pdbx_ls_sigma_I                          ? 
_refine.ls_number_reflns_all                     ? 
_refine.ls_R_factor_all                          ? 
_refine.ls_redundancy_reflns_obs                 ? 
_refine.pdbx_data_cutoff_high_absF               ? 
_refine.pdbx_data_cutoff_low_absF                ? 
_refine.ls_number_parameters                     ? 
_refine.ls_number_restraints                     ? 
_refine.ls_R_factor_R_free_error                 ? 
_refine.ls_R_factor_R_free_error_details         ? 
_refine.pdbx_method_to_determine_struct          SAD 
_refine.pdbx_starting_model                      ? 
_refine.pdbx_stereochem_target_val_spec_case     ? 
_refine.solvent_model_param_bsol                 ? 
_refine.solvent_model_param_ksol                 ? 
_refine.occupancy_max                            ? 
_refine.occupancy_min                            ? 
_refine.pdbx_isotropic_thermal_model             ? 
_refine.B_iso_min                                ? 
_refine.B_iso_max                                ? 
_refine.overall_SU_R_Cruickshank_DPI             ? 
_refine.overall_SU_R_free                        ? 
_refine.pdbx_data_cutoff_high_rms_absF           ? 
_refine.ls_wR_factor_R_free                      ? 
_refine.ls_wR_factor_R_work                      ? 
_refine.overall_FOM_free_R_set                   ? 
_refine.overall_FOM_work_R_set                   ? 
_refine.pdbx_refine_id                           'X-RAY DIFFRACTION' 
_refine.pdbx_TLS_residual_ADP_flag               'LIKELY RESIDUAL' 
_refine.pdbx_diffrn_id                           1 
_refine.pdbx_overall_phase_error                 ? 
_refine.pdbx_overall_SU_R_free_Cruickshank_DPI   ? 
_refine.pdbx_overall_SU_R_Blow_DPI               ? 
_refine.pdbx_overall_SU_R_free_Blow_DPI          ? 
# 
_refine_hist.pdbx_refine_id                   'X-RAY DIFFRACTION' 
_refine_hist.cycle_id                         LAST 
_refine_hist.pdbx_number_atoms_protein        1352 
_refine_hist.pdbx_number_atoms_nucleic_acid   0 
_refine_hist.pdbx_number_atoms_ligand         4 
_refine_hist.number_atoms_solvent             118 
_refine_hist.number_atoms_total               1474 
_refine_hist.d_res_high                       2.000 
_refine_hist.d_res_low                        34.6 
# 
loop_
_refine_ls_restr.type 
_refine_ls_restr.number 
_refine_ls_restr.dev_ideal 
_refine_ls_restr.dev_ideal_target 
_refine_ls_restr.weight 
_refine_ls_restr.pdbx_refine_id 
_refine_ls_restr.pdbx_restraint_function 
r_bond_refined_d             1382 0.012  0.022  ? 'X-RAY DIFFRACTION' ? 
r_angle_refined_deg          1863 1.091  1.934  ? 'X-RAY DIFFRACTION' ? 
r_dihedral_angle_1_deg       167  4.320  5.000  ? 'X-RAY DIFFRACTION' ? 
r_dihedral_angle_2_deg       70   33.179 23.143 ? 'X-RAY DIFFRACTION' ? 
r_dihedral_angle_3_deg       246  14.437 15.000 ? 'X-RAY DIFFRACTION' ? 
r_dihedral_angle_4_deg       14   16.967 15.000 ? 'X-RAY DIFFRACTION' ? 
r_chiral_restr               206  0.081  0.200  ? 'X-RAY DIFFRACTION' ? 
r_gen_planes_refined         1042 0.005  0.020  ? 'X-RAY DIFFRACTION' ? 
r_nbd_refined                698  0.210  0.200  ? 'X-RAY DIFFRACTION' ? 
r_nbtor_refined              982  0.298  0.200  ? 'X-RAY DIFFRACTION' ? 
r_xyhbond_nbd_refined        110  0.175  0.200  ? 'X-RAY DIFFRACTION' ? 
r_metal_ion_refined          6    0.279  0.200  ? 'X-RAY DIFFRACTION' ? 
r_symmetry_vdw_refined       34   0.282  0.200  ? 'X-RAY DIFFRACTION' ? 
r_symmetry_hbond_refined     18   0.173  0.200  ? 'X-RAY DIFFRACTION' ? 
r_symmetry_metal_ion_refined 4    0.103  0.200  ? 'X-RAY DIFFRACTION' ? 
r_mcbond_it                  833  0.646  1.500  ? 'X-RAY DIFFRACTION' ? 
r_mcangle_it                 1337 1.211  2.000  ? 'X-RAY DIFFRACTION' ? 
r_scbond_it                  573  1.941  3.000  ? 'X-RAY DIFFRACTION' ? 
r_scangle_it                 526  3.117  4.500  ? 'X-RAY DIFFRACTION' ? 
# 
_refine_ls_shell.d_res_high                       1.995 
_refine_ls_shell.d_res_low                        2.047 
_refine_ls_shell.pdbx_total_number_of_bins_used   20 
_refine_ls_shell.percent_reflns_obs               87.970 
_refine_ls_shell.number_reflns_R_work             964 
_refine_ls_shell.R_factor_all                     ? 
_refine_ls_shell.R_factor_R_work                  0.204 
_refine_ls_shell.R_factor_R_free                  0.198 
_refine_ls_shell.percent_reflns_R_free            ? 
_refine_ls_shell.number_reflns_R_free             38 
_refine_ls_shell.R_factor_R_free_error            ? 
_refine_ls_shell.number_reflns_all                ? 
_refine_ls_shell.number_reflns_obs                1002 
_refine_ls_shell.redundancy_reflns_obs            ? 
_refine_ls_shell.pdbx_refine_id                   'X-RAY DIFFRACTION' 
# 
_struct.entry_id                  2PQK 
_struct.title                     'X-ray crystal structure of human Mcl-1 in complex with Bim BH3' 
_struct.pdbx_model_details        ? 
_struct.pdbx_CASP_flag            ? 
_struct.pdbx_model_type_details   ? 
# 
_struct_keywords.entry_id        2PQK 
_struct_keywords.pdbx_keywords   APOPTOSIS 
_struct_keywords.text            'Bcl-2 family, BH3 domain, APOPTOSIS' 
# 
loop_
_struct_asym.id 
_struct_asym.pdbx_blank_PDB_chainid_flag 
_struct_asym.pdbx_modified 
_struct_asym.entity_id 
_struct_asym.details 
A N N 1 ? 
B N N 2 ? 
C N N 3 ? 
D N N 3 ? 
E N N 4 ? 
F N N 3 ? 
G N N 5 ? 
H N N 5 ? 
# 
loop_
_struct_ref.id 
_struct_ref.db_name 
_struct_ref.db_code 
_struct_ref.pdbx_db_accession 
_struct_ref.entity_id 
_struct_ref.pdbx_seq_one_letter_code 
_struct_ref.pdbx_align_begin 
_struct_ref.pdbx_db_isoform 
1 UNP MCL1_HUMAN Q07820 1 
;DELYRQSLEIISRYLREQATGAKDTKPMGRSGATSRKALETLRRVGDGVQRNHETAFQGMLRKLDIKNEDDVKSLSRVMI
HVFSDGVTNWGRIVTLISFGAFVAKHLKTINQESCIEPLAESITDVLVRTKRDWLVKQRGWDGFVEFFHVEDLEGG
;
172 ? 
2 PDB 2PQK       2PQK   2 ? ?   ? 
# 
loop_
_struct_ref_seq.align_id 
_struct_ref_seq.ref_id 
_struct_ref_seq.pdbx_PDB_id_code 
_struct_ref_seq.pdbx_strand_id 
_struct_ref_seq.seq_align_beg 
_struct_ref_seq.pdbx_seq_align_beg_ins_code 
_struct_ref_seq.seq_align_end 
_struct_ref_seq.pdbx_seq_align_end_ins_code 
_struct_ref_seq.pdbx_db_accession 
_struct_ref_seq.db_align_beg 
_struct_ref_seq.pdbx_db_align_beg_ins_code 
_struct_ref_seq.db_align_end 
_struct_ref_seq.pdbx_db_align_end_ins_code 
_struct_ref_seq.pdbx_auth_seq_align_beg 
_struct_ref_seq.pdbx_auth_seq_align_end 
1 1 2PQK A 3 ? 158 ? Q07820 172 ? 327 ? 172 327 
2 2 2PQK B 1 ? 29  ? 2PQK   -3  ? 25  ? -3  25  
# 
loop_
_struct_ref_seq_dif.align_id 
_struct_ref_seq_dif.pdbx_pdb_id_code 
_struct_ref_seq_dif.mon_id 
_struct_ref_seq_dif.pdbx_pdb_strand_id 
_struct_ref_seq_dif.seq_num 
_struct_ref_seq_dif.pdbx_pdb_ins_code 
_struct_ref_seq_dif.pdbx_seq_db_name 
_struct_ref_seq_dif.pdbx_seq_db_accession_code 
_struct_ref_seq_dif.db_mon_id 
_struct_ref_seq_dif.pdbx_seq_db_seq_num 
_struct_ref_seq_dif.details 
_struct_ref_seq_dif.pdbx_auth_seq_num 
_struct_ref_seq_dif.pdbx_ordinal 
1 2PQK GLY A 1 ? UNP Q07820 ? ? 'cloning artifact' 170 1 
1 2PQK SER A 2 ? UNP Q07820 ? ? 'cloning artifact' 171 2 
# 
loop_
_pdbx_struct_assembly.id 
_pdbx_struct_assembly.details 
_pdbx_struct_assembly.method_details 
_pdbx_struct_assembly.oligomeric_details 
_pdbx_struct_assembly.oligomeric_count 
1 author_and_software_defined_assembly PISA dimeric    2 
2 software_defined_assembly            PISA octameric  8 
3 software_defined_assembly            PISA octameric  8 
4 software_defined_assembly            PISA tetrameric 4 
5 software_defined_assembly            PISA tetrameric 4 
6 software_defined_assembly            PISA dimeric    2 
# 
loop_
_pdbx_struct_assembly_prop.biol_id 
_pdbx_struct_assembly_prop.type 
_pdbx_struct_assembly_prop.value 
_pdbx_struct_assembly_prop.details 
1 'ABSA (A^2)' 2310  ? 
1 MORE         -79   ? 
1 'SSA (A^2)'  8620  ? 
2 'ABSA (A^2)' 13510 ? 
2 MORE         -434  ? 
2 'SSA (A^2)'  30180 ? 
3 'ABSA (A^2)' 7650  ? 
3 MORE         -455  ? 
3 'SSA (A^2)'  36040 ? 
4 'ABSA (A^2)' 6010  ? 
4 MORE         -206  ? 
4 'SSA (A^2)'  15830 ? 
5 'ABSA (A^2)' 3080  ? 
5 MORE         -216  ? 
5 'SSA (A^2)'  18760 ? 
6 'ABSA (A^2)' 960   ? 
6 MORE         -91   ? 
6 'SSA (A^2)'  9960  ? 
# 
loop_
_pdbx_struct_assembly_gen.assembly_id 
_pdbx_struct_assembly_gen.oper_expression 
_pdbx_struct_assembly_gen.asym_id_list 
1 1       A,B,C,D,E,F,G,H 
2 1,2,3,4 A,B,C,D,E,F,G,H 
3 1,2,3,4 A,C,D,E,G       
3 5,6,7,8 B,F,H           
4 1,2     A,B,C,D,E,F,G,H 
5 1,2     A,C,D,E,G       
5 7,8     B,F,H           
6 1       A,C,D,E,G       
6 8       B,F,H           
# 
loop_
_pdbx_struct_oper_list.id 
_pdbx_struct_oper_list.type 
_pdbx_struct_oper_list.name 
_pdbx_struct_oper_list.symmetry_operation 
_pdbx_struct_oper_list.matrix[1][1] 
_pdbx_struct_oper_list.matrix[1][2] 
_pdbx_struct_oper_list.matrix[1][3] 
_pdbx_struct_oper_list.vector[1] 
_pdbx_struct_oper_list.matrix[2][1] 
_pdbx_struct_oper_list.matrix[2][2] 
_pdbx_struct_oper_list.matrix[2][3] 
_pdbx_struct_oper_list.vector[2] 
_pdbx_struct_oper_list.matrix[3][1] 
_pdbx_struct_oper_list.matrix[3][2] 
_pdbx_struct_oper_list.matrix[3][3] 
_pdbx_struct_oper_list.vector[3] 
1 'identity operation'         1_555 x,y,z               1.0000000000  0.0000000000  0.0000000000  0.0000000000   0.0000000000  1.0000000000  0.0000000000  0.0000000000   0.0000000000  0.0000000000  1.0000000000  0.0000000000   
2 'crystal symmetry operation' 2_565 -x,-y+1,z           -0.9834594044 -0.0973878519 0.1527193710  -6.2400565091  -0.0973878519 -0.4265990229 -0.8991823397 -26.2804159942 0.1527193710  -0.8991823397 0.4100584272  -16.0829565626 
3 'crystal symmetry operation' 3_556 -x,y,-z+1           -0.6009834106 0.6927915421  0.3985709715  10.4002255431  0.6927915421  0.2028575593  0.6920178392  -20.9228115835 0.3985709715  0.6920178392  -0.6018741487 25.9559403907  
4 'crystal symmetry operation' 4_566 x,-y+1,-z+1         0.5844428150  -0.5954036902 -0.5512903425 -10.4666535602 -0.5954036902 -0.7762585365 0.2071645005  -41.7067438508 -0.5512903425 0.2071645005  -0.8081842785 14.9622341068  
5 'crystal symmetry operation' 5_455 x-1/2,y+1/2,z+1/2   1.0000000000  0.0000000000  0.0000000000  12.9521546830  0.0000000000  1.0000000000  0.0000000000  -68.3670009292 0.0000000000  0.0000000000  1.0000000000  25.3529968746  
6 'crystal symmetry operation' 6_555 -x+1/2,-y+1/2,z+1/2 -0.9834594044 -0.0973878519 0.1527193710  -8.4479657395  -0.0973878519 -0.4265990229 -0.8991823397 -21.1734697700 0.1527193710  -0.8991823397 0.4100584272  57.7656982294  
7 'crystal symmetry operation' 7_555 -x+1/2,y+1/2,-z+1/2 -0.6009834106 0.6927915421  0.3985709715  -34.6429159635 0.6927915421  0.2028575593  0.6920178392  -8.2737052008  0.3985709715  0.6920178392  -0.6018741487 -31.4522044011 
8 'crystal symmetry operation' 8_455 x-1/2,-y+1/2,-z+1/2 0.5844428150  -0.5954036902 -0.5512903425 23.8322424939  -0.5954036902 -0.7762585365 0.2071645005  8.9042044715   -0.5512903425 0.2071645005  -0.8081842785 -26.8312727680  
# 
_struct_biol.id   1 
# 
loop_
_struct_conf.conf_type_id 
_struct_conf.id 
_struct_conf.pdbx_PDB_helix_id 
_struct_conf.beg_label_comp_id 
_struct_conf.beg_label_asym_id 
_struct_conf.beg_label_seq_id 
_struct_conf.pdbx_beg_PDB_ins_code 
_struct_conf.end_label_comp_id 
_struct_conf.end_label_asym_id 
_struct_conf.end_label_seq_id 
_struct_conf.pdbx_end_PDB_ins_code 
_struct_conf.beg_auth_comp_id 
_struct_conf.beg_auth_asym_id 
_struct_conf.beg_auth_seq_id 
_struct_conf.end_auth_comp_id 
_struct_conf.end_auth_asym_id 
_struct_conf.end_auth_seq_id 
_struct_conf.pdbx_PDB_helix_class 
_struct_conf.details 
_struct_conf.pdbx_PDB_helix_length 
HELX_P HELX_P1  1  ASP A 3   ? GLY A 23  ? ASP A 172 GLY A 192 1 ? 21 
HELX_P HELX_P2  2  GLY A 34  ? ARG A 53  ? GLY A 203 ARG A 222 1 ? 20 
HELX_P HELX_P3  3  HIS A 55  ? ASP A 67  ? HIS A 224 ASP A 236 1 ? 13 
HELX_P HELX_P4  4  VAL A 74  ? PHE A 85  ? VAL A 243 PHE A 254 1 ? 12 
HELX_P HELX_P5  5  SER A 86  ? GLY A 88  ? SER A 255 GLY A 257 5 ? 3  
HELX_P HELX_P6  6  ASN A 91  ? ASN A 113 ? ASN A 260 ASN A 282 1 ? 23 
HELX_P HELX_P7  7  ILE A 118 ? LYS A 133 ? ILE A 287 LYS A 302 1 ? 16 
HELX_P HELX_P8  8  LYS A 133 ? GLN A 140 ? LYS A 302 GLN A 309 1 ? 8  
HELX_P HELX_P9  9  GLY A 142 ? PHE A 150 ? GLY A 311 PHE A 319 1 ? 9  
HELX_P HELX_P10 10 ARG B 5   ? ALA B 26  ? ARG B 1   ALA B 22  1 ? 22 
# 
_struct_conf_type.id          HELX_P 
_struct_conf_type.criteria    ? 
_struct_conf_type.reference   ? 
# 
loop_
_struct_conn.id 
_struct_conn.conn_type_id 
_struct_conn.pdbx_leaving_atom_flag 
_struct_conn.pdbx_PDB_id 
_struct_conn.ptnr1_label_asym_id 
_struct_conn.ptnr1_label_comp_id 
_struct_conn.ptnr1_label_seq_id 
_struct_conn.ptnr1_label_atom_id 
_struct_conn.pdbx_ptnr1_label_alt_id 
_struct_conn.pdbx_ptnr1_PDB_ins_code 
_struct_conn.pdbx_ptnr1_standard_comp_id 
_struct_conn.ptnr1_symmetry 
_struct_conn.ptnr2_label_asym_id 
_struct_conn.ptnr2_label_comp_id 
_struct_conn.ptnr2_label_seq_id 
_struct_conn.ptnr2_label_atom_id 
_struct_conn.pdbx_ptnr2_label_alt_id 
_struct_conn.pdbx_ptnr2_PDB_ins_code 
_struct_conn.ptnr1_auth_asym_id 
_struct_conn.ptnr1_auth_comp_id 
_struct_conn.ptnr1_auth_seq_id 
_struct_conn.ptnr2_auth_asym_id 
_struct_conn.ptnr2_auth_comp_id 
_struct_conn.ptnr2_auth_seq_id 
_struct_conn.ptnr2_symmetry 
_struct_conn.pdbx_ptnr3_label_atom_id 
_struct_conn.pdbx_ptnr3_label_seq_id 
_struct_conn.pdbx_ptnr3_label_comp_id 
_struct_conn.pdbx_ptnr3_label_asym_id 
_struct_conn.pdbx_ptnr3_label_alt_id 
_struct_conn.pdbx_ptnr3_PDB_ins_code 
_struct_conn.details 
_struct_conn.pdbx_dist_value 
_struct_conn.pdbx_value_order 
_struct_conn.pdbx_role 
disulf1  disulf ? ? A CYS 117 SG  ? ? ? 1_555 A CYS 117 SG  ? ? A CYS 286 A CYS 286 3_556 ? ? ? ? ? ? ? 2.419 ? ? 
metalc1  metalc ? ? G HOH .   O   ? ? ? 1_555 C ZN  .   ZN  ? ? A HOH 53  A ZN  401 1_555 ? ? ? ? ? ? ? 2.226 ? ? 
metalc2  metalc ? ? G HOH .   O   ? ? ? 1_555 C ZN  .   ZN  ? ? A HOH 93  A ZN  401 1_555 ? ? ? ? ? ? ? 1.881 ? ? 
metalc3  metalc ? ? A HIS 55  NE2 ? ? ? 8_455 D ZN  .   ZN  ? ? A HIS 224 A ZN  402 1_555 ? ? ? ? ? ? ? 1.929 ? ? 
metalc4  metalc ? ? A GLU 71  OE2 ? ? ? 1_555 E NA  .   NA  ? ? A GLU 240 A NA  404 1_555 ? ? ? ? ? ? ? 2.813 ? ? 
metalc5  metalc ? ? A ASP 72  OD1 ? ? ? 1_555 E NA  .   NA  ? ? A ASP 241 A NA  404 1_555 ? ? ? ? ? ? ? 2.276 ? ? 
metalc6  metalc ? ? A ASP 72  OD2 ? ? ? 1_555 E NA  .   NA  ? ? A ASP 241 A NA  404 1_555 ? ? ? ? ? ? ? 2.372 ? ? 
metalc7  metalc ? ? A HIS 83  NE2 ? ? ? 2_565 C ZN  .   ZN  ? ? A HIS 252 A ZN  401 1_555 ? ? ? ? ? ? ? 1.905 ? ? 
metalc8  metalc ? ? A GLU 123 OE2 ? ? ? 3_556 E NA  .   NA  ? ? A GLU 292 A NA  404 1_555 ? ? ? ? ? ? ? 2.385 ? ? 
metalc9  metalc ? ? A ASP 135 OD1 ? ? ? 1_555 C ZN  .   ZN  ? ? A ASP 304 A ZN  401 1_555 ? ? ? ? ? ? ? 2.001 ? ? 
metalc10 metalc ? ? A ASP 144 OD1 ? ? ? 1_555 D ZN  .   ZN  ? ? A ASP 313 A ZN  402 1_555 ? ? ? ? ? ? ? 2.025 ? ? 
metalc11 metalc ? ? A GLU 148 OE2 ? ? ? 1_555 D ZN  .   ZN  ? ? A GLU 317 A ZN  402 1_555 ? ? ? ? ? ? ? 1.800 ? ? 
metalc12 metalc ? ? A HIS 151 NE2 ? ? ? 8_555 F ZN  .   ZN  ? ? A HIS 320 B ZN  403 1_555 ? ? ? ? ? ? ? 2.046 ? ? 
metalc13 metalc ? ? D ZN  .   ZN  ? ? ? 1_555 B GLU 20  OE1 ? ? A ZN  402 B GLU 16  8_455 ? ? ? ? ? ? ? 2.412 ? ? 
metalc14 metalc ? ? D ZN  .   ZN  ? ? ? 1_555 B GLU 20  OE2 ? ? A ZN  402 B GLU 16  8_455 ? ? ? ? ? ? ? 2.042 ? ? 
metalc15 metalc ? ? B GLU 13  OE1 ? ? ? 1_555 F ZN  .   ZN  ? ? B GLU 9   B ZN  403 1_555 ? ? ? ? ? ? ? 2.110 ? ? 
metalc16 metalc ? ? F ZN  .   ZN  ? ? ? 1_555 H HOH .   O   ? ? B ZN  403 B HOH 416 1_555 ? ? ? ? ? ? ? 2.338 ? ? 
metalc17 metalc ? ? F ZN  .   ZN  ? ? ? 1_555 H HOH .   O   ? ? B ZN  403 B HOH 421 1_555 ? ? ? ? ? ? ? 1.404 ? ? 
# 
loop_
_struct_conn_type.id 
_struct_conn_type.criteria 
_struct_conn_type.reference 
disulf ? ? 
metalc ? ? 
# 
loop_
_pdbx_struct_conn_angle.id 
_pdbx_struct_conn_angle.ptnr1_label_atom_id 
_pdbx_struct_conn_angle.ptnr1_label_alt_id 
_pdbx_struct_conn_angle.ptnr1_label_asym_id 
_pdbx_struct_conn_angle.ptnr1_label_comp_id 
_pdbx_struct_conn_angle.ptnr1_label_seq_id 
_pdbx_struct_conn_angle.ptnr1_auth_atom_id 
_pdbx_struct_conn_angle.ptnr1_auth_asym_id 
_pdbx_struct_conn_angle.ptnr1_auth_comp_id 
_pdbx_struct_conn_angle.ptnr1_auth_seq_id 
_pdbx_struct_conn_angle.ptnr1_PDB_ins_code 
_pdbx_struct_conn_angle.ptnr1_symmetry 
_pdbx_struct_conn_angle.ptnr2_label_atom_id 
_pdbx_struct_conn_angle.ptnr2_label_alt_id 
_pdbx_struct_conn_angle.ptnr2_label_asym_id 
_pdbx_struct_conn_angle.ptnr2_label_comp_id 
_pdbx_struct_conn_angle.ptnr2_label_seq_id 
_pdbx_struct_conn_angle.ptnr2_auth_atom_id 
_pdbx_struct_conn_angle.ptnr2_auth_asym_id 
_pdbx_struct_conn_angle.ptnr2_auth_comp_id 
_pdbx_struct_conn_angle.ptnr2_auth_seq_id 
_pdbx_struct_conn_angle.ptnr2_PDB_ins_code 
_pdbx_struct_conn_angle.ptnr2_symmetry 
_pdbx_struct_conn_angle.ptnr3_label_atom_id 
_pdbx_struct_conn_angle.ptnr3_label_alt_id 
_pdbx_struct_conn_angle.ptnr3_label_asym_id 
_pdbx_struct_conn_angle.ptnr3_label_comp_id 
_pdbx_struct_conn_angle.ptnr3_label_seq_id 
_pdbx_struct_conn_angle.ptnr3_auth_atom_id 
_pdbx_struct_conn_angle.ptnr3_auth_asym_id 
_pdbx_struct_conn_angle.ptnr3_auth_comp_id 
_pdbx_struct_conn_angle.ptnr3_auth_seq_id 
_pdbx_struct_conn_angle.ptnr3_PDB_ins_code 
_pdbx_struct_conn_angle.ptnr3_symmetry 
_pdbx_struct_conn_angle.value 
_pdbx_struct_conn_angle.value_esd 
1  O   ? G HOH .   ? A HOH 53  ? 1_555 ZN ? C ZN . ? A ZN 401 ? 1_555 O   ? G HOH .   ? A HOH 93  ? 1_555 142.2 ? 
2  O   ? G HOH .   ? A HOH 53  ? 1_555 ZN ? C ZN . ? A ZN 401 ? 1_555 NE2 ? A HIS 83  ? A HIS 252 ? 2_565 110.1 ? 
3  O   ? G HOH .   ? A HOH 93  ? 1_555 ZN ? C ZN . ? A ZN 401 ? 1_555 NE2 ? A HIS 83  ? A HIS 252 ? 2_565 84.0  ? 
4  O   ? G HOH .   ? A HOH 53  ? 1_555 ZN ? C ZN . ? A ZN 401 ? 1_555 OD1 ? A ASP 135 ? A ASP 304 ? 1_555 108.0 ? 
5  O   ? G HOH .   ? A HOH 93  ? 1_555 ZN ? C ZN . ? A ZN 401 ? 1_555 OD1 ? A ASP 135 ? A ASP 304 ? 1_555 94.5  ? 
6  NE2 ? A HIS 83  ? A HIS 252 ? 2_565 ZN ? C ZN . ? A ZN 401 ? 1_555 OD1 ? A ASP 135 ? A ASP 304 ? 1_555 117.4 ? 
7  NE2 ? A HIS 55  ? A HIS 224 ? 8_455 ZN ? D ZN . ? A ZN 402 ? 1_555 OD1 ? A ASP 144 ? A ASP 313 ? 1_555 132.9 ? 
8  NE2 ? A HIS 55  ? A HIS 224 ? 8_455 ZN ? D ZN . ? A ZN 402 ? 1_555 OE2 ? A GLU 148 ? A GLU 317 ? 1_555 94.7  ? 
9  OD1 ? A ASP 144 ? A ASP 313 ? 1_555 ZN ? D ZN . ? A ZN 402 ? 1_555 OE2 ? A GLU 148 ? A GLU 317 ? 1_555 111.9 ? 
10 NE2 ? A HIS 55  ? A HIS 224 ? 8_455 ZN ? D ZN . ? A ZN 402 ? 1_555 OE1 ? B GLU 20  ? B GLU 16  ? 8_455 91.7  ? 
11 OD1 ? A ASP 144 ? A ASP 313 ? 1_555 ZN ? D ZN . ? A ZN 402 ? 1_555 OE1 ? B GLU 20  ? B GLU 16  ? 8_455 81.2  ? 
12 OE2 ? A GLU 148 ? A GLU 317 ? 1_555 ZN ? D ZN . ? A ZN 402 ? 1_555 OE1 ? B GLU 20  ? B GLU 16  ? 8_455 153.8 ? 
13 NE2 ? A HIS 55  ? A HIS 224 ? 8_455 ZN ? D ZN . ? A ZN 402 ? 1_555 OE2 ? B GLU 20  ? B GLU 16  ? 8_455 118.8 ? 
14 OD1 ? A ASP 144 ? A ASP 313 ? 1_555 ZN ? D ZN . ? A ZN 402 ? 1_555 OE2 ? B GLU 20  ? B GLU 16  ? 8_455 97.1  ? 
15 OE2 ? A GLU 148 ? A GLU 317 ? 1_555 ZN ? D ZN . ? A ZN 402 ? 1_555 OE2 ? B GLU 20  ? B GLU 16  ? 8_455 95.9  ? 
16 OE1 ? B GLU 20  ? B GLU 16  ? 8_455 ZN ? D ZN . ? A ZN 402 ? 1_555 OE2 ? B GLU 20  ? B GLU 16  ? 8_455 59.0  ? 
17 OE2 ? A GLU 71  ? A GLU 240 ? 1_555 NA ? E NA . ? A NA 404 ? 1_555 OD1 ? A ASP 72  ? A ASP 241 ? 1_555 100.8 ? 
18 OE2 ? A GLU 71  ? A GLU 240 ? 1_555 NA ? E NA . ? A NA 404 ? 1_555 OD2 ? A ASP 72  ? A ASP 241 ? 1_555 106.5 ? 
19 OD1 ? A ASP 72  ? A ASP 241 ? 1_555 NA ? E NA . ? A NA 404 ? 1_555 OD2 ? A ASP 72  ? A ASP 241 ? 1_555 56.4  ? 
20 OE2 ? A GLU 71  ? A GLU 240 ? 1_555 NA ? E NA . ? A NA 404 ? 1_555 OE2 ? A GLU 123 ? A GLU 292 ? 3_556 120.4 ? 
21 OD1 ? A ASP 72  ? A ASP 241 ? 1_555 NA ? E NA . ? A NA 404 ? 1_555 OE2 ? A GLU 123 ? A GLU 292 ? 3_556 133.9 ? 
22 OD2 ? A ASP 72  ? A ASP 241 ? 1_555 NA ? E NA . ? A NA 404 ? 1_555 OE2 ? A GLU 123 ? A GLU 292 ? 3_556 90.4  ? 
23 NE2 ? A HIS 151 ? A HIS 320 ? 8_555 ZN ? F ZN . ? B ZN 403 ? 1_555 OE1 ? B GLU 13  ? B GLU 9   ? 1_555 135.8 ? 
24 NE2 ? A HIS 151 ? A HIS 320 ? 8_555 ZN ? F ZN . ? B ZN 403 ? 1_555 O   ? H HOH .   ? B HOH 416 ? 1_555 98.7  ? 
25 OE1 ? B GLU 13  ? B GLU 9   ? 1_555 ZN ? F ZN . ? B ZN 403 ? 1_555 O   ? H HOH .   ? B HOH 416 ? 1_555 109.8 ? 
26 NE2 ? A HIS 151 ? A HIS 320 ? 8_555 ZN ? F ZN . ? B ZN 403 ? 1_555 O   ? H HOH .   ? B HOH 421 ? 1_555 85.9  ? 
27 OE1 ? B GLU 13  ? B GLU 9   ? 1_555 ZN ? F ZN . ? B ZN 403 ? 1_555 O   ? H HOH .   ? B HOH 421 ? 1_555 103.0 ? 
28 O   ? H HOH .   ? B HOH 416 ? 1_555 ZN ? F ZN . ? B ZN 403 ? 1_555 O   ? H HOH .   ? B HOH 421 ? 1_555 125.3 ? 
# 
_pdbx_modification_feature.ordinal                            1 
_pdbx_modification_feature.label_comp_id                      CYS 
_pdbx_modification_feature.label_asym_id                      A 
_pdbx_modification_feature.label_seq_id                       117 
_pdbx_modification_feature.label_alt_id                       ? 
_pdbx_modification_feature.modified_residue_label_comp_id     CYS 
_pdbx_modification_feature.modified_residue_label_asym_id     A 
_pdbx_modification_feature.modified_residue_label_seq_id      117 
_pdbx_modification_feature.modified_residue_label_alt_id      ? 
_pdbx_modification_feature.auth_comp_id                       CYS 
_pdbx_modification_feature.auth_asym_id                       A 
_pdbx_modification_feature.auth_seq_id                        286 
_pdbx_modification_feature.PDB_ins_code                       ? 
_pdbx_modification_feature.symmetry                           1_555 
_pdbx_modification_feature.modified_residue_auth_comp_id      CYS 
_pdbx_modification_feature.modified_residue_auth_asym_id      A 
_pdbx_modification_feature.modified_residue_auth_seq_id       286 
_pdbx_modification_feature.modified_residue_PDB_ins_code      ? 
_pdbx_modification_feature.modified_residue_symmetry          3_556 
_pdbx_modification_feature.comp_id_linking_atom               SG 
_pdbx_modification_feature.modified_residue_id_linking_atom   SG 
_pdbx_modification_feature.modified_residue_id                . 
_pdbx_modification_feature.ref_pcm_id                         . 
_pdbx_modification_feature.ref_comp_id                        . 
_pdbx_modification_feature.type                               None 
_pdbx_modification_feature.category                           'Disulfide bridge' 
# 
_struct_mon_prot_cis.pdbx_id                1 
_struct_mon_prot_cis.label_comp_id          GLY 
_struct_mon_prot_cis.label_seq_id           4 
_struct_mon_prot_cis.label_asym_id          B 
_struct_mon_prot_cis.label_alt_id           . 
_struct_mon_prot_cis.pdbx_PDB_ins_code      ? 
_struct_mon_prot_cis.auth_comp_id           GLY 
_struct_mon_prot_cis.auth_seq_id            0 
_struct_mon_prot_cis.auth_asym_id           B 
_struct_mon_prot_cis.pdbx_label_comp_id_2   ARG 
_struct_mon_prot_cis.pdbx_label_seq_id_2    5 
_struct_mon_prot_cis.pdbx_label_asym_id_2   B 
_struct_mon_prot_cis.pdbx_PDB_ins_code_2    ? 
_struct_mon_prot_cis.pdbx_auth_comp_id_2    ARG 
_struct_mon_prot_cis.pdbx_auth_seq_id_2     1 
_struct_mon_prot_cis.pdbx_auth_asym_id_2    B 
_struct_mon_prot_cis.pdbx_PDB_model_num     1 
_struct_mon_prot_cis.pdbx_omega_angle       3.40 
# 
loop_
_struct_site.id 
_struct_site.pdbx_evidence_code 
_struct_site.pdbx_auth_asym_id 
_struct_site.pdbx_auth_comp_id 
_struct_site.pdbx_auth_seq_id 
_struct_site.pdbx_auth_ins_code 
_struct_site.pdbx_num_residues 
_struct_site.details 
AC1 Software A ZN 401 ? 4 'BINDING SITE FOR RESIDUE ZN A 401' 
AC2 Software A ZN 402 ? 4 'BINDING SITE FOR RESIDUE ZN A 402' 
AC3 Software B ZN 403 ? 4 'BINDING SITE FOR RESIDUE ZN B 403' 
AC4 Software A NA 404 ? 3 'BINDING SITE FOR RESIDUE NA A 404' 
# 
loop_
_struct_site_gen.id 
_struct_site_gen.site_id 
_struct_site_gen.pdbx_num_res 
_struct_site_gen.label_comp_id 
_struct_site_gen.label_asym_id 
_struct_site_gen.label_seq_id 
_struct_site_gen.pdbx_auth_ins_code 
_struct_site_gen.auth_comp_id 
_struct_site_gen.auth_asym_id 
_struct_site_gen.auth_seq_id 
_struct_site_gen.label_atom_id 
_struct_site_gen.label_alt_id 
_struct_site_gen.symmetry 
_struct_site_gen.details 
1  AC1 4 HOH G .   ? HOH A 53  . ? 1_555 ? 
2  AC1 4 HOH G .   ? HOH A 93  . ? 1_555 ? 
3  AC1 4 HIS A 83  ? HIS A 252 . ? 2_565 ? 
4  AC1 4 ASP A 135 ? ASP A 304 . ? 1_555 ? 
5  AC2 4 HIS A 55  ? HIS A 224 . ? 8_455 ? 
6  AC2 4 ASP A 144 ? ASP A 313 . ? 1_555 ? 
7  AC2 4 GLU A 148 ? GLU A 317 . ? 1_555 ? 
8  AC2 4 GLU B 20  ? GLU B 16  . ? 8_455 ? 
9  AC3 4 HIS A 151 ? HIS A 320 . ? 8_555 ? 
10 AC3 4 GLU B 13  ? GLU B 9   . ? 1_555 ? 
11 AC3 4 HOH H .   ? HOH B 416 . ? 1_555 ? 
12 AC3 4 HOH H .   ? HOH B 421 . ? 1_555 ? 
13 AC4 3 GLU A 71  ? GLU A 240 . ? 1_555 ? 
14 AC4 3 ASP A 72  ? ASP A 241 . ? 1_555 ? 
15 AC4 3 GLU A 123 ? GLU A 292 . ? 3_556 ? 
# 
_pdbx_entry_details.entry_id                   2PQK 
_pdbx_entry_details.compound_details           ? 
_pdbx_entry_details.source_details             ? 
_pdbx_entry_details.nonpolymer_details         ? 
_pdbx_entry_details.sequence_details           ? 
_pdbx_entry_details.has_ligand_of_interest     ? 
_pdbx_entry_details.has_protein_modification   Y 
# 
loop_
_pdbx_validate_close_contact.id 
_pdbx_validate_close_contact.PDB_model_num 
_pdbx_validate_close_contact.auth_atom_id_1 
_pdbx_validate_close_contact.auth_asym_id_1 
_pdbx_validate_close_contact.auth_comp_id_1 
_pdbx_validate_close_contact.auth_seq_id_1 
_pdbx_validate_close_contact.PDB_ins_code_1 
_pdbx_validate_close_contact.label_alt_id_1 
_pdbx_validate_close_contact.auth_atom_id_2 
_pdbx_validate_close_contact.auth_asym_id_2 
_pdbx_validate_close_contact.auth_comp_id_2 
_pdbx_validate_close_contact.auth_seq_id_2 
_pdbx_validate_close_contact.PDB_ins_code_2 
_pdbx_validate_close_contact.label_alt_id_2 
_pdbx_validate_close_contact.dist 
1 1 O   A HOH 105 ? ? O B HOH 413 ? ? 2.05 
2 1 OD2 A ASP 304 ? ? O A HOH 93  ? ? 2.14 
# 
_pdbx_validate_torsion.id              1 
_pdbx_validate_torsion.PDB_model_num   1 
_pdbx_validate_torsion.auth_comp_id    ASN 
_pdbx_validate_torsion.auth_asym_id    A 
_pdbx_validate_torsion.auth_seq_id     223 
_pdbx_validate_torsion.PDB_ins_code    ? 
_pdbx_validate_torsion.label_alt_id    ? 
_pdbx_validate_torsion.phi             79.89 
_pdbx_validate_torsion.psi             -24.64 
# 
loop_
_pdbx_struct_special_symmetry.id 
_pdbx_struct_special_symmetry.PDB_model_num 
_pdbx_struct_special_symmetry.auth_asym_id 
_pdbx_struct_special_symmetry.auth_comp_id 
_pdbx_struct_special_symmetry.auth_seq_id 
_pdbx_struct_special_symmetry.PDB_ins_code 
_pdbx_struct_special_symmetry.label_asym_id 
_pdbx_struct_special_symmetry.label_comp_id 
_pdbx_struct_special_symmetry.label_seq_id 
1 1 A HOH 1  ? G HOH . 
2 1 A HOH 62 ? G HOH . 
# 
_diffrn_reflns.diffrn_id                   1 
_diffrn_reflns.pdbx_d_res_high             2.030 
_diffrn_reflns.pdbx_d_res_low              50.000 
_diffrn_reflns.pdbx_number_obs             27631 
_diffrn_reflns.pdbx_Rmerge_I_obs           0.059 
_diffrn_reflns.pdbx_Rsym_value             ? 
_diffrn_reflns.pdbx_chi_squared            1.39 
_diffrn_reflns.av_sigmaI_over_netI         15.00 
_diffrn_reflns.pdbx_redundancy             7.20 
_diffrn_reflns.pdbx_percent_possible_obs   99.60 
_diffrn_reflns.number                      199904 
_diffrn_reflns.pdbx_observed_criterion     ? 
_diffrn_reflns.limit_h_max                 ? 
_diffrn_reflns.limit_h_min                 ? 
_diffrn_reflns.limit_k_max                 ? 
_diffrn_reflns.limit_k_min                 ? 
_diffrn_reflns.limit_l_max                 ? 
_diffrn_reflns.limit_l_min                 ? 
# 
loop_
_pdbx_diffrn_reflns_shell.diffrn_id 
_pdbx_diffrn_reflns_shell.d_res_high 
_pdbx_diffrn_reflns_shell.d_res_low 
_pdbx_diffrn_reflns_shell.number_obs 
_pdbx_diffrn_reflns_shell.rejects 
_pdbx_diffrn_reflns_shell.Rmerge_I_obs 
_pdbx_diffrn_reflns_shell.Rsym_value 
_pdbx_diffrn_reflns_shell.chi_squared 
_pdbx_diffrn_reflns_shell.redundancy 
_pdbx_diffrn_reflns_shell.percent_possible_obs 
1 4.37 50.00 ? ? 0.036 ? 1.579 7.20 98.10  
1 3.47 4.37  ? ? 0.047 ? 1.659 7.30 100.00 
1 3.03 3.47  ? ? 0.050 ? 1.675 7.50 100.00 
1 2.76 3.03  ? ? 0.061 ? 1.508 7.60 100.00 
1 2.56 2.76  ? ? 0.084 ? 1.390 7.60 100.00 
1 2.41 2.56  ? ? 0.101 ? 1.090 7.70 100.00 
1 2.29 2.41  ? ? 0.131 ? 1.013 7.60 100.00 
1 2.19 2.29  ? ? 0.248 ? 1.712 7.40 100.00 
1 2.10 2.19  ? ? 0.238 ? 0.959 7.10 99.80  
1 2.03 2.10  ? ? 0.367 ? 1.247 5.30 97.70  
# 
loop_
_pdbx_refine_tls.id 
_pdbx_refine_tls.details 
_pdbx_refine_tls.method 
_pdbx_refine_tls.origin_x 
_pdbx_refine_tls.origin_y 
_pdbx_refine_tls.origin_z 
_pdbx_refine_tls.T[1][1] 
_pdbx_refine_tls.T[2][2] 
_pdbx_refine_tls.T[3][3] 
_pdbx_refine_tls.T[1][2] 
_pdbx_refine_tls.T[1][3] 
_pdbx_refine_tls.T[2][3] 
_pdbx_refine_tls.L[1][1] 
_pdbx_refine_tls.L[2][2] 
_pdbx_refine_tls.L[3][3] 
_pdbx_refine_tls.L[1][2] 
_pdbx_refine_tls.L[1][3] 
_pdbx_refine_tls.L[2][3] 
_pdbx_refine_tls.S[1][1] 
_pdbx_refine_tls.S[2][2] 
_pdbx_refine_tls.S[3][3] 
_pdbx_refine_tls.S[1][2] 
_pdbx_refine_tls.S[1][3] 
_pdbx_refine_tls.S[2][3] 
_pdbx_refine_tls.S[2][1] 
_pdbx_refine_tls.S[3][1] 
_pdbx_refine_tls.S[3][2] 
_pdbx_refine_tls.pdbx_refine_id 
1 ? refined 1.8155   -0.2281 0.7193  -0.0114 -0.0625 -0.0548 -0.0222 -0.0072 -0.0083 2.5735 2.0720 1.9863 0.0115 -0.4845 0.0649  0.1395 -0.0615 -0.0781 -0.3404 0.1010 -0.1428 0.3993 -0.0596 0.1445  'X-RAY DIFFRACTION' 
2 ? refined -10.4097 2.3810  -5.6852 -0.0606 -0.0994 -0.0233 0.0319  0.0237  -0.0147 3.5951 6.7770 5.9165 0.3109 -2.2356 -3.7355 0.0466 -0.2268 0.1802  -0.1218 0.1019 0.3193  0.3320 -0.2184 -0.0565 'X-RAY DIFFRACTION' 
# 
loop_
_pdbx_refine_tls_group.id 
_pdbx_refine_tls_group.refine_tls_id 
_pdbx_refine_tls_group.beg_label_asym_id 
_pdbx_refine_tls_group.beg_label_seq_id 
_pdbx_refine_tls_group.end_label_asym_id 
_pdbx_refine_tls_group.end_label_seq_id 
_pdbx_refine_tls_group.selection 
_pdbx_refine_tls_group.beg_auth_asym_id 
_pdbx_refine_tls_group.beg_auth_seq_id 
_pdbx_refine_tls_group.end_auth_asym_id 
_pdbx_refine_tls_group.end_auth_seq_id 
_pdbx_refine_tls_group.pdbx_refine_id 
_pdbx_refine_tls_group.selection_details 
1 1 A 3 A 152 ALL A 172 A 321 'X-RAY DIFFRACTION' ? 
2 2 B 4 B 26  ALL B 0   B 22  'X-RAY DIFFRACTION' ? 
# 
loop_
_pdbx_unobs_or_zero_occ_residues.id 
_pdbx_unobs_or_zero_occ_residues.PDB_model_num 
_pdbx_unobs_or_zero_occ_residues.polymer_flag 
_pdbx_unobs_or_zero_occ_residues.occupancy_flag 
_pdbx_unobs_or_zero_occ_residues.auth_asym_id 
_pdbx_unobs_or_zero_occ_residues.auth_comp_id 
_pdbx_unobs_or_zero_occ_residues.auth_seq_id 
_pdbx_unobs_or_zero_occ_residues.PDB_ins_code 
_pdbx_unobs_or_zero_occ_residues.label_asym_id 
_pdbx_unobs_or_zero_occ_residues.label_comp_id 
_pdbx_unobs_or_zero_occ_residues.label_seq_id 
1  1 Y 1 A GLY 170 ? A GLY 1   
2  1 Y 1 A SER 171 ? A SER 2   
3  1 Y 1 A PRO 198 ? A PRO 29  
4  1 Y 1 A MET 199 ? A MET 30  
5  1 Y 1 A GLY 200 ? A GLY 31  
6  1 Y 1 A ARG 201 ? A ARG 32  
7  1 Y 1 A SER 202 ? A SER 33  
8  1 Y 1 A GLU 322 ? A GLU 153 
9  1 Y 1 A ASP 323 ? A ASP 154 
10 1 Y 1 A LEU 324 ? A LEU 155 
11 1 Y 1 A GLU 325 ? A GLU 156 
12 1 Y 1 A GLY 326 ? A GLY 157 
13 1 Y 1 A GLY 327 ? A GLY 158 
14 1 Y 1 B GLY -3  ? B GLY 1   
15 1 Y 1 B GLY -2  ? B GLY 2   
16 1 Y 1 B SER -1  ? B SER 3   
17 1 Y 1 B ARG 23  ? B ARG 27  
18 1 Y 1 B ARG 24  ? B ARG 28  
19 1 Y 1 B VAL 25  ? B VAL 29  
# 
loop_
_chem_comp_atom.comp_id 
_chem_comp_atom.atom_id 
_chem_comp_atom.type_symbol 
_chem_comp_atom.pdbx_aromatic_flag 
_chem_comp_atom.pdbx_stereo_config 
_chem_comp_atom.pdbx_ordinal 
ALA N    N  N N 1   
ALA CA   C  N S 2   
ALA C    C  N N 3   
ALA O    O  N N 4   
ALA CB   C  N N 5   
ALA OXT  O  N N 6   
ALA H    H  N N 7   
ALA H2   H  N N 8   
ALA HA   H  N N 9   
ALA HB1  H  N N 10  
ALA HB2  H  N N 11  
ALA HB3  H  N N 12  
ALA HXT  H  N N 13  
ARG N    N  N N 14  
ARG CA   C  N S 15  
ARG C    C  N N 16  
ARG O    O  N N 17  
ARG CB   C  N N 18  
ARG CG   C  N N 19  
ARG CD   C  N N 20  
ARG NE   N  N N 21  
ARG CZ   C  N N 22  
ARG NH1  N  N N 23  
ARG NH2  N  N N 24  
ARG OXT  O  N N 25  
ARG H    H  N N 26  
ARG H2   H  N N 27  
ARG HA   H  N N 28  
ARG HB2  H  N N 29  
ARG HB3  H  N N 30  
ARG HG2  H  N N 31  
ARG HG3  H  N N 32  
ARG HD2  H  N N 33  
ARG HD3  H  N N 34  
ARG HE   H  N N 35  
ARG HH11 H  N N 36  
ARG HH12 H  N N 37  
ARG HH21 H  N N 38  
ARG HH22 H  N N 39  
ARG HXT  H  N N 40  
ASN N    N  N N 41  
ASN CA   C  N S 42  
ASN C    C  N N 43  
ASN O    O  N N 44  
ASN CB   C  N N 45  
ASN CG   C  N N 46  
ASN OD1  O  N N 47  
ASN ND2  N  N N 48  
ASN OXT  O  N N 49  
ASN H    H  N N 50  
ASN H2   H  N N 51  
ASN HA   H  N N 52  
ASN HB2  H  N N 53  
ASN HB3  H  N N 54  
ASN HD21 H  N N 55  
ASN HD22 H  N N 56  
ASN HXT  H  N N 57  
ASP N    N  N N 58  
ASP CA   C  N S 59  
ASP C    C  N N 60  
ASP O    O  N N 61  
ASP CB   C  N N 62  
ASP CG   C  N N 63  
ASP OD1  O  N N 64  
ASP OD2  O  N N 65  
ASP OXT  O  N N 66  
ASP H    H  N N 67  
ASP H2   H  N N 68  
ASP HA   H  N N 69  
ASP HB2  H  N N 70  
ASP HB3  H  N N 71  
ASP HD2  H  N N 72  
ASP HXT  H  N N 73  
CYS N    N  N N 74  
CYS CA   C  N R 75  
CYS C    C  N N 76  
CYS O    O  N N 77  
CYS CB   C  N N 78  
CYS SG   S  N N 79  
CYS OXT  O  N N 80  
CYS H    H  N N 81  
CYS H2   H  N N 82  
CYS HA   H  N N 83  
CYS HB2  H  N N 84  
CYS HB3  H  N N 85  
CYS HG   H  N N 86  
CYS HXT  H  N N 87  
GLN N    N  N N 88  
GLN CA   C  N S 89  
GLN C    C  N N 90  
GLN O    O  N N 91  
GLN CB   C  N N 92  
GLN CG   C  N N 93  
GLN CD   C  N N 94  
GLN OE1  O  N N 95  
GLN NE2  N  N N 96  
GLN OXT  O  N N 97  
GLN H    H  N N 98  
GLN H2   H  N N 99  
GLN HA   H  N N 100 
GLN HB2  H  N N 101 
GLN HB3  H  N N 102 
GLN HG2  H  N N 103 
GLN HG3  H  N N 104 
GLN HE21 H  N N 105 
GLN HE22 H  N N 106 
GLN HXT  H  N N 107 
GLU N    N  N N 108 
GLU CA   C  N S 109 
GLU C    C  N N 110 
GLU O    O  N N 111 
GLU CB   C  N N 112 
GLU CG   C  N N 113 
GLU CD   C  N N 114 
GLU OE1  O  N N 115 
GLU OE2  O  N N 116 
GLU OXT  O  N N 117 
GLU H    H  N N 118 
GLU H2   H  N N 119 
GLU HA   H  N N 120 
GLU HB2  H  N N 121 
GLU HB3  H  N N 122 
GLU HG2  H  N N 123 
GLU HG3  H  N N 124 
GLU HE2  H  N N 125 
GLU HXT  H  N N 126 
GLY N    N  N N 127 
GLY CA   C  N N 128 
GLY C    C  N N 129 
GLY O    O  N N 130 
GLY OXT  O  N N 131 
GLY H    H  N N 132 
GLY H2   H  N N 133 
GLY HA2  H  N N 134 
GLY HA3  H  N N 135 
GLY HXT  H  N N 136 
HIS N    N  N N 137 
HIS CA   C  N S 138 
HIS C    C  N N 139 
HIS O    O  N N 140 
HIS CB   C  N N 141 
HIS CG   C  Y N 142 
HIS ND1  N  Y N 143 
HIS CD2  C  Y N 144 
HIS CE1  C  Y N 145 
HIS NE2  N  Y N 146 
HIS OXT  O  N N 147 
HIS H    H  N N 148 
HIS H2   H  N N 149 
HIS HA   H  N N 150 
HIS HB2  H  N N 151 
HIS HB3  H  N N 152 
HIS HD1  H  N N 153 
HIS HD2  H  N N 154 
HIS HE1  H  N N 155 
HIS HE2  H  N N 156 
HIS HXT  H  N N 157 
HOH O    O  N N 158 
HOH H1   H  N N 159 
HOH H2   H  N N 160 
ILE N    N  N N 161 
ILE CA   C  N S 162 
ILE C    C  N N 163 
ILE O    O  N N 164 
ILE CB   C  N S 165 
ILE CG1  C  N N 166 
ILE CG2  C  N N 167 
ILE CD1  C  N N 168 
ILE OXT  O  N N 169 
ILE H    H  N N 170 
ILE H2   H  N N 171 
ILE HA   H  N N 172 
ILE HB   H  N N 173 
ILE HG12 H  N N 174 
ILE HG13 H  N N 175 
ILE HG21 H  N N 176 
ILE HG22 H  N N 177 
ILE HG23 H  N N 178 
ILE HD11 H  N N 179 
ILE HD12 H  N N 180 
ILE HD13 H  N N 181 
ILE HXT  H  N N 182 
LEU N    N  N N 183 
LEU CA   C  N S 184 
LEU C    C  N N 185 
LEU O    O  N N 186 
LEU CB   C  N N 187 
LEU CG   C  N N 188 
LEU CD1  C  N N 189 
LEU CD2  C  N N 190 
LEU OXT  O  N N 191 
LEU H    H  N N 192 
LEU H2   H  N N 193 
LEU HA   H  N N 194 
LEU HB2  H  N N 195 
LEU HB3  H  N N 196 
LEU HG   H  N N 197 
LEU HD11 H  N N 198 
LEU HD12 H  N N 199 
LEU HD13 H  N N 200 
LEU HD21 H  N N 201 
LEU HD22 H  N N 202 
LEU HD23 H  N N 203 
LEU HXT  H  N N 204 
LYS N    N  N N 205 
LYS CA   C  N S 206 
LYS C    C  N N 207 
LYS O    O  N N 208 
LYS CB   C  N N 209 
LYS CG   C  N N 210 
LYS CD   C  N N 211 
LYS CE   C  N N 212 
LYS NZ   N  N N 213 
LYS OXT  O  N N 214 
LYS H    H  N N 215 
LYS H2   H  N N 216 
LYS HA   H  N N 217 
LYS HB2  H  N N 218 
LYS HB3  H  N N 219 
LYS HG2  H  N N 220 
LYS HG3  H  N N 221 
LYS HD2  H  N N 222 
LYS HD3  H  N N 223 
LYS HE2  H  N N 224 
LYS HE3  H  N N 225 
LYS HZ1  H  N N 226 
LYS HZ2  H  N N 227 
LYS HZ3  H  N N 228 
LYS HXT  H  N N 229 
MET N    N  N N 230 
MET CA   C  N S 231 
MET C    C  N N 232 
MET O    O  N N 233 
MET CB   C  N N 234 
MET CG   C  N N 235 
MET SD   S  N N 236 
MET CE   C  N N 237 
MET OXT  O  N N 238 
MET H    H  N N 239 
MET H2   H  N N 240 
MET HA   H  N N 241 
MET HB2  H  N N 242 
MET HB3  H  N N 243 
MET HG2  H  N N 244 
MET HG3  H  N N 245 
MET HE1  H  N N 246 
MET HE2  H  N N 247 
MET HE3  H  N N 248 
MET HXT  H  N N 249 
NA  NA   NA N N 250 
PHE N    N  N N 251 
PHE CA   C  N S 252 
PHE C    C  N N 253 
PHE O    O  N N 254 
PHE CB   C  N N 255 
PHE CG   C  Y N 256 
PHE CD1  C  Y N 257 
PHE CD2  C  Y N 258 
PHE CE1  C  Y N 259 
PHE CE2  C  Y N 260 
PHE CZ   C  Y N 261 
PHE OXT  O  N N 262 
PHE H    H  N N 263 
PHE H2   H  N N 264 
PHE HA   H  N N 265 
PHE HB2  H  N N 266 
PHE HB3  H  N N 267 
PHE HD1  H  N N 268 
PHE HD2  H  N N 269 
PHE HE1  H  N N 270 
PHE HE2  H  N N 271 
PHE HZ   H  N N 272 
PHE HXT  H  N N 273 
PRO N    N  N N 274 
PRO CA   C  N S 275 
PRO C    C  N N 276 
PRO O    O  N N 277 
PRO CB   C  N N 278 
PRO CG   C  N N 279 
PRO CD   C  N N 280 
PRO OXT  O  N N 281 
PRO H    H  N N 282 
PRO HA   H  N N 283 
PRO HB2  H  N N 284 
PRO HB3  H  N N 285 
PRO HG2  H  N N 286 
PRO HG3  H  N N 287 
PRO HD2  H  N N 288 
PRO HD3  H  N N 289 
PRO HXT  H  N N 290 
SER N    N  N N 291 
SER CA   C  N S 292 
SER C    C  N N 293 
SER O    O  N N 294 
SER CB   C  N N 295 
SER OG   O  N N 296 
SER OXT  O  N N 297 
SER H    H  N N 298 
SER H2   H  N N 299 
SER HA   H  N N 300 
SER HB2  H  N N 301 
SER HB3  H  N N 302 
SER HG   H  N N 303 
SER HXT  H  N N 304 
THR N    N  N N 305 
THR CA   C  N S 306 
THR C    C  N N 307 
THR O    O  N N 308 
THR CB   C  N R 309 
THR OG1  O  N N 310 
THR CG2  C  N N 311 
THR OXT  O  N N 312 
THR H    H  N N 313 
THR H2   H  N N 314 
THR HA   H  N N 315 
THR HB   H  N N 316 
THR HG1  H  N N 317 
THR HG21 H  N N 318 
THR HG22 H  N N 319 
THR HG23 H  N N 320 
THR HXT  H  N N 321 
TRP N    N  N N 322 
TRP CA   C  N S 323 
TRP C    C  N N 324 
TRP O    O  N N 325 
TRP CB   C  N N 326 
TRP CG   C  Y N 327 
TRP CD1  C  Y N 328 
TRP CD2  C  Y N 329 
TRP NE1  N  Y N 330 
TRP CE2  C  Y N 331 
TRP CE3  C  Y N 332 
TRP CZ2  C  Y N 333 
TRP CZ3  C  Y N 334 
TRP CH2  C  Y N 335 
TRP OXT  O  N N 336 
TRP H    H  N N 337 
TRP H2   H  N N 338 
TRP HA   H  N N 339 
TRP HB2  H  N N 340 
TRP HB3  H  N N 341 
TRP HD1  H  N N 342 
TRP HE1  H  N N 343 
TRP HE3  H  N N 344 
TRP HZ2  H  N N 345 
TRP HZ3  H  N N 346 
TRP HH2  H  N N 347 
TRP HXT  H  N N 348 
TYR N    N  N N 349 
TYR CA   C  N S 350 
TYR C    C  N N 351 
TYR O    O  N N 352 
TYR CB   C  N N 353 
TYR CG   C  Y N 354 
TYR CD1  C  Y N 355 
TYR CD2  C  Y N 356 
TYR CE1  C  Y N 357 
TYR CE2  C  Y N 358 
TYR CZ   C  Y N 359 
TYR OH   O  N N 360 
TYR OXT  O  N N 361 
TYR H    H  N N 362 
TYR H2   H  N N 363 
TYR HA   H  N N 364 
TYR HB2  H  N N 365 
TYR HB3  H  N N 366 
TYR HD1  H  N N 367 
TYR HD2  H  N N 368 
TYR HE1  H  N N 369 
TYR HE2  H  N N 370 
TYR HH   H  N N 371 
TYR HXT  H  N N 372 
VAL N    N  N N 373 
VAL CA   C  N S 374 
VAL C    C  N N 375 
VAL O    O  N N 376 
VAL CB   C  N N 377 
VAL CG1  C  N N 378 
VAL CG2  C  N N 379 
VAL OXT  O  N N 380 
VAL H    H  N N 381 
VAL H2   H  N N 382 
VAL HA   H  N N 383 
VAL HB   H  N N 384 
VAL HG11 H  N N 385 
VAL HG12 H  N N 386 
VAL HG13 H  N N 387 
VAL HG21 H  N N 388 
VAL HG22 H  N N 389 
VAL HG23 H  N N 390 
VAL HXT  H  N N 391 
ZN  ZN   ZN N N 392 
# 
loop_
_chem_comp_bond.comp_id 
_chem_comp_bond.atom_id_1 
_chem_comp_bond.atom_id_2 
_chem_comp_bond.value_order 
_chem_comp_bond.pdbx_aromatic_flag 
_chem_comp_bond.pdbx_stereo_config 
_chem_comp_bond.pdbx_ordinal 
ALA N   CA   sing N N 1   
ALA N   H    sing N N 2   
ALA N   H2   sing N N 3   
ALA CA  C    sing N N 4   
ALA CA  CB   sing N N 5   
ALA CA  HA   sing N N 6   
ALA C   O    doub N N 7   
ALA C   OXT  sing N N 8   
ALA CB  HB1  sing N N 9   
ALA CB  HB2  sing N N 10  
ALA CB  HB3  sing N N 11  
ALA OXT HXT  sing N N 12  
ARG N   CA   sing N N 13  
ARG N   H    sing N N 14  
ARG N   H2   sing N N 15  
ARG CA  C    sing N N 16  
ARG CA  CB   sing N N 17  
ARG CA  HA   sing N N 18  
ARG C   O    doub N N 19  
ARG C   OXT  sing N N 20  
ARG CB  CG   sing N N 21  
ARG CB  HB2  sing N N 22  
ARG CB  HB3  sing N N 23  
ARG CG  CD   sing N N 24  
ARG CG  HG2  sing N N 25  
ARG CG  HG3  sing N N 26  
ARG CD  NE   sing N N 27  
ARG CD  HD2  sing N N 28  
ARG CD  HD3  sing N N 29  
ARG NE  CZ   sing N N 30  
ARG NE  HE   sing N N 31  
ARG CZ  NH1  sing N N 32  
ARG CZ  NH2  doub N N 33  
ARG NH1 HH11 sing N N 34  
ARG NH1 HH12 sing N N 35  
ARG NH2 HH21 sing N N 36  
ARG NH2 HH22 sing N N 37  
ARG OXT HXT  sing N N 38  
ASN N   CA   sing N N 39  
ASN N   H    sing N N 40  
ASN N   H2   sing N N 41  
ASN CA  C    sing N N 42  
ASN CA  CB   sing N N 43  
ASN CA  HA   sing N N 44  
ASN C   O    doub N N 45  
ASN C   OXT  sing N N 46  
ASN CB  CG   sing N N 47  
ASN CB  HB2  sing N N 48  
ASN CB  HB3  sing N N 49  
ASN CG  OD1  doub N N 50  
ASN CG  ND2  sing N N 51  
ASN ND2 HD21 sing N N 52  
ASN ND2 HD22 sing N N 53  
ASN OXT HXT  sing N N 54  
ASP N   CA   sing N N 55  
ASP N   H    sing N N 56  
ASP N   H2   sing N N 57  
ASP CA  C    sing N N 58  
ASP CA  CB   sing N N 59  
ASP CA  HA   sing N N 60  
ASP C   O    doub N N 61  
ASP C   OXT  sing N N 62  
ASP CB  CG   sing N N 63  
ASP CB  HB2  sing N N 64  
ASP CB  HB3  sing N N 65  
ASP CG  OD1  doub N N 66  
ASP CG  OD2  sing N N 67  
ASP OD2 HD2  sing N N 68  
ASP OXT HXT  sing N N 69  
CYS N   CA   sing N N 70  
CYS N   H    sing N N 71  
CYS N   H2   sing N N 72  
CYS CA  C    sing N N 73  
CYS CA  CB   sing N N 74  
CYS CA  HA   sing N N 75  
CYS C   O    doub N N 76  
CYS C   OXT  sing N N 77  
CYS CB  SG   sing N N 78  
CYS CB  HB2  sing N N 79  
CYS CB  HB3  sing N N 80  
CYS SG  HG   sing N N 81  
CYS OXT HXT  sing N N 82  
GLN N   CA   sing N N 83  
GLN N   H    sing N N 84  
GLN N   H2   sing N N 85  
GLN CA  C    sing N N 86  
GLN CA  CB   sing N N 87  
GLN CA  HA   sing N N 88  
GLN C   O    doub N N 89  
GLN C   OXT  sing N N 90  
GLN CB  CG   sing N N 91  
GLN CB  HB2  sing N N 92  
GLN CB  HB3  sing N N 93  
GLN CG  CD   sing N N 94  
GLN CG  HG2  sing N N 95  
GLN CG  HG3  sing N N 96  
GLN CD  OE1  doub N N 97  
GLN CD  NE2  sing N N 98  
GLN NE2 HE21 sing N N 99  
GLN NE2 HE22 sing N N 100 
GLN OXT HXT  sing N N 101 
GLU N   CA   sing N N 102 
GLU N   H    sing N N 103 
GLU N   H2   sing N N 104 
GLU CA  C    sing N N 105 
GLU CA  CB   sing N N 106 
GLU CA  HA   sing N N 107 
GLU C   O    doub N N 108 
GLU C   OXT  sing N N 109 
GLU CB  CG   sing N N 110 
GLU CB  HB2  sing N N 111 
GLU CB  HB3  sing N N 112 
GLU CG  CD   sing N N 113 
GLU CG  HG2  sing N N 114 
GLU CG  HG3  sing N N 115 
GLU CD  OE1  doub N N 116 
GLU CD  OE2  sing N N 117 
GLU OE2 HE2  sing N N 118 
GLU OXT HXT  sing N N 119 
GLY N   CA   sing N N 120 
GLY N   H    sing N N 121 
GLY N   H2   sing N N 122 
GLY CA  C    sing N N 123 
GLY CA  HA2  sing N N 124 
GLY CA  HA3  sing N N 125 
GLY C   O    doub N N 126 
GLY C   OXT  sing N N 127 
GLY OXT HXT  sing N N 128 
HIS N   CA   sing N N 129 
HIS N   H    sing N N 130 
HIS N   H2   sing N N 131 
HIS CA  C    sing N N 132 
HIS CA  CB   sing N N 133 
HIS CA  HA   sing N N 134 
HIS C   O    doub N N 135 
HIS C   OXT  sing N N 136 
HIS CB  CG   sing N N 137 
HIS CB  HB2  sing N N 138 
HIS CB  HB3  sing N N 139 
HIS CG  ND1  sing Y N 140 
HIS CG  CD2  doub Y N 141 
HIS ND1 CE1  doub Y N 142 
HIS ND1 HD1  sing N N 143 
HIS CD2 NE2  sing Y N 144 
HIS CD2 HD2  sing N N 145 
HIS CE1 NE2  sing Y N 146 
HIS CE1 HE1  sing N N 147 
HIS NE2 HE2  sing N N 148 
HIS OXT HXT  sing N N 149 
HOH O   H1   sing N N 150 
HOH O   H2   sing N N 151 
ILE N   CA   sing N N 152 
ILE N   H    sing N N 153 
ILE N   H2   sing N N 154 
ILE CA  C    sing N N 155 
ILE CA  CB   sing N N 156 
ILE CA  HA   sing N N 157 
ILE C   O    doub N N 158 
ILE C   OXT  sing N N 159 
ILE CB  CG1  sing N N 160 
ILE CB  CG2  sing N N 161 
ILE CB  HB   sing N N 162 
ILE CG1 CD1  sing N N 163 
ILE CG1 HG12 sing N N 164 
ILE CG1 HG13 sing N N 165 
ILE CG2 HG21 sing N N 166 
ILE CG2 HG22 sing N N 167 
ILE CG2 HG23 sing N N 168 
ILE CD1 HD11 sing N N 169 
ILE CD1 HD12 sing N N 170 
ILE CD1 HD13 sing N N 171 
ILE OXT HXT  sing N N 172 
LEU N   CA   sing N N 173 
LEU N   H    sing N N 174 
LEU N   H2   sing N N 175 
LEU CA  C    sing N N 176 
LEU CA  CB   sing N N 177 
LEU CA  HA   sing N N 178 
LEU C   O    doub N N 179 
LEU C   OXT  sing N N 180 
LEU CB  CG   sing N N 181 
LEU CB  HB2  sing N N 182 
LEU CB  HB3  sing N N 183 
LEU CG  CD1  sing N N 184 
LEU CG  CD2  sing N N 185 
LEU CG  HG   sing N N 186 
LEU CD1 HD11 sing N N 187 
LEU CD1 HD12 sing N N 188 
LEU CD1 HD13 sing N N 189 
LEU CD2 HD21 sing N N 190 
LEU CD2 HD22 sing N N 191 
LEU CD2 HD23 sing N N 192 
LEU OXT HXT  sing N N 193 
LYS N   CA   sing N N 194 
LYS N   H    sing N N 195 
LYS N   H2   sing N N 196 
LYS CA  C    sing N N 197 
LYS CA  CB   sing N N 198 
LYS CA  HA   sing N N 199 
LYS C   O    doub N N 200 
LYS C   OXT  sing N N 201 
LYS CB  CG   sing N N 202 
LYS CB  HB2  sing N N 203 
LYS CB  HB3  sing N N 204 
LYS CG  CD   sing N N 205 
LYS CG  HG2  sing N N 206 
LYS CG  HG3  sing N N 207 
LYS CD  CE   sing N N 208 
LYS CD  HD2  sing N N 209 
LYS CD  HD3  sing N N 210 
LYS CE  NZ   sing N N 211 
LYS CE  HE2  sing N N 212 
LYS CE  HE3  sing N N 213 
LYS NZ  HZ1  sing N N 214 
LYS NZ  HZ2  sing N N 215 
LYS NZ  HZ3  sing N N 216 
LYS OXT HXT  sing N N 217 
MET N   CA   sing N N 218 
MET N   H    sing N N 219 
MET N   H2   sing N N 220 
MET CA  C    sing N N 221 
MET CA  CB   sing N N 222 
MET CA  HA   sing N N 223 
MET C   O    doub N N 224 
MET C   OXT  sing N N 225 
MET CB  CG   sing N N 226 
MET CB  HB2  sing N N 227 
MET CB  HB3  sing N N 228 
MET CG  SD   sing N N 229 
MET CG  HG2  sing N N 230 
MET CG  HG3  sing N N 231 
MET SD  CE   sing N N 232 
MET CE  HE1  sing N N 233 
MET CE  HE2  sing N N 234 
MET CE  HE3  sing N N 235 
MET OXT HXT  sing N N 236 
PHE N   CA   sing N N 237 
PHE N   H    sing N N 238 
PHE N   H2   sing N N 239 
PHE CA  C    sing N N 240 
PHE CA  CB   sing N N 241 
PHE CA  HA   sing N N 242 
PHE C   O    doub N N 243 
PHE C   OXT  sing N N 244 
PHE CB  CG   sing N N 245 
PHE CB  HB2  sing N N 246 
PHE CB  HB3  sing N N 247 
PHE CG  CD1  doub Y N 248 
PHE CG  CD2  sing Y N 249 
PHE CD1 CE1  sing Y N 250 
PHE CD1 HD1  sing N N 251 
PHE CD2 CE2  doub Y N 252 
PHE CD2 HD2  sing N N 253 
PHE CE1 CZ   doub Y N 254 
PHE CE1 HE1  sing N N 255 
PHE CE2 CZ   sing Y N 256 
PHE CE2 HE2  sing N N 257 
PHE CZ  HZ   sing N N 258 
PHE OXT HXT  sing N N 259 
PRO N   CA   sing N N 260 
PRO N   CD   sing N N 261 
PRO N   H    sing N N 262 
PRO CA  C    sing N N 263 
PRO CA  CB   sing N N 264 
PRO CA  HA   sing N N 265 
PRO C   O    doub N N 266 
PRO C   OXT  sing N N 267 
PRO CB  CG   sing N N 268 
PRO CB  HB2  sing N N 269 
PRO CB  HB3  sing N N 270 
PRO CG  CD   sing N N 271 
PRO CG  HG2  sing N N 272 
PRO CG  HG3  sing N N 273 
PRO CD  HD2  sing N N 274 
PRO CD  HD3  sing N N 275 
PRO OXT HXT  sing N N 276 
SER N   CA   sing N N 277 
SER N   H    sing N N 278 
SER N   H2   sing N N 279 
SER CA  C    sing N N 280 
SER CA  CB   sing N N 281 
SER CA  HA   sing N N 282 
SER C   O    doub N N 283 
SER C   OXT  sing N N 284 
SER CB  OG   sing N N 285 
SER CB  HB2  sing N N 286 
SER CB  HB3  sing N N 287 
SER OG  HG   sing N N 288 
SER OXT HXT  sing N N 289 
THR N   CA   sing N N 290 
THR N   H    sing N N 291 
THR N   H2   sing N N 292 
THR CA  C    sing N N 293 
THR CA  CB   sing N N 294 
THR CA  HA   sing N N 295 
THR C   O    doub N N 296 
THR C   OXT  sing N N 297 
THR CB  OG1  sing N N 298 
THR CB  CG2  sing N N 299 
THR CB  HB   sing N N 300 
THR OG1 HG1  sing N N 301 
THR CG2 HG21 sing N N 302 
THR CG2 HG22 sing N N 303 
THR CG2 HG23 sing N N 304 
THR OXT HXT  sing N N 305 
TRP N   CA   sing N N 306 
TRP N   H    sing N N 307 
TRP N   H2   sing N N 308 
TRP CA  C    sing N N 309 
TRP CA  CB   sing N N 310 
TRP CA  HA   sing N N 311 
TRP C   O    doub N N 312 
TRP C   OXT  sing N N 313 
TRP CB  CG   sing N N 314 
TRP CB  HB2  sing N N 315 
TRP CB  HB3  sing N N 316 
TRP CG  CD1  doub Y N 317 
TRP CG  CD2  sing Y N 318 
TRP CD1 NE1  sing Y N 319 
TRP CD1 HD1  sing N N 320 
TRP CD2 CE2  doub Y N 321 
TRP CD2 CE3  sing Y N 322 
TRP NE1 CE2  sing Y N 323 
TRP NE1 HE1  sing N N 324 
TRP CE2 CZ2  sing Y N 325 
TRP CE3 CZ3  doub Y N 326 
TRP CE3 HE3  sing N N 327 
TRP CZ2 CH2  doub Y N 328 
TRP CZ2 HZ2  sing N N 329 
TRP CZ3 CH2  sing Y N 330 
TRP CZ3 HZ3  sing N N 331 
TRP CH2 HH2  sing N N 332 
TRP OXT HXT  sing N N 333 
TYR N   CA   sing N N 334 
TYR N   H    sing N N 335 
TYR N   H2   sing N N 336 
TYR CA  C    sing N N 337 
TYR CA  CB   sing N N 338 
TYR CA  HA   sing N N 339 
TYR C   O    doub N N 340 
TYR C   OXT  sing N N 341 
TYR CB  CG   sing N N 342 
TYR CB  HB2  sing N N 343 
TYR CB  HB3  sing N N 344 
TYR CG  CD1  doub Y N 345 
TYR CG  CD2  sing Y N 346 
TYR CD1 CE1  sing Y N 347 
TYR CD1 HD1  sing N N 348 
TYR CD2 CE2  doub Y N 349 
TYR CD2 HD2  sing N N 350 
TYR CE1 CZ   doub Y N 351 
TYR CE1 HE1  sing N N 352 
TYR CE2 CZ   sing Y N 353 
TYR CE2 HE2  sing N N 354 
TYR CZ  OH   sing N N 355 
TYR OH  HH   sing N N 356 
TYR OXT HXT  sing N N 357 
VAL N   CA   sing N N 358 
VAL N   H    sing N N 359 
VAL N   H2   sing N N 360 
VAL CA  C    sing N N 361 
VAL CA  CB   sing N N 362 
VAL CA  HA   sing N N 363 
VAL C   O    doub N N 364 
VAL C   OXT  sing N N 365 
VAL CB  CG1  sing N N 366 
VAL CB  CG2  sing N N 367 
VAL CB  HB   sing N N 368 
VAL CG1 HG11 sing N N 369 
VAL CG1 HG12 sing N N 370 
VAL CG1 HG13 sing N N 371 
VAL CG2 HG21 sing N N 372 
VAL CG2 HG22 sing N N 373 
VAL CG2 HG23 sing N N 374 
VAL OXT HXT  sing N N 375 
# 
_atom_sites.entry_id                    2PQK 
_atom_sites.fract_transf_matrix[1][1]   -0.01676621 
_atom_sites.fract_transf_matrix[1][2]   0.00630043 
_atom_sites.fract_transf_matrix[1][3]   0.00583363 
_atom_sites.fract_transf_matrix[2][1]   -0.00621711 
_atom_sites.fract_transf_matrix[2][2]   -0.01079444 
_atom_sites.fract_transf_matrix[2][3]   -0.00621017 
_atom_sites.fract_transf_matrix[3][1]   0.00076973 
_atom_sites.fract_transf_matrix[3][2]   -0.00453200 
_atom_sites.fract_transf_matrix[3][3]   0.00710688 
_atom_sites.fract_transf_vector[1]      0.077389 
_atom_sites.fract_transf_vector[2]      0.288835 
_atom_sites.fract_transf_vector[3]      0.356343 
# 
loop_
_atom_type.symbol 
C  
N  
NA 
O  
S  
ZN 
# 
loop_
_atom_site.group_PDB 
_atom_site.id 
_atom_site.type_symbol 
_atom_site.label_atom_id 
_atom_site.label_alt_id 
_atom_site.label_comp_id 
_atom_site.label_asym_id 
_atom_site.label_entity_id 
_atom_site.label_seq_id 
_atom_site.pdbx_PDB_ins_code 
_atom_site.Cartn_x 
_atom_site.Cartn_y 
_atom_site.Cartn_z 
_atom_site.occupancy 
_atom_site.B_iso_or_equiv 
_atom_site.pdbx_formal_charge 
_atom_site.auth_seq_id 
_atom_site.auth_comp_id 
_atom_site.auth_asym_id 
_atom_site.auth_atom_id 
_atom_site.pdbx_PDB_model_num 
ATOM   1    N  N   . ASP A 1 3   ? 16.474  -13.008 -3.516  1.00 34.76 ? 172 ASP A N   1 
ATOM   2    C  CA  . ASP A 1 3   ? 15.281  -12.269 -4.059  1.00 34.25 ? 172 ASP A CA  1 
ATOM   3    C  C   . ASP A 1 3   ? 15.337  -10.778 -3.730  1.00 34.23 ? 172 ASP A C   1 
ATOM   4    O  O   . ASP A 1 3   ? 14.646  -10.295 -2.818  1.00 34.11 ? 172 ASP A O   1 
ATOM   5    C  CB  . ASP A 1 3   ? 13.985  -12.877 -3.533  1.00 34.21 ? 172 ASP A CB  1 
ATOM   6    C  CG  . ASP A 1 3   ? 12.758  -12.431 -4.326  1.00 35.03 ? 172 ASP A CG  1 
ATOM   7    O  OD1 . ASP A 1 3   ? 12.861  -11.504 -5.179  1.00 34.74 ? 172 ASP A OD1 1 
ATOM   8    O  OD2 . ASP A 1 3   ? 11.681  -13.010 -4.074  1.00 34.77 ? 172 ASP A OD2 1 
ATOM   9    N  N   . GLU A 1 4   ? 16.154  -10.057 -4.490  1.00 33.78 ? 173 GLU A N   1 
ATOM   10   C  CA  . GLU A 1 4   ? 16.386  -8.637  -4.255  1.00 34.09 ? 173 GLU A CA  1 
ATOM   11   C  C   . GLU A 1 4   ? 15.117  -7.793  -4.442  1.00 33.57 ? 173 GLU A C   1 
ATOM   12   O  O   . GLU A 1 4   ? 14.898  -6.836  -3.697  1.00 33.60 ? 173 GLU A O   1 
ATOM   13   C  CB  . GLU A 1 4   ? 17.557  -8.131  -5.117  1.00 34.24 ? 173 GLU A CB  1 
ATOM   14   C  CG  . GLU A 1 4   ? 17.740  -6.596  -5.178  1.00 37.04 ? 173 GLU A CG  1 
ATOM   15   C  CD  . GLU A 1 4   ? 18.034  -5.942  -3.821  1.00 39.84 ? 173 GLU A CD  1 
ATOM   16   O  OE1 . GLU A 1 4   ? 18.472  -6.641  -2.879  1.00 39.44 ? 173 GLU A OE1 1 
ATOM   17   O  OE2 . GLU A 1 4   ? 17.830  -4.711  -3.705  1.00 41.63 ? 173 GLU A OE2 1 
ATOM   18   N  N   . LEU A 1 5   ? 14.272  -8.158  -5.407  1.00 32.94 ? 174 LEU A N   1 
ATOM   19   C  CA  . LEU A 1 5   ? 13.056  -7.387  -5.647  1.00 33.02 ? 174 LEU A CA  1 
ATOM   20   C  C   . LEU A 1 5   ? 12.118  -7.440  -4.449  1.00 33.03 ? 174 LEU A C   1 
ATOM   21   O  O   . LEU A 1 5   ? 11.561  -6.411  -4.040  1.00 33.57 ? 174 LEU A O   1 
ATOM   22   C  CB  . LEU A 1 5   ? 12.338  -7.844  -6.923  1.00 32.96 ? 174 LEU A CB  1 
ATOM   23   C  CG  . LEU A 1 5   ? 11.047  -7.082  -7.267  1.00 32.91 ? 174 LEU A CG  1 
ATOM   24   C  CD1 . LEU A 1 5   ? 11.276  -5.561  -7.414  1.00 34.50 ? 174 LEU A CD1 1 
ATOM   25   C  CD2 . LEU A 1 5   ? 10.439  -7.658  -8.518  1.00 34.77 ? 174 LEU A CD2 1 
ATOM   26   N  N   . TYR A 1 6   ? 11.933  -8.636  -3.896  1.00 32.83 ? 175 TYR A N   1 
ATOM   27   C  CA  . TYR A 1 6   ? 11.142  -8.779  -2.689  1.00 32.84 ? 175 TYR A CA  1 
ATOM   28   C  C   . TYR A 1 6   ? 11.750  -7.989  -1.533  1.00 32.74 ? 175 TYR A C   1 
ATOM   29   O  O   . TYR A 1 6   ? 11.042  -7.254  -0.864  1.00 31.99 ? 175 TYR A O   1 
ATOM   30   C  CB  . TYR A 1 6   ? 10.986  -10.245 -2.277  1.00 34.17 ? 175 TYR A CB  1 
ATOM   31   C  CG  . TYR A 1 6   ? 10.010  -10.401 -1.132  1.00 35.12 ? 175 TYR A CG  1 
ATOM   32   C  CD1 . TYR A 1 6   ? 8.663   -10.640 -1.379  1.00 38.50 ? 175 TYR A CD1 1 
ATOM   33   C  CD2 . TYR A 1 6   ? 10.431  -10.278 0.193   1.00 37.78 ? 175 TYR A CD2 1 
ATOM   34   C  CE1 . TYR A 1 6   ? 7.757   -10.768 -0.340  1.00 40.67 ? 175 TYR A CE1 1 
ATOM   35   C  CE2 . TYR A 1 6   ? 9.531   -10.403 1.242   1.00 40.56 ? 175 TYR A CE2 1 
ATOM   36   C  CZ  . TYR A 1 6   ? 8.195   -10.641 0.962   1.00 40.99 ? 175 TYR A CZ  1 
ATOM   37   O  OH  . TYR A 1 6   ? 7.288   -10.769 1.990   1.00 42.63 ? 175 TYR A OH  1 
ATOM   38   N  N   . ARG A 1 7   ? 13.058  -8.162  -1.301  1.00 31.93 ? 176 ARG A N   1 
ATOM   39   C  CA  . ARG A 1 7   ? 13.778  -7.445  -0.235  1.00 32.00 ? 176 ARG A CA  1 
ATOM   40   C  C   . ARG A 1 7   ? 13.669  -5.929  -0.377  1.00 31.83 ? 176 ARG A C   1 
ATOM   41   O  O   . ARG A 1 7   ? 13.403  -5.220  0.595   1.00 31.80 ? 176 ARG A O   1 
ATOM   42   C  CB  . ARG A 1 7   ? 15.259  -7.846  -0.226  1.00 32.11 ? 176 ARG A CB  1 
ATOM   43   C  CG  . ARG A 1 7   ? 16.050  -7.315  0.981   1.00 34.03 ? 176 ARG A CG  1 
ATOM   44   C  CD  . ARG A 1 7   ? 17.494  -6.961  0.607   1.00 35.57 ? 176 ARG A CD  1 
ATOM   45   N  NE  . ARG A 1 7   ? 17.557  -5.851  -0.354  1.00 37.46 ? 176 ARG A NE  1 
ATOM   46   C  CZ  . ARG A 1 7   ? 17.433  -4.559  -0.040  1.00 39.10 ? 176 ARG A CZ  1 
ATOM   47   N  NH1 . ARG A 1 7   ? 17.515  -3.632  -0.989  1.00 37.39 ? 176 ARG A NH1 1 
ATOM   48   N  NH2 . ARG A 1 7   ? 17.239  -4.182  1.222   1.00 39.07 ? 176 ARG A NH2 1 
ATOM   49   N  N   . GLN A 1 8   ? 13.879  -5.431  -1.591  1.00 31.47 ? 177 GLN A N   1 
ATOM   50   C  CA  . GLN A 1 8   ? 13.775  -4.005  -1.833  1.00 31.70 ? 177 GLN A CA  1 
ATOM   51   C  C   . GLN A 1 8   ? 12.353  -3.492  -1.600  1.00 30.81 ? 177 GLN A C   1 
ATOM   52   O  O   . GLN A 1 8   ? 12.162  -2.439  -0.978  1.00 30.95 ? 177 GLN A O   1 
ATOM   53   C  CB  . GLN A 1 8   ? 14.236  -3.663  -3.238  1.00 31.65 ? 177 GLN A CB  1 
ATOM   54   C  CG  . GLN A 1 8   ? 14.103  -2.200  -3.559  1.00 33.59 ? 177 GLN A CG  1 
ATOM   55   C  CD  . GLN A 1 8   ? 14.434  -1.902  -5.000  1.00 35.37 ? 177 GLN A CD  1 
ATOM   56   O  OE1 . GLN A 1 8   ? 14.089  -2.671  -5.905  1.00 36.47 ? 177 GLN A OE1 1 
ATOM   57   N  NE2 . GLN A 1 8   ? 15.106  -0.788  -5.222  1.00 34.44 ? 177 GLN A NE2 1 
ATOM   58   N  N   . SER A 1 9   ? 11.372  -4.239  -2.099  1.00 30.19 ? 178 SER A N   1 
ATOM   59   C  CA  . SER A 1 9   ? 9.962   -3.875  -1.990  1.00 29.51 ? 178 SER A CA  1 
ATOM   60   C  C   . SER A 1 9   ? 9.515   -3.864  -0.523  1.00 29.63 ? 178 SER A C   1 
ATOM   61   O  O   . SER A 1 9   ? 8.836   -2.948  -0.084  1.00 28.65 ? 178 SER A O   1 
ATOM   62   C  CB  . SER A 1 9   ? 9.093   -4.838  -2.808  1.00 29.64 ? 178 SER A CB  1 
ATOM   63   O  OG  . SER A 1 9   ? 9.332   -4.694  -4.220  1.00 30.10 ? 178 SER A OG  1 
ATOM   64   N  N   . LEU A 1 10  ? 9.883   -4.901  0.221   1.00 29.53 ? 179 LEU A N   1 
ATOM   65   C  CA  . LEU A 1 10  ? 9.578   -4.957  1.660   1.00 30.47 ? 179 LEU A CA  1 
ATOM   66   C  C   . LEU A 1 10  ? 10.198  -3.778  2.440   1.00 30.60 ? 179 LEU A C   1 
ATOM   67   O  O   . LEU A 1 10  ? 9.561   -3.195  3.307   1.00 31.63 ? 179 LEU A O   1 
ATOM   68   C  CB  . LEU A 1 10  ? 10.067  -6.280  2.253   1.00 30.00 ? 179 LEU A CB  1 
ATOM   69   C  CG  . LEU A 1 10  ? 9.612   -6.547  3.691   1.00 30.19 ? 179 LEU A CG  1 
ATOM   70   C  CD1 . LEU A 1 10  ? 8.095   -6.631  3.729   1.00 27.00 ? 179 LEU A CD1 1 
ATOM   71   C  CD2 . LEU A 1 10  ? 10.262  -7.823  4.235   1.00 28.89 ? 179 LEU A CD2 1 
ATOM   72   N  N   . GLU A 1 11  ? 11.429  -3.425  2.112   1.00 31.13 ? 180 GLU A N   1 
ATOM   73   C  CA  . GLU A 1 11  ? 12.133  -2.310  2.765   1.00 31.30 ? 180 GLU A CA  1 
ATOM   74   C  C   . GLU A 1 11  ? 11.389  -0.986  2.532   1.00 31.11 ? 180 GLU A C   1 
ATOM   75   O  O   . GLU A 1 11  ? 11.110  -0.234  3.483   1.00 30.69 ? 180 GLU A O   1 
ATOM   76   C  CB  . GLU A 1 11  ? 13.561  -2.219  2.234   1.00 31.68 ? 180 GLU A CB  1 
ATOM   77   C  CG  . GLU A 1 11  ? 14.436  -1.149  2.905   1.00 34.71 ? 180 GLU A CG  1 
ATOM   78   C  CD  . GLU A 1 11  ? 15.889  -1.224  2.484   1.00 38.95 ? 180 GLU A CD  1 
ATOM   79   O  OE1 . GLU A 1 11  ? 16.164  -1.385  1.274   1.00 41.98 ? 180 GLU A OE1 1 
ATOM   80   O  OE2 . GLU A 1 11  ? 16.771  -1.119  3.362   1.00 41.45 ? 180 GLU A OE2 1 
ATOM   81   N  N   . ILE A 1 12  ? 11.061  -0.711  1.271   1.00 30.39 ? 181 ILE A N   1 
ATOM   82   C  CA  . ILE A 1 12  ? 10.354  0.525   0.907   1.00 30.51 ? 181 ILE A CA  1 
ATOM   83   C  C   . ILE A 1 12  ? 9.004   0.598   1.629   1.00 30.37 ? 181 ILE A C   1 
ATOM   84   O  O   . ILE A 1 12  ? 8.699   1.585   2.303   1.00 30.39 ? 181 ILE A O   1 
ATOM   85   C  CB  . ILE A 1 12  ? 10.168  0.655   -0.636  1.00 30.45 ? 181 ILE A CB  1 
ATOM   86   C  CG1 . ILE A 1 12  ? 11.526  0.876   -1.322  1.00 30.54 ? 181 ILE A CG1 1 
ATOM   87   C  CG2 . ILE A 1 12  ? 9.188   1.807   -0.984  1.00 30.36 ? 181 ILE A CG2 1 
ATOM   88   C  CD1 . ILE A 1 12  ? 11.481  0.650   -2.857  1.00 28.62 ? 181 ILE A CD1 1 
ATOM   89   N  N   . ILE A 1 13  ? 8.219   -0.468  1.500   1.00 29.95 ? 182 ILE A N   1 
ATOM   90   C  CA  . ILE A 1 13  ? 6.882   -0.528  2.093   1.00 29.37 ? 182 ILE A CA  1 
ATOM   91   C  C   . ILE A 1 13  ? 6.938   -0.481  3.625   1.00 29.57 ? 182 ILE A C   1 
ATOM   92   O  O   . ILE A 1 13  ? 6.146   0.237   4.241   1.00 29.33 ? 182 ILE A O   1 
ATOM   93   C  CB  . ILE A 1 13  ? 6.065   -1.751  1.545   1.00 29.21 ? 182 ILE A CB  1 
ATOM   94   C  CG1 . ILE A 1 13  ? 5.810   -1.581  0.042   1.00 28.82 ? 182 ILE A CG1 1 
ATOM   95   C  CG2 . ILE A 1 13  ? 4.741   -1.959  2.322   1.00 28.89 ? 182 ILE A CG2 1 
ATOM   96   C  CD1 . ILE A 1 13  ? 5.097   -2.784  -0.629  1.00 29.77 ? 182 ILE A CD1 1 
ATOM   97   N  N   . SER A 1 14  ? 7.870   -1.220  4.232   1.00 29.82 ? 183 SER A N   1 
ATOM   98   C  CA  . SER A 1 14  ? 8.017   -1.223  5.703   1.00 30.28 ? 183 SER A CA  1 
ATOM   99   C  C   . SER A 1 14  ? 8.380   0.159   6.233   1.00 30.07 ? 183 SER A C   1 
ATOM   100  O  O   . SER A 1 14  ? 7.769   0.646   7.182   1.00 29.97 ? 183 SER A O   1 
ATOM   101  C  CB  . SER A 1 14  ? 9.060   -2.247  6.169   1.00 30.02 ? 183 SER A CB  1 
ATOM   102  O  OG  . SER A 1 14  ? 8.648   -3.549  5.799   1.00 32.33 ? 183 SER A OG  1 
ATOM   103  N  N   . ARG A 1 15  ? 9.382   0.772   5.614   1.00 29.78 ? 184 ARG A N   1 
ATOM   104  C  CA  . ARG A 1 15  ? 9.812   2.107   5.997   1.00 30.48 ? 184 ARG A CA  1 
ATOM   105  C  C   . ARG A 1 15  ? 8.672   3.114   5.917   1.00 30.34 ? 184 ARG A C   1 
ATOM   106  O  O   . ARG A 1 15  ? 8.502   3.905   6.836   1.00 30.07 ? 184 ARG A O   1 
ATOM   107  C  CB  . ARG A 1 15  ? 10.980  2.567   5.146   1.00 30.39 ? 184 ARG A CB  1 
ATOM   108  C  CG  . ARG A 1 15  ? 12.268  1.889   5.545   1.00 32.97 ? 184 ARG A CG  1 
ATOM   109  C  CD  . ARG A 1 15  ? 13.436  2.800   5.351   1.00 35.36 ? 184 ARG A CD  1 
ATOM   110  N  NE  . ARG A 1 15  ? 14.667  2.101   5.678   1.00 38.29 ? 184 ARG A NE  1 
ATOM   111  C  CZ  . ARG A 1 15  ? 15.828  2.695   5.913   1.00 39.58 ? 184 ARG A CZ  1 
ATOM   112  N  NH1 . ARG A 1 15  ? 15.939  4.020   5.861   1.00 39.93 ? 184 ARG A NH1 1 
ATOM   113  N  NH2 . ARG A 1 15  ? 16.880  1.952   6.212   1.00 40.80 ? 184 ARG A NH2 1 
ATOM   114  N  N   . TYR A 1 16  ? 7.891   3.072   4.832   1.00 29.87 ? 185 TYR A N   1 
ATOM   115  C  CA  . TYR A 1 16  ? 6.757   3.984   4.699   1.00 30.38 ? 185 TYR A CA  1 
ATOM   116  C  C   . TYR A 1 16  ? 5.740   3.754   5.809   1.00 30.26 ? 185 TYR A C   1 
ATOM   117  O  O   . TYR A 1 16  ? 5.351   4.698   6.497   1.00 29.46 ? 185 TYR A O   1 
ATOM   118  C  CB  . TYR A 1 16  ? 6.070   3.863   3.330   1.00 31.29 ? 185 TYR A CB  1 
ATOM   119  C  CG  . TYR A 1 16  ? 4.939   4.860   3.131   1.00 32.25 ? 185 TYR A CG  1 
ATOM   120  C  CD1 . TYR A 1 16  ? 5.172   6.233   3.231   1.00 33.98 ? 185 TYR A CD1 1 
ATOM   121  C  CD2 . TYR A 1 16  ? 3.643   4.433   2.817   1.00 33.86 ? 185 TYR A CD2 1 
ATOM   122  C  CE1 . TYR A 1 16  ? 4.146   7.149   3.053   1.00 35.89 ? 185 TYR A CE1 1 
ATOM   123  C  CE2 . TYR A 1 16  ? 2.607   5.352   2.637   1.00 33.85 ? 185 TYR A CE2 1 
ATOM   124  C  CZ  . TYR A 1 16  ? 2.869   6.701   2.748   1.00 34.98 ? 185 TYR A CZ  1 
ATOM   125  O  OH  . TYR A 1 16  ? 1.860   7.626   2.569   1.00 36.47 ? 185 TYR A OH  1 
ATOM   126  N  N   . LEU A 1 17  ? 5.314   2.501   5.977   1.00 30.06 ? 186 LEU A N   1 
ATOM   127  C  CA  . LEU A 1 17  ? 4.316   2.164   6.985   1.00 31.10 ? 186 LEU A CA  1 
ATOM   128  C  C   . LEU A 1 17  ? 4.804   2.540   8.391   1.00 31.93 ? 186 LEU A C   1 
ATOM   129  O  O   . LEU A 1 17  ? 4.047   3.119   9.173   1.00 32.09 ? 186 LEU A O   1 
ATOM   130  C  CB  . LEU A 1 17  ? 3.929   0.674   6.901   1.00 30.89 ? 186 LEU A CB  1 
ATOM   131  C  CG  . LEU A 1 17  ? 2.663   0.318   6.094   1.00 30.69 ? 186 LEU A CG  1 
ATOM   132  C  CD1 . LEU A 1 17  ? 2.630   0.929   4.700   1.00 30.95 ? 186 LEU A CD1 1 
ATOM   133  C  CD2 . LEU A 1 17  ? 2.455   -1.208  6.037   1.00 30.19 ? 186 LEU A CD2 1 
ATOM   134  N  N   . ARG A 1 18  ? 6.067   2.233   8.690   1.00 33.00 ? 187 ARG A N   1 
ATOM   135  C  CA  . ARG A 1 18  ? 6.659   2.535   9.992   1.00 34.11 ? 187 ARG A CA  1 
ATOM   136  C  C   . ARG A 1 18  ? 6.711   4.043   10.263  1.00 34.46 ? 187 ARG A C   1 
ATOM   137  O  O   . ARG A 1 18  ? 6.364   4.484   11.366  1.00 34.67 ? 187 ARG A O   1 
ATOM   138  C  CB  . ARG A 1 18  ? 8.054   1.893   10.128  1.00 34.56 ? 187 ARG A CB  1 
ATOM   139  C  CG  . ARG A 1 18  ? 8.559   1.775   11.564  1.00 36.88 ? 187 ARG A CG  1 
ATOM   140  C  CD  . ARG A 1 18  ? 9.922   1.063   11.648  1.00 41.04 ? 187 ARG A CD  1 
ATOM   141  N  NE  . ARG A 1 18  ? 9.811   -0.388  11.456  1.00 44.42 ? 187 ARG A NE  1 
ATOM   142  C  CZ  . ARG A 1 18  ? 10.208  -1.057  10.368  1.00 45.77 ? 187 ARG A CZ  1 
ATOM   143  N  NH1 . ARG A 1 18  ? 10.765  -0.425  9.340   1.00 46.07 ? 187 ARG A NH1 1 
ATOM   144  N  NH2 . ARG A 1 18  ? 10.050  -2.377  10.311  1.00 46.43 ? 187 ARG A NH2 1 
ATOM   145  N  N   . GLU A 1 19  ? 7.134   4.840   9.279   1.00 34.98 ? 188 GLU A N   1 
ATOM   146  C  CA  . GLU A 1 19  ? 7.208   6.287   9.499   1.00 35.90 ? 188 GLU A CA  1 
ATOM   147  C  C   . GLU A 1 19  ? 5.813   6.914   9.564   1.00 36.21 ? 188 GLU A C   1 
ATOM   148  O  O   . GLU A 1 19  ? 5.585   7.857   10.325  1.00 36.02 ? 188 GLU A O   1 
ATOM   149  C  CB  . GLU A 1 19  ? 8.146   7.000   8.505   1.00 36.20 ? 188 GLU A CB  1 
ATOM   150  C  CG  . GLU A 1 19  ? 7.680   7.070   7.073   1.00 38.18 ? 188 GLU A CG  1 
ATOM   151  C  CD  . GLU A 1 19  ? 8.682   7.762   6.142   1.00 40.94 ? 188 GLU A CD  1 
ATOM   152  O  OE1 . GLU A 1 19  ? 9.909   7.749   6.399   1.00 41.49 ? 188 GLU A OE1 1 
ATOM   153  O  OE2 . GLU A 1 19  ? 8.226   8.313   5.127   1.00 42.60 ? 188 GLU A OE2 1 
ATOM   154  N  N   . GLN A 1 20  ? 4.873   6.363   8.796   1.00 36.38 ? 189 GLN A N   1 
ATOM   155  C  CA  . GLN A 1 20  ? 3.481   6.791   8.899   1.00 36.79 ? 189 GLN A CA  1 
ATOM   156  C  C   . GLN A 1 20  ? 2.910   6.481   10.277  1.00 37.11 ? 189 GLN A C   1 
ATOM   157  O  O   . GLN A 1 20  ? 2.216   7.309   10.857  1.00 36.93 ? 189 GLN A O   1 
ATOM   158  C  CB  . GLN A 1 20  ? 2.625   6.154   7.803   1.00 36.87 ? 189 GLN A CB  1 
ATOM   159  C  CG  . GLN A 1 20  ? 2.885   6.741   6.423   1.00 36.35 ? 189 GLN A CG  1 
ATOM   160  C  CD  . GLN A 1 20  ? 2.251   8.104   6.238   1.00 37.52 ? 189 GLN A CD  1 
ATOM   161  O  OE1 . GLN A 1 20  ? 2.944   9.114   6.080   1.00 36.00 ? 189 GLN A OE1 1 
ATOM   162  N  NE2 . GLN A 1 20  ? 0.923   8.137   6.243   1.00 39.49 ? 189 GLN A NE2 1 
ATOM   163  N  N   . ALA A 1 21  ? 3.209   5.292   10.796  1.00 37.61 ? 190 ALA A N   1 
ATOM   164  C  CA  . ALA A 1 21  ? 2.653   4.850   12.070  1.00 38.41 ? 190 ALA A CA  1 
ATOM   165  C  C   . ALA A 1 21  ? 3.289   5.542   13.280  1.00 39.10 ? 190 ALA A C   1 
ATOM   166  O  O   . ALA A 1 21  ? 2.597   5.815   14.265  1.00 38.89 ? 190 ALA A O   1 
ATOM   167  C  CB  . ALA A 1 21  ? 2.759   3.342   12.206  1.00 38.28 ? 190 ALA A CB  1 
ATOM   168  N  N   . THR A 1 22  ? 4.595   5.816   13.204  1.00 39.99 ? 191 THR A N   1 
ATOM   169  C  CA  . THR A 1 22  ? 5.321   6.424   14.327  1.00 41.14 ? 191 THR A CA  1 
ATOM   170  C  C   . THR A 1 22  ? 5.447   7.950   14.230  1.00 42.00 ? 191 THR A C   1 
ATOM   171  O  O   . THR A 1 22  ? 5.618   8.633   15.250  1.00 42.23 ? 191 THR A O   1 
ATOM   172  C  CB  . THR A 1 22  ? 6.734   5.815   14.519  1.00 40.94 ? 191 THR A CB  1 
ATOM   173  O  OG1 . THR A 1 22  ? 7.541   6.075   13.364  1.00 40.99 ? 191 THR A OG1 1 
ATOM   174  C  CG2 . THR A 1 22  ? 6.656   4.319   14.768  1.00 41.18 ? 191 THR A CG2 1 
ATOM   175  N  N   . GLY A 1 23  ? 5.368   8.475   13.011  1.00 42.99 ? 192 GLY A N   1 
ATOM   176  C  CA  . GLY A 1 23  ? 5.529   9.909   12.767  1.00 44.60 ? 192 GLY A CA  1 
ATOM   177  C  C   . GLY A 1 23  ? 6.979   10.368  12.735  1.00 45.89 ? 192 GLY A C   1 
ATOM   178  O  O   . GLY A 1 23  ? 7.256   11.559  12.897  1.00 46.27 ? 192 GLY A O   1 
ATOM   179  N  N   . ALA A 1 24  ? 7.906   9.431   12.531  1.00 47.00 ? 193 ALA A N   1 
ATOM   180  C  CA  . ALA A 1 24  ? 9.339   9.732   12.516  1.00 48.29 ? 193 ALA A CA  1 
ATOM   181  C  C   . ALA A 1 24  ? 10.077  8.917   11.461  1.00 49.19 ? 193 ALA A C   1 
ATOM   182  O  O   . ALA A 1 24  ? 9.759   7.751   11.239  1.00 49.46 ? 193 ALA A O   1 
ATOM   183  C  CB  . ALA A 1 24  ? 9.953   9.506   13.902  1.00 48.11 ? 193 ALA A CB  1 
ATOM   184  N  N   . LYS A 1 25  ? 11.065  9.535   10.819  1.00 50.36 ? 194 LYS A N   1 
ATOM   185  C  CA  . LYS A 1 25  ? 11.810  8.900   9.730   1.00 51.67 ? 194 LYS A CA  1 
ATOM   186  C  C   . LYS A 1 25  ? 13.002  8.060   10.218  1.00 52.38 ? 194 LYS A C   1 
ATOM   187  O  O   . LYS A 1 25  ? 13.509  8.265   11.326  1.00 52.14 ? 194 LYS A O   1 
ATOM   188  C  CB  . LYS A 1 25  ? 12.277  9.957   8.723   1.00 51.79 ? 194 LYS A CB  1 
ATOM   189  C  CG  . LYS A 1 25  ? 11.153  10.580  7.900   1.00 52.67 ? 194 LYS A CG  1 
ATOM   190  C  CD  . LYS A 1 25  ? 11.671  11.722  7.035   1.00 53.84 ? 194 LYS A CD  1 
ATOM   191  C  CE  . LYS A 1 25  ? 10.572  12.279  6.142   1.00 54.15 ? 194 LYS A CE  1 
ATOM   192  N  NZ  . LYS A 1 25  ? 11.094  13.335  5.220   1.00 54.95 ? 194 LYS A NZ  1 
ATOM   193  N  N   . ASP A 1 26  ? 13.434  7.122   9.372   1.00 53.26 ? 195 ASP A N   1 
ATOM   194  C  CA  . ASP A 1 26  ? 14.544  6.203   9.662   1.00 54.37 ? 195 ASP A CA  1 
ATOM   195  C  C   . ASP A 1 26  ? 15.831  6.623   8.931   1.00 55.06 ? 195 ASP A C   1 
ATOM   196  O  O   . ASP A 1 26  ? 15.768  7.169   7.828   1.00 55.02 ? 195 ASP A O   1 
ATOM   197  C  CB  . ASP A 1 26  ? 14.145  4.780   9.241   1.00 54.30 ? 195 ASP A CB  1 
ATOM   198  C  CG  . ASP A 1 26  ? 15.048  3.694   9.832   1.00 54.95 ? 195 ASP A CG  1 
ATOM   199  O  OD1 . ASP A 1 26  ? 16.048  4.010   10.515  1.00 55.23 ? 195 ASP A OD1 1 
ATOM   200  O  OD2 . ASP A 1 26  ? 14.744  2.501   9.604   1.00 55.73 ? 195 ASP A OD2 1 
ATOM   201  N  N   . THR A 1 27  ? 16.988  6.362   9.546   1.00 55.92 ? 196 THR A N   1 
ATOM   202  C  CA  . THR A 1 27  ? 18.292  6.620   8.915   1.00 56.76 ? 196 THR A CA  1 
ATOM   203  C  C   . THR A 1 27  ? 19.090  5.333   8.610   1.00 57.07 ? 196 THR A C   1 
ATOM   204  O  O   . THR A 1 27  ? 19.348  4.517   9.505   1.00 57.10 ? 196 THR A O   1 
ATOM   205  C  CB  . THR A 1 27  ? 19.160  7.585   9.765   1.00 56.93 ? 196 THR A CB  1 
ATOM   206  O  OG1 . THR A 1 27  ? 18.394  8.746   10.117  1.00 57.50 ? 196 THR A OG1 1 
ATOM   207  C  CG2 . THR A 1 27  ? 20.416  8.021   9.000   1.00 57.35 ? 196 THR A CG2 1 
ATOM   208  N  N   . LYS A 1 28  ? 19.466  5.174   7.336   1.00 57.32 ? 197 LYS A N   1 
ATOM   209  C  CA  . LYS A 1 28  ? 20.372  4.112   6.861   1.00 57.37 ? 197 LYS A CA  1 
ATOM   210  C  C   . LYS A 1 28  ? 19.815  2.700   7.019   1.00 57.55 ? 197 LYS A C   1 
ATOM   211  O  O   . LYS A 1 28  ? 19.550  2.013   6.025   1.00 57.45 ? 197 LYS A O   1 
ATOM   212  C  CB  . LYS A 1 28  ? 21.756  4.229   7.519   1.00 57.41 ? 197 LYS A CB  1 
ATOM   213  N  N   . GLY A 1 34  ? 18.470  1.281   -3.530  1.00 47.43 ? 203 GLY A N   1 
ATOM   214  C  CA  . GLY A 1 34  ? 19.344  2.177   -2.760  1.00 47.25 ? 203 GLY A CA  1 
ATOM   215  C  C   . GLY A 1 34  ? 19.058  3.638   -3.064  1.00 47.15 ? 203 GLY A C   1 
ATOM   216  O  O   . GLY A 1 34  ? 18.401  4.336   -2.281  1.00 47.01 ? 203 GLY A O   1 
ATOM   217  N  N   . ALA A 1 35  ? 19.574  4.103   -4.202  1.00 46.72 ? 204 ALA A N   1 
ATOM   218  C  CA  . ALA A 1 35  ? 19.256  5.429   -4.725  1.00 45.92 ? 204 ALA A CA  1 
ATOM   219  C  C   . ALA A 1 35  ? 17.824  5.405   -5.251  1.00 45.28 ? 204 ALA A C   1 
ATOM   220  O  O   . ALA A 1 35  ? 17.043  6.313   -4.981  1.00 44.84 ? 204 ALA A O   1 
ATOM   221  C  CB  . ALA A 1 35  ? 20.229  5.820   -5.825  1.00 46.03 ? 204 ALA A CB  1 
ATOM   222  N  N   . THR A 1 36  ? 17.491  4.351   -5.993  1.00 44.56 ? 205 THR A N   1 
ATOM   223  C  CA  . THR A 1 36  ? 16.111  4.115   -6.421  1.00 43.90 ? 205 THR A CA  1 
ATOM   224  C  C   . THR A 1 36  ? 15.182  3.871   -5.232  1.00 42.70 ? 205 THR A C   1 
ATOM   225  O  O   . THR A 1 36  ? 14.065  4.367   -5.239  1.00 42.62 ? 205 THR A O   1 
ATOM   226  C  CB  . THR A 1 36  ? 15.986  2.972   -7.444  1.00 44.17 ? 205 THR A CB  1 
ATOM   227  O  OG1 . THR A 1 36  ? 14.604  2.560   -7.546  1.00 44.15 ? 205 THR A OG1 1 
ATOM   228  C  CG2 . THR A 1 36  ? 16.869  1.786   -7.036  1.00 45.37 ? 205 THR A CG2 1 
ATOM   229  N  N   . SER A 1 37  ? 15.641  3.124   -4.223  1.00 41.26 ? 206 SER A N   1 
ATOM   230  C  CA  . SER A 1 37  ? 14.823  2.884   -3.020  1.00 39.87 ? 206 SER A CA  1 
ATOM   231  C  C   . SER A 1 37  ? 14.529  4.185   -2.278  1.00 39.09 ? 206 SER A C   1 
ATOM   232  O  O   . SER A 1 37  ? 13.405  4.398   -1.821  1.00 38.13 ? 206 SER A O   1 
ATOM   233  C  CB  . SER A 1 37  ? 15.494  1.891   -2.074  1.00 39.92 ? 206 SER A CB  1 
ATOM   234  O  OG  . SER A 1 37  ? 15.671  0.638   -2.703  1.00 39.72 ? 206 SER A OG  1 
ATOM   235  N  N   . ARG A 1 38  ? 15.545  5.048   -2.158  1.00 37.91 ? 207 ARG A N   1 
ATOM   236  C  CA  . ARG A 1 38  ? 15.361  6.359   -1.540  1.00 37.19 ? 207 ARG A CA  1 
ATOM   237  C  C   . ARG A 1 38  ? 14.348  7.182   -2.301  1.00 35.90 ? 207 ARG A C   1 
ATOM   238  O  O   . ARG A 1 38  ? 13.446  7.760   -1.705  1.00 35.24 ? 207 ARG A O   1 
ATOM   239  C  CB  . ARG A 1 38  ? 16.675  7.141   -1.459  1.00 37.29 ? 207 ARG A CB  1 
ATOM   240  C  CG  . ARG A 1 38  ? 17.283  7.131   -0.091  1.00 40.04 ? 207 ARG A CG  1 
ATOM   241  C  CD  . ARG A 1 38  ? 18.386  8.185   0.050   1.00 43.22 ? 207 ARG A CD  1 
ATOM   242  N  NE  . ARG A 1 38  ? 19.562  7.857   -0.757  1.00 47.55 ? 207 ARG A NE  1 
ATOM   243  C  CZ  . ARG A 1 38  ? 20.455  6.915   -0.451  1.00 49.17 ? 207 ARG A CZ  1 
ATOM   244  N  NH1 . ARG A 1 38  ? 20.320  6.179   0.652   1.00 49.32 ? 207 ARG A NH1 1 
ATOM   245  N  NH2 . ARG A 1 38  ? 21.487  6.702   -1.257  1.00 49.60 ? 207 ARG A NH2 1 
ATOM   246  N  N   . LYS A 1 39  ? 14.513  7.237   -3.618  1.00 35.10 ? 208 LYS A N   1 
ATOM   247  C  CA  . LYS A 1 39  ? 13.606  7.999   -4.465  1.00 34.54 ? 208 LYS A CA  1 
ATOM   248  C  C   . LYS A 1 39  ? 12.206  7.384   -4.485  1.00 33.54 ? 208 LYS A C   1 
ATOM   249  O  O   . LYS A 1 39  ? 11.213  8.104   -4.543  1.00 33.28 ? 208 LYS A O   1 
ATOM   250  C  CB  . LYS A 1 39  ? 14.158  8.129   -5.888  1.00 35.24 ? 208 LYS A CB  1 
ATOM   251  C  CG  . LYS A 1 39  ? 15.121  9.312   -6.101  1.00 36.78 ? 208 LYS A CG  1 
ATOM   252  C  CD  . LYS A 1 39  ? 16.582  8.878   -5.992  1.00 41.09 ? 208 LYS A CD  1 
ATOM   253  C  CE  . LYS A 1 39  ? 17.574  9.920   -6.551  1.00 43.11 ? 208 LYS A CE  1 
ATOM   254  N  NZ  . LYS A 1 39  ? 17.677  9.852   -8.048  1.00 44.06 ? 208 LYS A NZ  1 
ATOM   255  N  N   . ALA A 1 40  ? 12.131  6.055   -4.446  1.00 32.04 ? 209 ALA A N   1 
ATOM   256  C  CA  . ALA A 1 40  ? 10.834  5.375   -4.346  1.00 31.85 ? 209 ALA A CA  1 
ATOM   257  C  C   . ALA A 1 40  ? 10.130  5.793   -3.054  1.00 31.49 ? 209 ALA A C   1 
ATOM   258  O  O   . ALA A 1 40  ? 8.958   6.142   -3.083  1.00 30.93 ? 209 ALA A O   1 
ATOM   259  C  CB  . ALA A 1 40  ? 10.994  3.849   -4.411  1.00 30.98 ? 209 ALA A CB  1 
ATOM   260  N  N   . LEU A 1 41  ? 10.864  5.791   -1.935  1.00 31.58 ? 210 LEU A N   1 
ATOM   261  C  CA  . LEU A 1 41  ? 10.299  6.213   -0.648  1.00 32.33 ? 210 LEU A CA  1 
ATOM   262  C  C   . LEU A 1 41  ? 9.832   7.681   -0.644  1.00 32.72 ? 210 LEU A C   1 
ATOM   263  O  O   . LEU A 1 41  ? 8.753   7.970   -0.129  1.00 33.48 ? 210 LEU A O   1 
ATOM   264  C  CB  . LEU A 1 41  ? 11.270  5.943   0.518   1.00 32.73 ? 210 LEU A CB  1 
ATOM   265  C  CG  . LEU A 1 41  ? 10.727  6.165   1.942   1.00 33.10 ? 210 LEU A CG  1 
ATOM   266  C  CD1 . LEU A 1 41  ? 9.427   5.402   2.213   1.00 35.05 ? 210 LEU A CD1 1 
ATOM   267  C  CD2 . LEU A 1 41  ? 11.778  5.812   2.986   1.00 33.78 ? 210 LEU A CD2 1 
ATOM   268  N  N   . GLU A 1 42  ? 10.637  8.597   -1.196  1.00 32.86 ? 211 GLU A N   1 
ATOM   269  C  CA  . GLU A 1 42  ? 10.235  10.004  -1.346  1.00 33.22 ? 211 GLU A CA  1 
ATOM   270  C  C   . GLU A 1 42  ? 8.958   10.150  -2.170  1.00 33.03 ? 211 GLU A C   1 
ATOM   271  O  O   . GLU A 1 42  ? 8.076   10.936  -1.838  1.00 32.79 ? 211 GLU A O   1 
ATOM   272  C  CB  . GLU A 1 42  ? 11.342  10.830  -2.006  1.00 33.37 ? 211 GLU A CB  1 
ATOM   273  C  CG  . GLU A 1 42  ? 12.608  10.946  -1.193  1.00 36.79 ? 211 GLU A CG  1 
ATOM   274  C  CD  . GLU A 1 42  ? 13.803  11.461  -1.997  1.00 40.81 ? 211 GLU A CD  1 
ATOM   275  O  OE1 . GLU A 1 42  ? 13.666  11.701  -3.226  1.00 41.05 ? 211 GLU A OE1 1 
ATOM   276  O  OE2 . GLU A 1 42  ? 14.884  11.619  -1.380  1.00 42.21 ? 211 GLU A OE2 1 
ATOM   277  N  N   . THR A 1 43  ? 8.886   9.410   -3.270  1.00 32.98 ? 212 THR A N   1 
ATOM   278  C  CA  . THR A 1 43  ? 7.682   9.369   -4.093  1.00 33.20 ? 212 THR A CA  1 
ATOM   279  C  C   . THR A 1 43  ? 6.476   8.839   -3.306  1.00 33.53 ? 212 THR A C   1 
ATOM   280  O  O   . THR A 1 43  ? 5.382   9.412   -3.368  1.00 33.60 ? 212 THR A O   1 
ATOM   281  C  CB  . THR A 1 43  ? 7.912   8.510   -5.354  1.00 33.05 ? 212 THR A CB  1 
ATOM   282  O  OG1 . THR A 1 43  ? 8.978   9.082   -6.123  1.00 33.83 ? 212 THR A OG1 1 
ATOM   283  C  CG2 . THR A 1 43  ? 6.658   8.438   -6.210  1.00 33.05 ? 212 THR A CG2 1 
ATOM   284  N  N   . LEU A 1 44  ? 6.677   7.742   -2.584  1.00 33.15 ? 213 LEU A N   1 
ATOM   285  C  CA  . LEU A 1 44  ? 5.611   7.130   -1.799  1.00 33.62 ? 213 LEU A CA  1 
ATOM   286  C  C   . LEU A 1 44  ? 5.076   8.088   -0.729  1.00 33.79 ? 213 LEU A C   1 
ATOM   287  O  O   . LEU A 1 44  ? 3.854   8.231   -0.564  1.00 33.26 ? 213 LEU A O   1 
ATOM   288  C  CB  . LEU A 1 44  ? 6.122   5.814   -1.185  1.00 33.28 ? 213 LEU A CB  1 
ATOM   289  C  CG  . LEU A 1 44  ? 5.193   4.824   -0.514  1.00 34.01 ? 213 LEU A CG  1 
ATOM   290  C  CD1 . LEU A 1 44  ? 3.934   4.491   -1.370  1.00 30.38 ? 213 LEU A CD1 1 
ATOM   291  C  CD2 . LEU A 1 44  ? 6.010   3.559   -0.152  1.00 34.00 ? 213 LEU A CD2 1 
ATOM   292  N  N   . ARG A 1 45  ? 5.987   8.782   -0.037  1.00 33.82 ? 214 ARG A N   1 
ATOM   293  C  CA  . ARG A 1 45  ? 5.600   9.831   0.903   1.00 34.21 ? 214 ARG A CA  1 
ATOM   294  C  C   . ARG A 1 45  ? 4.695   10.874  0.259   1.00 34.48 ? 214 ARG A C   1 
ATOM   295  O  O   . ARG A 1 45  ? 3.633   11.203  0.788   1.00 34.97 ? 214 ARG A O   1 
ATOM   296  C  CB  . ARG A 1 45  ? 6.825   10.556  1.442   1.00 34.02 ? 214 ARG A CB  1 
ATOM   297  C  CG  . ARG A 1 45  ? 7.640   9.765   2.414   1.00 34.61 ? 214 ARG A CG  1 
ATOM   298  C  CD  . ARG A 1 45  ? 8.793   10.618  2.916   1.00 35.24 ? 214 ARG A CD  1 
ATOM   299  N  NE  . ARG A 1 45  ? 9.653   9.840   3.792   1.00 34.44 ? 214 ARG A NE  1 
ATOM   300  C  CZ  . ARG A 1 45  ? 10.953  9.661   3.616   1.00 36.73 ? 214 ARG A CZ  1 
ATOM   301  N  NH1 . ARG A 1 45  ? 11.580  10.234  2.593   1.00 39.05 ? 214 ARG A NH1 1 
ATOM   302  N  NH2 . ARG A 1 45  ? 11.636  8.927   4.486   1.00 36.17 ? 214 ARG A NH2 1 
ATOM   303  N  N   . ARG A 1 46  ? 5.131   11.395  -0.882  1.00 34.07 ? 215 ARG A N   1 
ATOM   304  C  CA  . ARG A 1 46  ? 4.404   12.438  -1.586  1.00 33.39 ? 215 ARG A CA  1 
ATOM   305  C  C   . ARG A 1 46  ? 3.036   11.934  -2.096  1.00 33.24 ? 215 ARG A C   1 
ATOM   306  O  O   . ARG A 1 46  ? 1.999   12.551  -1.823  1.00 31.84 ? 215 ARG A O   1 
ATOM   307  C  CB  . ARG A 1 46  ? 5.257   12.981  -2.737  1.00 33.25 ? 215 ARG A CB  1 
ATOM   308  C  CG  . ARG A 1 46  ? 4.515   13.880  -3.700  1.00 33.86 ? 215 ARG A CG  1 
ATOM   309  C  CD  . ARG A 1 46  ? 5.465   14.599  -4.646  1.00 34.85 ? 215 ARG A CD  1 
ATOM   310  N  NE  . ARG A 1 46  ? 6.386   13.703  -5.358  1.00 32.76 ? 215 ARG A NE  1 
ATOM   311  C  CZ  . ARG A 1 46  ? 6.087   13.026  -6.465  1.00 33.21 ? 215 ARG A CZ  1 
ATOM   312  N  NH1 . ARG A 1 46  ? 4.875   13.102  -7.012  1.00 30.91 ? 215 ARG A NH1 1 
ATOM   313  N  NH2 . ARG A 1 46  ? 7.011   12.265  -7.034  1.00 32.73 ? 215 ARG A NH2 1 
ATOM   314  N  N   . VAL A 1 47  ? 3.032   10.836  -2.844  1.00 32.78 ? 216 VAL A N   1 
ATOM   315  C  CA  . VAL A 1 47  ? 1.793   10.400  -3.491  1.00 34.07 ? 216 VAL A CA  1 
ATOM   316  C  C   . VAL A 1 47  ? 0.882   9.628   -2.510  1.00 34.43 ? 216 VAL A C   1 
ATOM   317  O  O   . VAL A 1 47  ? -0.337  9.667   -2.644  1.00 35.20 ? 216 VAL A O   1 
ATOM   318  C  CB  . VAL A 1 47  ? 2.046   9.561   -4.800  1.00 34.01 ? 216 VAL A CB  1 
ATOM   319  C  CG1 . VAL A 1 47  ? 2.852   10.389  -5.831  1.00 33.93 ? 216 VAL A CG1 1 
ATOM   320  C  CG2 . VAL A 1 47  ? 2.770   8.256   -4.505  1.00 36.31 ? 216 VAL A CG2 1 
ATOM   321  N  N   . GLY A 1 48  ? 1.490   8.923   -1.557  1.00 34.46 ? 217 GLY A N   1 
ATOM   322  C  CA  . GLY A 1 48  ? 0.755   8.195   -0.514  1.00 35.13 ? 217 GLY A CA  1 
ATOM   323  C  C   . GLY A 1 48  ? 0.024   9.143   0.422   1.00 35.36 ? 217 GLY A C   1 
ATOM   324  O  O   . GLY A 1 48  ? -1.133  8.900   0.796   1.00 35.48 ? 217 GLY A O   1 
ATOM   325  N  N   . ASP A 1 49  ? 0.684   10.229  0.799   1.00 35.21 ? 218 ASP A N   1 
ATOM   326  C  CA  . ASP A 1 49  ? 0.010   11.279  1.533   1.00 35.97 ? 218 ASP A CA  1 
ATOM   327  C  C   . ASP A 1 49  ? -1.095  11.899  0.680   1.00 35.82 ? 218 ASP A C   1 
ATOM   328  O  O   . ASP A 1 49  ? -2.187  12.145  1.174   1.00 36.04 ? 218 ASP A O   1 
ATOM   329  C  CB  . ASP A 1 49  ? 0.993   12.347  2.033   1.00 36.50 ? 218 ASP A CB  1 
ATOM   330  C  CG  . ASP A 1 49  ? 1.954   11.815  3.106   1.00 37.95 ? 218 ASP A CG  1 
ATOM   331  O  OD1 . ASP A 1 49  ? 2.000   10.586  3.351   1.00 39.83 ? 218 ASP A OD1 1 
ATOM   332  O  OD2 . ASP A 1 49  ? 2.682   12.636  3.693   1.00 40.62 ? 218 ASP A OD2 1 
ATOM   333  N  N   . GLY A 1 50  ? -0.811  12.130  -0.600  1.00 36.07 ? 219 GLY A N   1 
ATOM   334  C  CA  . GLY A 1 50  ? -1.813  12.685  -1.533  1.00 35.55 ? 219 GLY A CA  1 
ATOM   335  C  C   . GLY A 1 50  ? -3.096  11.862  -1.643  1.00 35.23 ? 219 GLY A C   1 
ATOM   336  O  O   . GLY A 1 50  ? -4.197  12.399  -1.518  1.00 34.29 ? 219 GLY A O   1 
ATOM   337  N  N   . VAL A 1 51  ? -2.968  10.552  -1.858  1.00 34.84 ? 220 VAL A N   1 
ATOM   338  C  CA  . VAL A 1 51  ? -4.172  9.684   -1.944  1.00 35.37 ? 220 VAL A CA  1 
ATOM   339  C  C   . VAL A 1 51  ? -5.020  9.706   -0.668  1.00 35.46 ? 220 VAL A C   1 
ATOM   340  O  O   . VAL A 1 51  ? -6.258  9.679   -0.722  1.00 36.10 ? 220 VAL A O   1 
ATOM   341  C  CB  . VAL A 1 51  ? -3.842  8.222   -2.415  1.00 35.61 ? 220 VAL A CB  1 
ATOM   342  C  CG1 . VAL A 1 51  ? -2.703  7.688   -1.687  1.00 36.37 ? 220 VAL A CG1 1 
ATOM   343  C  CG2 . VAL A 1 51  ? -5.041  7.265   -2.220  1.00 37.26 ? 220 VAL A CG2 1 
ATOM   344  N  N   . GLN A 1 52  ? -4.376  9.791   0.486   1.00 34.98 ? 221 GLN A N   1 
ATOM   345  C  CA  . GLN A 1 52  ? -5.141  9.828   1.714   1.00 35.92 ? 221 GLN A CA  1 
ATOM   346  C  C   . GLN A 1 52  ? -6.006  11.110  1.795   1.00 35.86 ? 221 GLN A C   1 
ATOM   347  O  O   . GLN A 1 52  ? -7.073  11.101  2.422   1.00 35.36 ? 221 GLN A O   1 
ATOM   348  C  CB  . GLN A 1 52  ? -4.221  9.651   2.920   1.00 36.71 ? 221 GLN A CB  1 
ATOM   349  C  CG  . GLN A 1 52  ? -3.583  8.256   2.974   1.00 38.67 ? 221 GLN A CG  1 
ATOM   350  C  CD  . GLN A 1 52  ? -2.802  8.000   4.250   1.00 43.72 ? 221 GLN A CD  1 
ATOM   351  O  OE1 . GLN A 1 52  ? -3.266  8.309   5.349   1.00 45.14 ? 221 GLN A OE1 1 
ATOM   352  N  NE2 . GLN A 1 52  ? -1.599  7.436   4.110   1.00 45.70 ? 221 GLN A NE2 1 
ATOM   353  N  N   . ARG A 1 53  ? -5.561  12.173  1.110   1.00 35.55 ? 222 ARG A N   1 
ATOM   354  C  CA  . ARG A 1 53  ? -6.283  13.453  1.016   1.00 35.28 ? 222 ARG A CA  1 
ATOM   355  C  C   . ARG A 1 53  ? -7.450  13.461  0.017   1.00 34.94 ? 222 ARG A C   1 
ATOM   356  O  O   . ARG A 1 53  ? -7.302  13.061  -1.141  1.00 35.55 ? 222 ARG A O   1 
ATOM   357  C  CB  . ARG A 1 53  ? -5.282  14.597  0.685   1.00 36.28 ? 222 ARG A CB  1 
ATOM   358  N  N   . ASN A 1 54  ? -8.588  13.993  0.455   1.00 34.64 ? 223 ASN A N   1 
ATOM   359  C  CA  . ASN A 1 54  ? -9.884  13.860  -0.243  1.00 33.98 ? 223 ASN A CA  1 
ATOM   360  C  C   . ASN A 1 54  ? -10.529 12.516  0.032   1.00 32.49 ? 223 ASN A C   1 
ATOM   361  O  O   . ASN A 1 54  ? -11.755 12.383  -0.053  1.00 32.93 ? 223 ASN A O   1 
ATOM   362  C  CB  . ASN A 1 54  ? -9.775  14.005  -1.761  1.00 34.34 ? 223 ASN A CB  1 
ATOM   363  C  CG  . ASN A 1 54  ? -9.624  15.437  -2.220  1.00 33.00 ? 223 ASN A CG  1 
ATOM   364  O  OD1 . ASN A 1 54  ? -9.637  16.398  -1.433  1.00 32.76 ? 223 ASN A OD1 1 
ATOM   365  N  ND2 . ASN A 1 54  ? -9.453  15.581  -3.516  1.00 28.00 ? 223 ASN A ND2 1 
ATOM   366  N  N   . HIS A 1 55  ? -9.715  11.523  0.373   1.00 31.57 ? 224 HIS A N   1 
ATOM   367  C  CA  . HIS A 1 55  ? -10.253 10.176  0.603   1.00 29.93 ? 224 HIS A CA  1 
ATOM   368  C  C   . HIS A 1 55  ? -10.261 9.741   2.072   1.00 30.44 ? 224 HIS A C   1 
ATOM   369  O  O   . HIS A 1 55  ? -10.369 8.551   2.369   1.00 29.69 ? 224 HIS A O   1 
ATOM   370  C  CB  . HIS A 1 55  ? -9.538  9.171   -0.302  1.00 29.24 ? 224 HIS A CB  1 
ATOM   371  C  CG  . HIS A 1 55  ? -9.553  9.578   -1.741  1.00 27.39 ? 224 HIS A CG  1 
ATOM   372  N  ND1 . HIS A 1 55  ? -8.422  9.976   -2.413  1.00 25.65 ? 224 HIS A ND1 1 
ATOM   373  C  CD2 . HIS A 1 55  ? -10.582 9.729   -2.610  1.00 25.81 ? 224 HIS A CD2 1 
ATOM   374  C  CE1 . HIS A 1 55  ? -8.745  10.331  -3.647  1.00 26.28 ? 224 HIS A CE1 1 
ATOM   375  N  NE2 . HIS A 1 55  ? -10.057 10.216  -3.787  1.00 22.35 ? 224 HIS A NE2 1 
ATOM   376  N  N   . GLU A 1 56  ? -10.179 10.715  2.981   1.00 30.67 ? 225 GLU A N   1 
ATOM   377  C  CA  . GLU A 1 56  ? -10.177 10.446  4.429   1.00 31.46 ? 225 GLU A CA  1 
ATOM   378  C  C   . GLU A 1 56  ? -11.444 9.728   4.873   1.00 30.85 ? 225 GLU A C   1 
ATOM   379  O  O   . GLU A 1 56  ? -11.393 8.734   5.600   1.00 29.93 ? 225 GLU A O   1 
ATOM   380  C  CB  . GLU A 1 56  ? -10.009 11.744  5.235   1.00 32.04 ? 225 GLU A CB  1 
ATOM   381  C  CG  . GLU A 1 56  ? -8.783  12.566  4.846   1.00 36.03 ? 225 GLU A CG  1 
ATOM   382  C  CD  . GLU A 1 56  ? -9.022  13.492  3.637   1.00 41.92 ? 225 GLU A CD  1 
ATOM   383  O  OE1 . GLU A 1 56  ? -10.158 13.549  3.099   1.00 43.75 ? 225 GLU A OE1 1 
ATOM   384  O  OE2 . GLU A 1 56  ? -8.062  14.173  3.220   1.00 44.45 ? 225 GLU A OE2 1 
ATOM   385  N  N   . THR A 1 57  ? -12.586 10.237  4.419   1.00 31.19 ? 226 THR A N   1 
ATOM   386  C  CA  . THR A 1 57  ? -13.876 9.638   4.741   1.00 31.06 ? 226 THR A CA  1 
ATOM   387  C  C   . THR A 1 57  ? -13.983 8.206   4.215   1.00 30.43 ? 226 THR A C   1 
ATOM   388  O  O   . THR A 1 57  ? -14.452 7.302   4.932   1.00 30.37 ? 226 THR A O   1 
ATOM   389  C  CB  . THR A 1 57  ? -15.034 10.505  4.214   1.00 31.62 ? 226 THR A CB  1 
ATOM   390  O  OG1 . THR A 1 57  ? -15.007 11.763  4.895   1.00 33.48 ? 226 THR A OG1 1 
ATOM   391  C  CG2 . THR A 1 57  ? -16.386 9.832   4.476   1.00 32.26 ? 226 THR A CG2 1 
ATOM   392  N  N   . ALA A 1 58  ? -13.547 7.998   2.972   1.00 29.20 ? 227 ALA A N   1 
ATOM   393  C  CA  . ALA A 1 58  ? -13.574 6.670   2.371   1.00 28.49 ? 227 ALA A CA  1 
ATOM   394  C  C   . ALA A 1 58  ? -12.642 5.723   3.117   1.00 28.04 ? 227 ALA A C   1 
ATOM   395  O  O   . ALA A 1 58  ? -13.036 4.608   3.425   1.00 27.36 ? 227 ALA A O   1 
ATOM   396  C  CB  . ALA A 1 58  ? -13.210 6.726   0.876   1.00 28.05 ? 227 ALA A CB  1 
ATOM   397  N  N   . PHE A 1 59  ? -11.419 6.171   3.419   1.00 27.91 ? 228 PHE A N   1 
ATOM   398  C  CA  . PHE A 1 59  ? -10.459 5.353   4.197   1.00 28.52 ? 228 PHE A CA  1 
ATOM   399  C  C   . PHE A 1 59  ? -10.994 4.972   5.594   1.00 29.21 ? 228 PHE A C   1 
ATOM   400  O  O   . PHE A 1 59  ? -10.893 3.813   5.990   1.00 29.22 ? 228 PHE A O   1 
ATOM   401  C  CB  . PHE A 1 59  ? -9.095  6.039   4.297   1.00 29.13 ? 228 PHE A CB  1 
ATOM   402  C  CG  . PHE A 1 59  ? -8.195  5.811   3.080   1.00 28.66 ? 228 PHE A CG  1 
ATOM   403  C  CD1 . PHE A 1 59  ? -8.735  5.687   1.800   1.00 32.34 ? 228 PHE A CD1 1 
ATOM   404  C  CD2 . PHE A 1 59  ? -6.812  5.740   3.224   1.00 31.00 ? 228 PHE A CD2 1 
ATOM   405  C  CE1 . PHE A 1 59  ? -7.892  5.463   0.660   1.00 32.69 ? 228 PHE A CE1 1 
ATOM   406  C  CE2 . PHE A 1 59  ? -5.965  5.521   2.099   1.00 31.72 ? 228 PHE A CE2 1 
ATOM   407  C  CZ  . PHE A 1 59  ? -6.523  5.385   0.821   1.00 30.52 ? 228 PHE A CZ  1 
ATOM   408  N  N   . GLN A 1 60  ? -11.563 5.937   6.316   1.00 29.39 ? 229 GLN A N   1 
ATOM   409  C  CA  . GLN A 1 60  ? -12.219 5.674   7.617   1.00 30.58 ? 229 GLN A CA  1 
ATOM   410  C  C   . GLN A 1 60  ? -13.299 4.608   7.465   1.00 30.73 ? 229 GLN A C   1 
ATOM   411  O  O   . GLN A 1 60  ? -13.383 3.678   8.275   1.00 30.93 ? 229 GLN A O   1 
ATOM   412  C  CB  . GLN A 1 60  ? -12.877 6.939   8.193   1.00 30.82 ? 229 GLN A CB  1 
ATOM   413  C  CG  . GLN A 1 60  ? -11.940 8.068   8.619   1.00 33.82 ? 229 GLN A CG  1 
ATOM   414  C  CD  . GLN A 1 60  ? -12.701 9.348   8.992   1.00 38.89 ? 229 GLN A CD  1 
ATOM   415  O  OE1 . GLN A 1 60  ? -13.921 9.324   9.209   1.00 40.56 ? 229 GLN A OE1 1 
ATOM   416  N  NE2 . GLN A 1 60  ? -11.978 10.466  9.081   1.00 40.30 ? 229 GLN A NE2 1 
ATOM   417  N  N   . GLY A 1 61  ? -14.133 4.761   6.433   1.00 31.00 ? 230 GLY A N   1 
ATOM   418  C  CA  . GLY A 1 61  ? -15.204 3.807   6.125   1.00 31.24 ? 230 GLY A CA  1 
ATOM   419  C  C   . GLY A 1 61  ? -14.697 2.405   5.844   1.00 31.83 ? 230 GLY A C   1 
ATOM   420  O  O   . GLY A 1 61  ? -15.243 1.430   6.355   1.00 31.55 ? 230 GLY A O   1 
ATOM   421  N  N   . MET A 1 62  ? -13.649 2.302   5.028   1.00 32.19 ? 231 MET A N   1 
ATOM   422  C  CA  . MET A 1 62  ? -13.004 1.013   4.727   1.00 32.46 ? 231 MET A CA  1 
ATOM   423  C  C   . MET A 1 62  ? -12.368 0.359   5.945   1.00 32.72 ? 231 MET A C   1 
ATOM   424  O  O   . MET A 1 62  ? -12.492 -0.853  6.136   1.00 32.30 ? 231 MET A O   1 
ATOM   425  C  CB  . MET A 1 62  ? -11.938 1.186   3.656   1.00 32.34 ? 231 MET A CB  1 
ATOM   426  C  CG  . MET A 1 62  ? -12.476 1.367   2.258   1.00 34.79 ? 231 MET A CG  1 
ATOM   427  S  SD  . MET A 1 62  ? -11.115 1.594   1.100   1.00 39.87 ? 231 MET A SD  1 
ATOM   428  C  CE  . MET A 1 62  ? -10.958 3.344   1.161   1.00 39.15 ? 231 MET A CE  1 
ATOM   429  N  N   . LEU A 1 63  ? -11.661 1.157   6.742   1.00 32.85 ? 232 LEU A N   1 
ATOM   430  C  CA  . LEU A 1 63  ? -11.078 0.691   7.996   1.00 34.16 ? 232 LEU A CA  1 
ATOM   431  C  C   . LEU A 1 63  ? -12.148 0.079   8.924   1.00 34.51 ? 232 LEU A C   1 
ATOM   432  O  O   . LEU A 1 63  ? -11.966 -1.017  9.452   1.00 34.48 ? 232 LEU A O   1 
ATOM   433  C  CB  . LEU A 1 63  ? -10.333 1.838   8.699   1.00 34.15 ? 232 LEU A CB  1 
ATOM   434  C  CG  . LEU A 1 63  ? -9.735  1.543   10.088  1.00 36.63 ? 232 LEU A CG  1 
ATOM   435  C  CD1 . LEU A 1 63  ? -8.593  0.533   10.014  1.00 39.06 ? 232 LEU A CD1 1 
ATOM   436  C  CD2 . LEU A 1 63  ? -9.278  2.825   10.775  1.00 38.51 ? 232 LEU A CD2 1 
ATOM   437  N  N   . ARG A 1 64  ? -13.263 0.785   9.085   1.00 34.94 ? 233 ARG A N   1 
ATOM   438  C  CA  . ARG A 1 64  ? -14.399 0.303   9.882   1.00 36.21 ? 233 ARG A CA  1 
ATOM   439  C  C   . ARG A 1 64  ? -14.882 -1.071  9.389   1.00 36.52 ? 233 ARG A C   1 
ATOM   440  O  O   . ARG A 1 64  ? -15.003 -2.002  10.181  1.00 36.14 ? 233 ARG A O   1 
ATOM   441  C  CB  . ARG A 1 64  ? -15.524 1.352   9.858   1.00 36.20 ? 233 ARG A CB  1 
ATOM   442  C  CG  . ARG A 1 64  ? -16.685 1.135   10.829  1.00 38.69 ? 233 ARG A CG  1 
ATOM   443  C  CD  . ARG A 1 64  ? -17.443 2.449   11.128  1.00 41.96 ? 233 ARG A CD  1 
ATOM   444  N  NE  . ARG A 1 64  ? -17.566 3.343   9.964   1.00 44.11 ? 233 ARG A NE  1 
ATOM   445  C  CZ  . ARG A 1 64  ? -16.889 4.485   9.808   1.00 45.16 ? 233 ARG A CZ  1 
ATOM   446  N  NH1 . ARG A 1 64  ? -16.029 4.897   10.736  1.00 45.01 ? 233 ARG A NH1 1 
ATOM   447  N  NH2 . ARG A 1 64  ? -17.069 5.220   8.715   1.00 44.69 ? 233 ARG A NH2 1 
ATOM   448  N  N   . LYS A 1 65  ? -15.111 -1.203  8.079   1.00 36.93 ? 234 LYS A N   1 
ATOM   449  C  CA  . LYS A 1 65  ? -15.582 -2.468  7.497   1.00 37.69 ? 234 LYS A CA  1 
ATOM   450  C  C   . LYS A 1 65  ? -14.547 -3.587  7.588   1.00 37.68 ? 234 LYS A C   1 
ATOM   451  O  O   . LYS A 1 65  ? -14.909 -4.751  7.743   1.00 37.01 ? 234 LYS A O   1 
ATOM   452  C  CB  . LYS A 1 65  ? -15.996 -2.296  6.031   1.00 38.37 ? 234 LYS A CB  1 
ATOM   453  C  CG  . LYS A 1 65  ? -17.120 -1.301  5.777   1.00 40.53 ? 234 LYS A CG  1 
ATOM   454  C  CD  . LYS A 1 65  ? -18.486 -1.944  5.736   1.00 43.68 ? 234 LYS A CD  1 
ATOM   455  C  CE  . LYS A 1 65  ? -19.487 -0.995  5.090   1.00 45.27 ? 234 LYS A CE  1 
ATOM   456  N  NZ  . LYS A 1 65  ? -20.839 -1.099  5.696   1.00 45.86 ? 234 LYS A NZ  1 
ATOM   457  N  N   . LEU A 1 66  ? -13.266 -3.233  7.459   1.00 37.90 ? 235 LEU A N   1 
ATOM   458  C  CA  . LEU A 1 66  ? -12.171 -4.202  7.551   1.00 38.38 ? 235 LEU A CA  1 
ATOM   459  C  C   . LEU A 1 66  ? -12.169 -4.912  8.904   1.00 39.12 ? 235 LEU A C   1 
ATOM   460  O  O   . LEU A 1 66  ? -11.860 -6.103  8.988   1.00 39.11 ? 235 LEU A O   1 
ATOM   461  C  CB  . LEU A 1 66  ? -10.824 -3.511  7.331   1.00 37.82 ? 235 LEU A CB  1 
ATOM   462  C  CG  . LEU A 1 66  ? -9.580  -4.393  7.192   1.00 37.21 ? 235 LEU A CG  1 
ATOM   463  C  CD1 . LEU A 1 66  ? -9.625  -5.197  5.903   1.00 37.88 ? 235 LEU A CD1 1 
ATOM   464  C  CD2 . LEU A 1 66  ? -8.319  -3.528  7.253   1.00 37.03 ? 235 LEU A CD2 1 
ATOM   465  N  N   . ASP A 1 67  ? -12.494 -4.156  9.950   1.00 39.99 ? 236 ASP A N   1 
ATOM   466  C  CA  . ASP A 1 67  ? -12.669 -4.678  11.307  1.00 41.39 ? 236 ASP A CA  1 
ATOM   467  C  C   . ASP A 1 67  ? -11.445 -5.479  11.787  1.00 41.69 ? 236 ASP A C   1 
ATOM   468  O  O   . ASP A 1 67  ? -11.584 -6.550  12.395  1.00 42.07 ? 236 ASP A O   1 
ATOM   469  C  CB  . ASP A 1 67  ? -13.958 -5.515  11.376  1.00 41.56 ? 236 ASP A CB  1 
ATOM   470  C  CG  . ASP A 1 67  ? -14.384 -5.825  12.791  1.00 43.13 ? 236 ASP A CG  1 
ATOM   471  O  OD1 . ASP A 1 67  ? -14.301 -4.930  13.664  1.00 44.69 ? 236 ASP A OD1 1 
ATOM   472  O  OD2 . ASP A 1 67  ? -14.819 -6.974  13.028  1.00 46.18 ? 236 ASP A OD2 1 
ATOM   473  N  N   . ILE A 1 68  ? -10.252 -4.951  11.504  1.00 41.76 ? 237 ILE A N   1 
ATOM   474  C  CA  . ILE A 1 68  ? -8.990  -5.609  11.867  1.00 41.97 ? 237 ILE A CA  1 
ATOM   475  C  C   . ILE A 1 68  ? -8.887  -5.705  13.392  1.00 41.76 ? 237 ILE A C   1 
ATOM   476  O  O   . ILE A 1 68  ? -8.967  -4.694  14.081  1.00 42.21 ? 237 ILE A O   1 
ATOM   477  C  CB  . ILE A 1 68  ? -7.749  -4.882  11.244  1.00 41.70 ? 237 ILE A CB  1 
ATOM   478  C  CG1 . ILE A 1 68  ? -6.483  -5.734  11.392  1.00 41.73 ? 237 ILE A CG1 1 
ATOM   479  C  CG2 . ILE A 1 68  ? -7.565  -3.483  11.855  1.00 42.64 ? 237 ILE A CG2 1 
ATOM   480  C  CD1 . ILE A 1 68  ? -5.328  -5.335  10.465  1.00 42.24 ? 237 ILE A CD1 1 
ATOM   481  N  N   . LYS A 1 69  ? -8.729  -6.926  13.900  1.00 41.72 ? 238 LYS A N   1 
ATOM   482  C  CA  . LYS A 1 69  ? -8.754  -7.185  15.348  1.00 41.76 ? 238 LYS A CA  1 
ATOM   483  C  C   . LYS A 1 69  ? -7.430  -6.921  16.066  1.00 41.41 ? 238 LYS A C   1 
ATOM   484  O  O   . LYS A 1 69  ? -7.425  -6.593  17.255  1.00 41.45 ? 238 LYS A O   1 
ATOM   485  C  CB  . LYS A 1 69  ? -9.214  -8.618  15.632  1.00 41.97 ? 238 LYS A CB  1 
ATOM   486  C  CG  . LYS A 1 69  ? -10.731 -8.820  15.590  1.00 43.52 ? 238 LYS A CG  1 
ATOM   487  C  CD  . LYS A 1 69  ? -11.170 -9.381  14.255  1.00 45.40 ? 238 LYS A CD  1 
ATOM   488  C  CE  . LYS A 1 69  ? -12.649 -9.162  13.977  1.00 46.87 ? 238 LYS A CE  1 
ATOM   489  N  NZ  . LYS A 1 69  ? -12.864 -8.995  12.496  1.00 48.43 ? 238 LYS A NZ  1 
ATOM   490  N  N   . ASN A 1 70  ? -6.317  -7.079  15.347  1.00 40.92 ? 239 ASN A N   1 
ATOM   491  C  CA  . ASN A 1 70  ? -4.968  -6.917  15.898  1.00 40.44 ? 239 ASN A CA  1 
ATOM   492  C  C   . ASN A 1 70  ? -3.924  -6.872  14.782  1.00 40.45 ? 239 ASN A C   1 
ATOM   493  O  O   . ASN A 1 70  ? -4.258  -7.078  13.612  1.00 39.99 ? 239 ASN A O   1 
ATOM   494  C  CB  . ASN A 1 70  ? -4.644  -8.055  16.882  1.00 40.39 ? 239 ASN A CB  1 
ATOM   495  C  CG  . ASN A 1 70  ? -4.688  -9.425  16.224  1.00 40.20 ? 239 ASN A CG  1 
ATOM   496  O  OD1 . ASN A 1 70  ? -3.979  -9.684  15.256  1.00 39.10 ? 239 ASN A OD1 1 
ATOM   497  N  ND2 . ASN A 1 70  ? -5.525  -10.307 16.749  1.00 40.84 ? 239 ASN A ND2 1 
ATOM   498  N  N   . GLU A 1 71  ? -2.665  -6.633  15.151  1.00 40.37 ? 240 GLU A N   1 
ATOM   499  C  CA  . GLU A 1 71  ? -1.553  -6.478  14.194  1.00 40.88 ? 240 GLU A CA  1 
ATOM   500  C  C   . GLU A 1 71  ? -1.343  -7.673  13.243  1.00 40.55 ? 240 GLU A C   1 
ATOM   501  O  O   . GLU A 1 71  ? -0.730  -7.524  12.181  1.00 40.02 ? 240 GLU A O   1 
ATOM   502  C  CB  . GLU A 1 71  ? -0.243  -6.170  14.941  1.00 41.22 ? 240 GLU A CB  1 
ATOM   503  C  CG  . GLU A 1 71  ? 0.095   -7.171  16.050  1.00 43.33 ? 240 GLU A CG  1 
ATOM   504  C  CD  . GLU A 1 71  ? 1.553   -7.107  16.494  1.00 46.47 ? 240 GLU A CD  1 
ATOM   505  O  OE1 . GLU A 1 71  ? 1.873   -6.318  17.408  1.00 47.33 ? 240 GLU A OE1 1 
ATOM   506  O  OE2 . GLU A 1 71  ? 2.380   -7.873  15.942  1.00 48.50 ? 240 GLU A OE2 1 
ATOM   507  N  N   . ASP A 1 72  ? -1.840  -8.848  13.642  1.00 40.39 ? 241 ASP A N   1 
ATOM   508  C  CA  . ASP A 1 72  ? -1.656  -10.100 12.893  1.00 40.56 ? 241 ASP A CA  1 
ATOM   509  C  C   . ASP A 1 72  ? -2.836  -10.460 11.995  1.00 40.67 ? 241 ASP A C   1 
ATOM   510  O  O   . ASP A 1 72  ? -2.759  -11.414 11.217  1.00 40.45 ? 241 ASP A O   1 
ATOM   511  C  CB  . ASP A 1 72  ? -1.422  -11.267 13.862  1.00 40.55 ? 241 ASP A CB  1 
ATOM   512  C  CG  . ASP A 1 72  ? -0.138  -11.125 14.648  1.00 40.44 ? 241 ASP A CG  1 
ATOM   513  O  OD1 . ASP A 1 72  ? 0.930   -10.980 14.012  1.00 40.82 ? 241 ASP A OD1 1 
ATOM   514  O  OD2 . ASP A 1 72  ? -0.181  -11.154 15.900  1.00 39.66 ? 241 ASP A OD2 1 
ATOM   515  N  N   . ASP A 1 73  ? -3.926  -9.708  12.124  1.00 40.93 ? 242 ASP A N   1 
ATOM   516  C  CA  . ASP A 1 73  ? -5.182  -10.016 11.452  1.00 41.51 ? 242 ASP A CA  1 
ATOM   517  C  C   . ASP A 1 73  ? -5.187  -9.476  10.025  1.00 41.30 ? 242 ASP A C   1 
ATOM   518  O  O   . ASP A 1 73  ? -5.911  -8.527  9.711   1.00 41.59 ? 242 ASP A O   1 
ATOM   519  C  CB  . ASP A 1 73  ? -6.350  -9.439  12.260  1.00 42.27 ? 242 ASP A CB  1 
ATOM   520  C  CG  . ASP A 1 73  ? -7.708  -9.926  11.774  1.00 43.79 ? 242 ASP A CG  1 
ATOM   521  O  OD1 . ASP A 1 73  ? -7.756  -10.904 10.997  1.00 45.61 ? 242 ASP A OD1 1 
ATOM   522  O  OD2 . ASP A 1 73  ? -8.731  -9.338  12.186  1.00 45.41 ? 242 ASP A OD2 1 
ATOM   523  N  N   . VAL A 1 74  ? -4.371  -10.081 9.163   1.00 40.80 ? 243 VAL A N   1 
ATOM   524  C  CA  . VAL A 1 74  ? -4.129  -9.532  7.823   1.00 40.17 ? 243 VAL A CA  1 
ATOM   525  C  C   . VAL A 1 74  ? -4.770  -10.342 6.698   1.00 40.13 ? 243 VAL A C   1 
ATOM   526  O  O   . VAL A 1 74  ? -4.681  -9.957  5.524   1.00 39.84 ? 243 VAL A O   1 
ATOM   527  C  CB  . VAL A 1 74  ? -2.612  -9.341  7.531   1.00 40.24 ? 243 VAL A CB  1 
ATOM   528  C  CG1 . VAL A 1 74  ? -1.985  -8.353  8.497   1.00 40.01 ? 243 VAL A CG1 1 
ATOM   529  C  CG2 . VAL A 1 74  ? -1.866  -10.679 7.552   1.00 40.87 ? 243 VAL A CG2 1 
ATOM   530  N  N   . LYS A 1 75  ? -5.414  -11.456 7.045   1.00 39.40 ? 244 LYS A N   1 
ATOM   531  C  CA  . LYS A 1 75  ? -6.045  -12.302 6.035   1.00 39.57 ? 244 LYS A CA  1 
ATOM   532  C  C   . LYS A 1 75  ? -7.110  -11.576 5.205   1.00 39.28 ? 244 LYS A C   1 
ATOM   533  O  O   . LYS A 1 75  ? -7.162  -11.751 3.989   1.00 38.71 ? 244 LYS A O   1 
ATOM   534  C  CB  . LYS A 1 75  ? -6.641  -13.562 6.650   1.00 39.85 ? 244 LYS A CB  1 
ATOM   535  C  CG  . LYS A 1 75  ? -5.663  -14.714 6.808   1.00 41.39 ? 244 LYS A CG  1 
ATOM   536  C  CD  . LYS A 1 75  ? -6.360  -15.887 7.485   1.00 43.20 ? 244 LYS A CD  1 
ATOM   537  C  CE  . LYS A 1 75  ? -5.888  -17.219 6.924   1.00 45.68 ? 244 LYS A CE  1 
ATOM   538  N  NZ  . LYS A 1 75  ? -4.435  -17.454 7.165   1.00 47.40 ? 244 LYS A NZ  1 
ATOM   539  N  N   . SER A 1 76  ? -7.971  -10.789 5.852   1.00 39.07 ? 245 SER A N   1 
ATOM   540  C  CA  . SER A 1 76  ? -9.026  -10.086 5.105   1.00 38.84 ? 245 SER A CA  1 
ATOM   541  C  C   . SER A 1 76  ? -8.469  -8.997  4.191   1.00 37.58 ? 245 SER A C   1 
ATOM   542  O  O   . SER A 1 76  ? -8.989  -8.786  3.092   1.00 36.90 ? 245 SER A O   1 
ATOM   543  C  CB  . SER A 1 76  ? -10.128 -9.539  6.022   1.00 39.19 ? 245 SER A CB  1 
ATOM   544  O  OG  . SER A 1 76  ? -9.566  -8.757  7.059   1.00 42.97 ? 245 SER A OG  1 
ATOM   545  N  N   . LEU A 1 77  ? -7.405  -8.326  4.637   1.00 35.82 ? 246 LEU A N   1 
ATOM   546  C  CA  . LEU A 1 77  ? -6.775  -7.313  3.826   1.00 34.93 ? 246 LEU A CA  1 
ATOM   547  C  C   . LEU A 1 77  ? -6.118  -7.938  2.601   1.00 33.87 ? 246 LEU A C   1 
ATOM   548  O  O   . LEU A 1 77  ? -6.202  -7.375  1.517   1.00 32.43 ? 246 LEU A O   1 
ATOM   549  C  CB  . LEU A 1 77  ? -5.745  -6.487  4.601   1.00 35.61 ? 246 LEU A CB  1 
ATOM   550  C  CG  . LEU A 1 77  ? -5.096  -5.388  3.754   1.00 35.75 ? 246 LEU A CG  1 
ATOM   551  C  CD1 . LEU A 1 77  ? -6.107  -4.284  3.413   1.00 38.99 ? 246 LEU A CD1 1 
ATOM   552  C  CD2 . LEU A 1 77  ? -3.882  -4.787  4.429   1.00 37.77 ? 246 LEU A CD2 1 
ATOM   553  N  N   A SER A 1 78  ? -5.466  -9.089  2.784   0.50 32.95 ? 247 SER A N   1 
ATOM   554  N  N   B SER A 1 78  ? -5.464  -9.085  2.796   0.50 32.76 ? 247 SER A N   1 
ATOM   555  C  CA  A SER A 1 78  ? -4.865  -9.802  1.659   0.50 32.85 ? 247 SER A CA  1 
ATOM   556  C  CA  B SER A 1 78  ? -4.862  -9.830  1.695   0.50 32.46 ? 247 SER A CA  1 
ATOM   557  C  C   A SER A 1 78  ? -5.939  -10.183 0.647   0.50 32.55 ? 247 SER A C   1 
ATOM   558  C  C   B SER A 1 78  ? -5.926  -10.199 0.662   0.50 32.34 ? 247 SER A C   1 
ATOM   559  O  O   A SER A 1 78  ? -5.753  -9.990  -0.550  0.50 32.68 ? 247 SER A O   1 
ATOM   560  O  O   B SER A 1 78  ? -5.722  -10.005 -0.532  0.50 32.47 ? 247 SER A O   1 
ATOM   561  C  CB  A SER A 1 78  ? -4.102  -11.051 2.124   0.50 32.87 ? 247 SER A CB  1 
ATOM   562  C  CB  B SER A 1 78  ? -4.142  -11.082 2.221   0.50 32.36 ? 247 SER A CB  1 
ATOM   563  O  OG  A SER A 1 78  ? -3.275  -11.532 1.078   0.50 32.50 ? 247 SER A OG  1 
ATOM   564  O  OG  B SER A 1 78  ? -3.047  -10.712 3.043   0.50 30.51 ? 247 SER A OG  1 
ATOM   565  N  N   . ARG A 1 79  ? -7.063  -10.709 1.139   1.00 32.38 ? 248 ARG A N   1 
ATOM   566  C  CA  . ARG A 1 79  ? -8.193  -11.085 0.270   1.00 31.94 ? 248 ARG A CA  1 
ATOM   567  C  C   . ARG A 1 79  ? -8.720  -9.886  -0.511  1.00 30.71 ? 248 ARG A C   1 
ATOM   568  O  O   . ARG A 1 79  ? -9.076  -10.022 -1.683  1.00 30.74 ? 248 ARG A O   1 
ATOM   569  C  CB  . ARG A 1 79  ? -9.348  -11.687 1.067   1.00 31.85 ? 248 ARG A CB  1 
ATOM   570  C  CG  . ARG A 1 79  ? -9.191  -13.175 1.416   1.00 34.65 ? 248 ARG A CG  1 
ATOM   571  C  CD  . ARG A 1 79  ? -10.490 -13.753 1.991   1.00 38.10 ? 248 ARG A CD  1 
ATOM   572  N  NE  . ARG A 1 79  ? -10.876 -13.116 3.252   1.00 40.37 ? 248 ARG A NE  1 
ATOM   573  C  CZ  . ARG A 1 79  ? -10.518 -13.554 4.463   1.00 42.47 ? 248 ARG A CZ  1 
ATOM   574  N  NH1 . ARG A 1 79  ? -9.743  -14.624 4.598   1.00 42.25 ? 248 ARG A NH1 1 
ATOM   575  N  NH2 . ARG A 1 79  ? -10.924 -12.910 5.550   1.00 42.80 ? 248 ARG A NH2 1 
ATOM   576  N  N   . VAL A 1 80  ? -8.787  -8.735  0.159   1.00 29.68 ? 249 VAL A N   1 
ATOM   577  C  CA  . VAL A 1 80  ? -9.253  -7.475  -0.452  1.00 28.41 ? 249 VAL A CA  1 
ATOM   578  C  C   . VAL A 1 80  ? -8.307  -7.083  -1.585  1.00 27.63 ? 249 VAL A C   1 
ATOM   579  O  O   . VAL A 1 80  ? -8.740  -6.725  -2.678  1.00 26.85 ? 249 VAL A O   1 
ATOM   580  C  CB  . VAL A 1 80  ? -9.319  -6.332  0.603   1.00 28.27 ? 249 VAL A CB  1 
ATOM   581  C  CG1 . VAL A 1 80  ? -9.469  -4.955  -0.085  1.00 28.35 ? 249 VAL A CG1 1 
ATOM   582  C  CG2 . VAL A 1 80  ? -10.484 -6.565  1.592   1.00 28.29 ? 249 VAL A CG2 1 
ATOM   583  N  N   . MET A 1 81  ? -7.008  -7.149  -1.322  1.00 27.13 ? 250 MET A N   1 
ATOM   584  C  CA  . MET A 1 81  ? -6.035  -6.721  -2.320  1.00 27.43 ? 250 MET A CA  1 
ATOM   585  C  C   . MET A 1 81  ? -6.043  -7.643  -3.524  1.00 27.36 ? 250 MET A C   1 
ATOM   586  O  O   . MET A 1 81  ? -5.949  -7.168  -4.650  1.00 27.62 ? 250 MET A O   1 
ATOM   587  C  CB  . MET A 1 81  ? -4.633  -6.619  -1.712  1.00 28.08 ? 250 MET A CB  1 
ATOM   588  C  CG  . MET A 1 81  ? -4.550  -5.541  -0.628  1.00 28.88 ? 250 MET A CG  1 
ATOM   589  S  SD  . MET A 1 81  ? -2.879  -5.382  0.037   1.00 35.39 ? 250 MET A SD  1 
ATOM   590  C  CE  . MET A 1 81  ? -2.743  -6.834  1.085   1.00 34.57 ? 250 MET A CE  1 
ATOM   591  N  N   . ILE A 1 82  ? -6.201  -8.952  -3.302  1.00 27.04 ? 251 ILE A N   1 
ATOM   592  C  CA  . ILE A 1 82  ? -6.319  -9.889  -4.438  1.00 26.97 ? 251 ILE A CA  1 
ATOM   593  C  C   . ILE A 1 82  ? -7.575  -9.547  -5.248  1.00 26.85 ? 251 ILE A C   1 
ATOM   594  O  O   . ILE A 1 82  ? -7.550  -9.512  -6.496  1.00 25.77 ? 251 ILE A O   1 
ATOM   595  C  CB  . ILE A 1 82  ? -6.400  -11.372 -3.965  1.00 27.63 ? 251 ILE A CB  1 
ATOM   596  C  CG1 . ILE A 1 82  ? -5.074  -11.808 -3.309  1.00 29.74 ? 251 ILE A CG1 1 
ATOM   597  C  CG2 . ILE A 1 82  ? -6.710  -12.315 -5.133  1.00 27.31 ? 251 ILE A CG2 1 
ATOM   598  C  CD1 . ILE A 1 82  ? -3.858  -11.549 -4.192  1.00 33.47 ? 251 ILE A CD1 1 
ATOM   599  N  N   . HIS A 1 83  ? -8.674  -9.281  -4.534  1.00 25.80 ? 252 HIS A N   1 
ATOM   600  C  CA  . HIS A 1 83  ? -9.928  -8.906  -5.199  1.00 26.56 ? 252 HIS A CA  1 
ATOM   601  C  C   . HIS A 1 83  ? -9.782  -7.651  -6.042  1.00 25.95 ? 252 HIS A C   1 
ATOM   602  O  O   . HIS A 1 83  ? -10.299 -7.602  -7.152  1.00 24.88 ? 252 HIS A O   1 
ATOM   603  C  CB  . HIS A 1 83  ? -11.092 -8.748  -4.197  1.00 27.44 ? 252 HIS A CB  1 
ATOM   604  C  CG  . HIS A 1 83  ? -12.443 -8.874  -4.823  1.00 30.32 ? 252 HIS A CG  1 
ATOM   605  N  ND1 . HIS A 1 83  ? -13.333 -9.868  -4.476  1.00 35.46 ? 252 HIS A ND1 1 
ATOM   606  C  CD2 . HIS A 1 83  ? -13.065 -8.126  -5.765  1.00 33.50 ? 252 HIS A CD2 1 
ATOM   607  C  CE1 . HIS A 1 83  ? -14.440 -9.731  -5.187  1.00 35.41 ? 252 HIS A CE1 1 
ATOM   608  N  NE2 . HIS A 1 83  ? -14.299 -8.684  -5.980  1.00 32.83 ? 252 HIS A NE2 1 
ATOM   609  N  N   . VAL A 1 84  ? -9.081  -6.640  -5.517  1.00 25.78 ? 253 VAL A N   1 
ATOM   610  C  CA  . VAL A 1 84  ? -8.823  -5.402  -6.270  1.00 25.81 ? 253 VAL A CA  1 
ATOM   611  C  C   . VAL A 1 84  ? -8.264  -5.698  -7.686  1.00 26.57 ? 253 VAL A C   1 
ATOM   612  O  O   . VAL A 1 84  ? -8.757  -5.177  -8.695  1.00 26.56 ? 253 VAL A O   1 
ATOM   613  C  CB  . VAL A 1 84  ? -7.882  -4.440  -5.501  1.00 25.85 ? 253 VAL A CB  1 
ATOM   614  C  CG1 . VAL A 1 84  ? -7.393  -3.301  -6.419  1.00 25.79 ? 253 VAL A CG1 1 
ATOM   615  C  CG2 . VAL A 1 84  ? -8.601  -3.835  -4.254  1.00 24.93 ? 253 VAL A CG2 1 
ATOM   616  N  N   . PHE A 1 85  ? -7.280  -6.577  -7.746  1.00 26.19 ? 254 PHE A N   1 
ATOM   617  C  CA  . PHE A 1 85  ? -6.611  -6.907  -9.018  1.00 27.12 ? 254 PHE A CA  1 
ATOM   618  C  C   . PHE A 1 85  ? -7.329  -7.943  -9.869  1.00 26.91 ? 254 PHE A C   1 
ATOM   619  O  O   . PHE A 1 85  ? -6.833  -8.300  -10.963 1.00 26.48 ? 254 PHE A O   1 
ATOM   620  C  CB  . PHE A 1 85  ? -5.191  -7.408  -8.715  1.00 27.51 ? 254 PHE A CB  1 
ATOM   621  C  CG  . PHE A 1 85  ? -4.292  -6.338  -8.188  1.00 29.66 ? 254 PHE A CG  1 
ATOM   622  C  CD1 . PHE A 1 85  ? -4.076  -5.182  -8.931  1.00 30.57 ? 254 PHE A CD1 1 
ATOM   623  C  CD2 . PHE A 1 85  ? -3.636  -6.506  -6.974  1.00 31.75 ? 254 PHE A CD2 1 
ATOM   624  C  CE1 . PHE A 1 85  ? -3.246  -4.171  -8.450  1.00 34.09 ? 254 PHE A CE1 1 
ATOM   625  C  CE2 . PHE A 1 85  ? -2.792  -5.515  -6.479  1.00 35.80 ? 254 PHE A CE2 1 
ATOM   626  C  CZ  . PHE A 1 85  ? -2.602  -4.330  -7.225  1.00 34.55 ? 254 PHE A CZ  1 
ATOM   627  N  N   . SER A 1 86  ? -8.469  -8.443  -9.378  1.00 25.12 ? 255 SER A N   1 
ATOM   628  C  CA  . SER A 1 86  ? -9.101  -9.610  -9.994  1.00 25.31 ? 255 SER A CA  1 
ATOM   629  C  C   . SER A 1 86  ? -9.873  -9.307  -11.279 1.00 25.24 ? 255 SER A C   1 
ATOM   630  O  O   . SER A 1 86  ? -10.338 -10.237 -11.966 1.00 24.16 ? 255 SER A O   1 
ATOM   631  C  CB  . SER A 1 86  ? -9.996  -10.370 -8.998  1.00 24.64 ? 255 SER A CB  1 
ATOM   632  O  OG  . SER A 1 86  ? -11.235 -9.691  -8.820  1.00 22.93 ? 255 SER A OG  1 
ATOM   633  N  N   . ASP A 1 87  ? -9.986  -8.023  -11.614 1.00 25.06 ? 256 ASP A N   1 
ATOM   634  C  CA  . ASP A 1 87  ? -10.516 -7.628  -12.924 1.00 26.71 ? 256 ASP A CA  1 
ATOM   635  C  C   . ASP A 1 87  ? -9.451  -7.742  -14.032 1.00 27.36 ? 256 ASP A C   1 
ATOM   636  O  O   . ASP A 1 87  ? -9.708  -7.494  -15.213 1.00 26.77 ? 256 ASP A O   1 
ATOM   637  C  CB  . ASP A 1 87  ? -11.143 -6.226  -12.870 1.00 26.88 ? 256 ASP A CB  1 
ATOM   638  C  CG  . ASP A 1 87  ? -10.129 -5.122  -12.551 1.00 27.83 ? 256 ASP A CG  1 
ATOM   639  O  OD1 . ASP A 1 87  ? -8.969  -5.427  -12.188 1.00 27.73 ? 256 ASP A OD1 1 
ATOM   640  O  OD2 . ASP A 1 87  ? -10.508 -3.924  -12.671 1.00 29.32 ? 256 ASP A OD2 1 
ATOM   641  N  N   . GLY A 1 88  ? -8.242  -8.102  -13.635 1.00 28.06 ? 257 GLY A N   1 
ATOM   642  C  CA  . GLY A 1 88  ? -7.170  -8.284  -14.596 1.00 29.57 ? 257 GLY A CA  1 
ATOM   643  C  C   . GLY A 1 88  ? -6.387  -7.020  -14.894 1.00 30.17 ? 257 GLY A C   1 
ATOM   644  O  O   . GLY A 1 88  ? -5.502  -7.033  -15.755 1.00 31.46 ? 257 GLY A O   1 
ATOM   645  N  N   . VAL A 1 89  ? -6.709  -5.925  -14.209 1.00 29.85 ? 258 VAL A N   1 
ATOM   646  C  CA  . VAL A 1 89  ? -6.009  -4.642  -14.411 1.00 29.81 ? 258 VAL A CA  1 
ATOM   647  C  C   . VAL A 1 89  ? -4.930  -4.408  -13.341 1.00 30.09 ? 258 VAL A C   1 
ATOM   648  O  O   . VAL A 1 89  ? -5.156  -4.617  -12.136 1.00 28.97 ? 258 VAL A O   1 
ATOM   649  C  CB  . VAL A 1 89  ? -7.010  -3.425  -14.434 1.00 30.03 ? 258 VAL A CB  1 
ATOM   650  C  CG1 . VAL A 1 89  ? -6.284  -2.108  -14.662 1.00 30.70 ? 258 VAL A CG1 1 
ATOM   651  C  CG2 . VAL A 1 89  ? -8.080  -3.610  -15.501 1.00 30.30 ? 258 VAL A CG2 1 
ATOM   652  N  N   . THR A 1 90  ? -3.753  -3.982  -13.803 1.00 30.26 ? 259 THR A N   1 
ATOM   653  C  CA  . THR A 1 90  ? -2.645  -3.641  -12.925 1.00 30.98 ? 259 THR A CA  1 
ATOM   654  C  C   . THR A 1 90  ? -2.098  -2.279  -13.298 1.00 30.11 ? 259 THR A C   1 
ATOM   655  O  O   . THR A 1 90  ? -1.727  -2.062  -14.437 1.00 29.71 ? 259 THR A O   1 
ATOM   656  C  CB  . THR A 1 90  ? -1.473  -4.641  -13.073 1.00 31.78 ? 259 THR A CB  1 
ATOM   657  O  OG1 . THR A 1 90  ? -1.986  -5.971  -13.048 1.00 34.78 ? 259 THR A OG1 1 
ATOM   658  C  CG2 . THR A 1 90  ? -0.478  -4.461  -11.926 1.00 32.53 ? 259 THR A CG2 1 
ATOM   659  N  N   . ASN A 1 91  ? -2.020  -1.379  -12.330 1.00 29.52 ? 260 ASN A N   1 
ATOM   660  C  CA  . ASN A 1 91  ? -1.338  -0.101  -12.549 1.00 28.97 ? 260 ASN A CA  1 
ATOM   661  C  C   . ASN A 1 91  ? -0.812  0.454   -11.225 1.00 27.83 ? 260 ASN A C   1 
ATOM   662  O  O   . ASN A 1 91  ? -1.125  -0.075  -10.163 1.00 27.18 ? 260 ASN A O   1 
ATOM   663  C  CB  . ASN A 1 91  ? -2.266  0.899   -13.294 1.00 28.09 ? 260 ASN A CB  1 
ATOM   664  C  CG  . ASN A 1 91  ? -3.532  1.247   -12.510 1.00 29.60 ? 260 ASN A CG  1 
ATOM   665  O  OD1 . ASN A 1 91  ? -3.471  1.602   -11.341 1.00 28.94 ? 260 ASN A OD1 1 
ATOM   666  N  ND2 . ASN A 1 91  ? -4.701  1.161   -13.176 1.00 29.87 ? 260 ASN A ND2 1 
ATOM   667  N  N   . TRP A 1 92  ? 0.016   1.488   -11.302 1.00 27.32 ? 261 TRP A N   1 
ATOM   668  C  CA  . TRP A 1 92  ? 0.648   2.067   -10.138 1.00 27.69 ? 261 TRP A CA  1 
ATOM   669  C  C   . TRP A 1 92  ? -0.304  2.872   -9.270  1.00 27.27 ? 261 TRP A C   1 
ATOM   670  O  O   . TRP A 1 92  ? -0.101  2.962   -8.087  1.00 27.43 ? 261 TRP A O   1 
ATOM   671  C  CB  . TRP A 1 92  ? 1.846   2.923   -10.551 1.00 28.17 ? 261 TRP A CB  1 
ATOM   672  C  CG  . TRP A 1 92  ? 3.060   2.091   -10.954 1.00 27.74 ? 261 TRP A CG  1 
ATOM   673  C  CD1 . TRP A 1 92  ? 3.623   2.011   -12.194 1.00 29.73 ? 261 TRP A CD1 1 
ATOM   674  C  CD2 . TRP A 1 92  ? 3.832   1.222   -10.099 1.00 29.17 ? 261 TRP A CD2 1 
ATOM   675  N  NE1 . TRP A 1 92  ? 4.716   1.155   -12.159 1.00 29.80 ? 261 TRP A NE1 1 
ATOM   676  C  CE2 . TRP A 1 92  ? 4.861   0.674   -10.882 1.00 28.87 ? 261 TRP A CE2 1 
ATOM   677  C  CE3 . TRP A 1 92  ? 3.759   0.878   -8.735  1.00 29.45 ? 261 TRP A CE3 1 
ATOM   678  C  CZ2 . TRP A 1 92  ? 5.817   -0.217  -10.354 1.00 29.06 ? 261 TRP A CZ2 1 
ATOM   679  C  CZ3 . TRP A 1 92  ? 4.711   0.011   -8.212  1.00 29.97 ? 261 TRP A CZ3 1 
ATOM   680  C  CH2 . TRP A 1 92  ? 5.724   -0.533  -9.031  1.00 28.44 ? 261 TRP A CH2 1 
ATOM   681  N  N   . GLY A 1 93  ? -1.370  3.428   -9.842  1.00 27.12 ? 262 GLY A N   1 
ATOM   682  C  CA  . GLY A 1 93  ? -2.370  4.142   -9.012  1.00 26.52 ? 262 GLY A CA  1 
ATOM   683  C  C   . GLY A 1 93  ? -3.046  3.183   -8.033  1.00 26.41 ? 262 GLY A C   1 
ATOM   684  O  O   . GLY A 1 93  ? -3.220  3.503   -6.863  1.00 27.48 ? 262 GLY A O   1 
ATOM   685  N  N   . ARG A 1 94  ? -3.396  1.986   -8.494  1.00 26.77 ? 263 ARG A N   1 
ATOM   686  C  CA  . ARG A 1 94  ? -3.975  0.973   -7.591  1.00 26.79 ? 263 ARG A CA  1 
ATOM   687  C  C   . ARG A 1 94  ? -2.939  0.545   -6.542  1.00 26.90 ? 263 ARG A C   1 
ATOM   688  O  O   . ARG A 1 94  ? -3.254  0.418   -5.356  1.00 25.90 ? 263 ARG A O   1 
ATOM   689  C  CB  . ARG A 1 94  ? -4.392  -0.260  -8.371  1.00 26.52 ? 263 ARG A CB  1 
ATOM   690  C  CG  . ARG A 1 94  ? -5.628  -0.025  -9.232  1.00 27.73 ? 263 ARG A CG  1 
ATOM   691  C  CD  . ARG A 1 94  ? -5.933  -1.247  -10.047 1.00 28.38 ? 263 ARG A CD  1 
ATOM   692  N  NE  . ARG A 1 94  ? -7.124  -1.024  -10.870 1.00 30.39 ? 263 ARG A NE  1 
ATOM   693  C  CZ  . ARG A 1 94  ? -7.922  -1.994  -11.303 1.00 30.24 ? 263 ARG A CZ  1 
ATOM   694  N  NH1 . ARG A 1 94  ? -7.652  -3.260  -11.007 1.00 29.14 ? 263 ARG A NH1 1 
ATOM   695  N  NH2 . ARG A 1 94  ? -8.982  -1.689  -12.034 1.00 29.33 ? 263 ARG A NH2 1 
ATOM   696  N  N   . ILE A 1 95  ? -1.707  0.322   -6.986  1.00 26.83 ? 264 ILE A N   1 
ATOM   697  C  CA  . ILE A 1 95  ? -0.675  -0.181  -6.066  1.00 27.49 ? 264 ILE A CA  1 
ATOM   698  C  C   . ILE A 1 95  ? -0.404  0.819   -4.946  1.00 28.49 ? 264 ILE A C   1 
ATOM   699  O  O   . ILE A 1 95  ? -0.327  0.450   -3.756  1.00 28.75 ? 264 ILE A O   1 
ATOM   700  C  CB  . ILE A 1 95  ? 0.628   -0.549  -6.818  1.00 27.76 ? 264 ILE A CB  1 
ATOM   701  C  CG1 . ILE A 1 95  ? 0.416   -1.831  -7.639  1.00 26.55 ? 264 ILE A CG1 1 
ATOM   702  C  CG2 . ILE A 1 95  ? 1.810   -0.673  -5.807  1.00 27.19 ? 264 ILE A CG2 1 
ATOM   703  C  CD1 . ILE A 1 95  ? 1.514   -2.090  -8.702  1.00 27.53 ? 264 ILE A CD1 1 
ATOM   704  N  N   . VAL A 1 96  ? -0.269  2.096   -5.318  1.00 28.51 ? 265 VAL A N   1 
ATOM   705  C  CA  . VAL A 1 96  ? 0.036   3.131   -4.326  1.00 28.84 ? 265 VAL A CA  1 
ATOM   706  C  C   . VAL A 1 96  ? -1.146  3.325   -3.367  1.00 28.79 ? 265 VAL A C   1 
ATOM   707  O  O   . VAL A 1 96  ? -0.971  3.587   -2.167  1.00 28.63 ? 265 VAL A O   1 
ATOM   708  C  CB  . VAL A 1 96  ? 0.540   4.447   -5.002  1.00 29.19 ? 265 VAL A CB  1 
ATOM   709  C  CG1 . VAL A 1 96  ? -0.624  5.309   -5.553  1.00 28.23 ? 265 VAL A CG1 1 
ATOM   710  C  CG2 . VAL A 1 96  ? 1.360   5.273   -4.022  1.00 31.78 ? 265 VAL A CG2 1 
ATOM   711  N  N   . THR A 1 97  ? -2.357  3.161   -3.887  1.00 28.55 ? 266 THR A N   1 
ATOM   712  C  CA  . THR A 1 97  ? -3.565  3.264   -3.057  1.00 28.45 ? 266 THR A CA  1 
ATOM   713  C  C   . THR A 1 97  ? -3.623  2.132   -2.038  1.00 29.25 ? 266 THR A C   1 
ATOM   714  O  O   . THR A 1 97  ? -3.978  2.359   -0.871  1.00 28.52 ? 266 THR A O   1 
ATOM   715  C  CB  . THR A 1 97  ? -4.832  3.274   -3.940  1.00 29.53 ? 266 THR A CB  1 
ATOM   716  O  OG1 . THR A 1 97  ? -4.752  4.390   -4.832  1.00 29.51 ? 266 THR A OG1 1 
ATOM   717  C  CG2 . THR A 1 97  ? -6.110  3.402   -3.102  1.00 27.32 ? 266 THR A CG2 1 
ATOM   718  N  N   . LEU A 1 98  ? -3.245  0.921   -2.467  1.00 29.03 ? 267 LEU A N   1 
ATOM   719  C  CA  . LEU A 1 98  ? -3.138  -0.214  -1.553  1.00 29.90 ? 267 LEU A CA  1 
ATOM   720  C  C   . LEU A 1 98  ? -2.100  0.036   -0.473  1.00 29.77 ? 267 LEU A C   1 
ATOM   721  O  O   . LEU A 1 98  ? -2.339  -0.239  0.691   1.00 29.32 ? 267 LEU A O   1 
ATOM   722  C  CB  . LEU A 1 98  ? -2.828  -1.533  -2.293  1.00 29.65 ? 267 LEU A CB  1 
ATOM   723  C  CG  . LEU A 1 98  ? -3.895  -2.066  -3.257  1.00 32.10 ? 267 LEU A CG  1 
ATOM   724  C  CD1 . LEU A 1 98  ? -3.495  -3.467  -3.752  1.00 32.78 ? 267 LEU A CD1 1 
ATOM   725  C  CD2 . LEU A 1 98  ? -5.283  -2.104  -2.626  1.00 33.61 ? 267 LEU A CD2 1 
ATOM   726  N  N   . ILE A 1 99  ? -0.957  0.599   -0.848  1.00 29.57 ? 268 ILE A N   1 
ATOM   727  C  CA  . ILE A 1 99  ? 0.085   0.830   0.144   1.00 29.40 ? 268 ILE A CA  1 
ATOM   728  C  C   . ILE A 1 99  ? -0.356  1.940   1.093   1.00 29.73 ? 268 ILE A C   1 
ATOM   729  O  O   . ILE A 1 99  ? -0.163  1.845   2.317   1.00 29.74 ? 268 ILE A O   1 
ATOM   730  C  CB  . ILE A 1 99  ? 1.459   1.178   -0.499  1.00 29.18 ? 268 ILE A CB  1 
ATOM   731  C  CG1 . ILE A 1 99  ? 1.970   0.013   -1.358  1.00 29.13 ? 268 ILE A CG1 1 
ATOM   732  C  CG2 . ILE A 1 99  ? 2.479   1.584   0.608   1.00 30.55 ? 268 ILE A CG2 1 
ATOM   733  C  CD1 . ILE A 1 99  ? 3.042   0.433   -2.413  1.00 26.82 ? 268 ILE A CD1 1 
ATOM   734  N  N   . SER A 1 100 ? -0.969  2.980   0.534   1.00 30.00 ? 269 SER A N   1 
ATOM   735  C  CA  . SER A 1 100 ? -1.451  4.097   1.350   1.00 30.67 ? 269 SER A CA  1 
ATOM   736  C  C   . SER A 1 100 ? -2.524  3.644   2.344   1.00 30.36 ? 269 SER A C   1 
ATOM   737  O  O   . SER A 1 100 ? -2.537  4.083   3.499   1.00 30.29 ? 269 SER A O   1 
ATOM   738  C  CB  . SER A 1 100 ? -1.988  5.226   0.486   1.00 30.74 ? 269 SER A CB  1 
ATOM   739  O  OG  . SER A 1 100 ? -2.433  6.268   1.347   1.00 36.12 ? 269 SER A OG  1 
ATOM   740  N  N   . PHE A 1 101 ? -3.436  2.788   1.901   1.00 29.67 ? 270 PHE A N   1 
ATOM   741  C  CA  . PHE A 1 101 ? -4.418  2.254   2.832   1.00 29.85 ? 270 PHE A CA  1 
ATOM   742  C  C   . PHE A 1 101 ? -3.735  1.412   3.911   1.00 30.34 ? 270 PHE A C   1 
ATOM   743  O  O   . PHE A 1 101 ? -4.121  1.468   5.077   1.00 30.33 ? 270 PHE A O   1 
ATOM   744  C  CB  . PHE A 1 101 ? -5.513  1.470   2.110   1.00 29.64 ? 270 PHE A CB  1 
ATOM   745  C  CG  . PHE A 1 101 ? -6.602  0.990   3.022   1.00 30.63 ? 270 PHE A CG  1 
ATOM   746  C  CD1 . PHE A 1 101 ? -7.416  1.905   3.697   1.00 30.34 ? 270 PHE A CD1 1 
ATOM   747  C  CD2 . PHE A 1 101 ? -6.821  -0.379  3.204   1.00 29.77 ? 270 PHE A CD2 1 
ATOM   748  C  CE1 . PHE A 1 101 ? -8.417  1.467   4.550   1.00 31.36 ? 270 PHE A CE1 1 
ATOM   749  C  CE2 . PHE A 1 101 ? -7.843  -0.830  4.047   1.00 30.48 ? 270 PHE A CE2 1 
ATOM   750  C  CZ  . PHE A 1 101 ? -8.637  0.100   4.728   1.00 29.83 ? 270 PHE A CZ  1 
ATOM   751  N  N   . GLY A 1 102 ? -2.706  0.653   3.529   1.00 30.59 ? 271 GLY A N   1 
ATOM   752  C  CA  . GLY A 1 102 ? -1.883  -0.082  4.496   1.00 30.54 ? 271 GLY A CA  1 
ATOM   753  C  C   . GLY A 1 102 ? -1.283  0.825   5.566   1.00 30.56 ? 271 GLY A C   1 
ATOM   754  O  O   . GLY A 1 102 ? -1.307  0.500   6.752   1.00 31.09 ? 271 GLY A O   1 
ATOM   755  N  N   . ALA A 1 103 ? -0.755  1.969   5.145   1.00 30.89 ? 272 ALA A N   1 
ATOM   756  C  CA  . ALA A 1 103 ? -0.296  3.011   6.057   1.00 31.17 ? 272 ALA A CA  1 
ATOM   757  C  C   . ALA A 1 103 ? -1.417  3.503   6.981   1.00 31.37 ? 272 ALA A C   1 
ATOM   758  O  O   . ALA A 1 103 ? -1.209  3.678   8.192   1.00 31.38 ? 272 ALA A O   1 
ATOM   759  C  CB  . ALA A 1 103 ? 0.316   4.190   5.254   1.00 31.21 ? 272 ALA A CB  1 
ATOM   760  N  N   . PHE A 1 104 ? -2.605  3.730   6.419   1.00 31.47 ? 273 PHE A N   1 
ATOM   761  C  CA  . PHE A 1 104 ? -3.763  4.184   7.210   1.00 31.81 ? 273 PHE A CA  1 
ATOM   762  C  C   . PHE A 1 104 ? -4.132  3.166   8.306   1.00 32.29 ? 273 PHE A C   1 
ATOM   763  O  O   . PHE A 1 104 ? -4.431  3.531   9.453   1.00 31.99 ? 273 PHE A O   1 
ATOM   764  C  CB  . PHE A 1 104 ? -4.948  4.453   6.275   1.00 32.15 ? 273 PHE A CB  1 
ATOM   765  C  CG  . PHE A 1 104 ? -6.114  5.157   6.929   1.00 33.15 ? 273 PHE A CG  1 
ATOM   766  C  CD1 . PHE A 1 104 ? -6.179  6.552   6.950   1.00 34.85 ? 273 PHE A CD1 1 
ATOM   767  C  CD2 . PHE A 1 104 ? -7.162  4.433   7.483   1.00 33.86 ? 273 PHE A CD2 1 
ATOM   768  C  CE1 . PHE A 1 104 ? -7.270  7.224   7.538   1.00 34.12 ? 273 PHE A CE1 1 
ATOM   769  C  CE2 . PHE A 1 104 ? -8.257  5.091   8.077   1.00 33.97 ? 273 PHE A CE2 1 
ATOM   770  C  CZ  . PHE A 1 104 ? -8.306  6.492   8.101   1.00 33.94 ? 273 PHE A CZ  1 
ATOM   771  N  N   . VAL A 1 105 ? -4.083  1.888   7.945   1.00 31.95 ? 274 VAL A N   1 
ATOM   772  C  CA  . VAL A 1 105 ? -4.339  0.789   8.873   1.00 32.24 ? 274 VAL A CA  1 
ATOM   773  C  C   . VAL A 1 105 ? -3.239  0.648   9.941   1.00 33.04 ? 274 VAL A C   1 
ATOM   774  O  O   . VAL A 1 105 ? -3.545  0.451   11.129  1.00 32.51 ? 274 VAL A O   1 
ATOM   775  C  CB  . VAL A 1 105 ? -4.544  -0.534  8.105   1.00 32.41 ? 274 VAL A CB  1 
ATOM   776  C  CG1 . VAL A 1 105 ? -4.693  -1.711  9.057   1.00 31.85 ? 274 VAL A CG1 1 
ATOM   777  C  CG2 . VAL A 1 105 ? -5.778  -0.422  7.191   1.00 31.99 ? 274 VAL A CG2 1 
ATOM   778  N  N   . ALA A 1 106 ? -1.976  0.764   9.520   1.00 33.45 ? 275 ALA A N   1 
ATOM   779  C  CA  . ALA A 1 106 ? -0.835  0.705   10.442  1.00 34.63 ? 275 ALA A CA  1 
ATOM   780  C  C   . ALA A 1 106 ? -0.926  1.790   11.512  1.00 35.56 ? 275 ALA A C   1 
ATOM   781  O  O   . ALA A 1 106 ? -0.690  1.520   12.694  1.00 35.51 ? 275 ALA A O   1 
ATOM   782  C  CB  . ALA A 1 106 ? 0.479   0.822   9.684   1.00 34.35 ? 275 ALA A CB  1 
ATOM   783  N  N   . LYS A 1 107 ? -1.264  3.007   11.088  1.00 36.47 ? 276 LYS A N   1 
ATOM   784  C  CA  . LYS A 1 107 ? -1.532  4.120   11.999  1.00 37.90 ? 276 LYS A CA  1 
ATOM   785  C  C   . LYS A 1 107 ? -2.560  3.769   13.075  1.00 38.18 ? 276 LYS A C   1 
ATOM   786  O  O   . LYS A 1 107 ? -2.345  4.034   14.262  1.00 38.52 ? 276 LYS A O   1 
ATOM   787  C  CB  . LYS A 1 107 ? -2.032  5.328   11.221  1.00 38.11 ? 276 LYS A CB  1 
ATOM   788  C  CG  . LYS A 1 107 ? -0.997  6.395   10.963  1.00 40.93 ? 276 LYS A CG  1 
ATOM   789  C  CD  . LYS A 1 107 ? -1.685  7.658   10.494  1.00 45.05 ? 276 LYS A CD  1 
ATOM   790  C  CE  . LYS A 1 107 ? -0.793  8.469   9.577   1.00 47.61 ? 276 LYS A CE  1 
ATOM   791  N  NZ  . LYS A 1 107 ? -1.612  9.233   8.593   1.00 50.37 ? 276 LYS A NZ  1 
ATOM   792  N  N   . HIS A 1 108 ? -3.677  3.177   12.659  1.00 38.69 ? 277 HIS A N   1 
ATOM   793  C  CA  . HIS A 1 108 ? -4.749  2.820   13.590  1.00 39.24 ? 277 HIS A CA  1 
ATOM   794  C  C   . HIS A 1 108 ? -4.351  1.693   14.550  1.00 39.49 ? 277 HIS A C   1 
ATOM   795  O  O   . HIS A 1 108 ? -4.829  1.655   15.682  1.00 39.15 ? 277 HIS A O   1 
ATOM   796  C  CB  . HIS A 1 108 ? -6.039  2.472   12.837  1.00 39.58 ? 277 HIS A CB  1 
ATOM   797  C  CG  . HIS A 1 108 ? -7.226  2.268   13.728  1.00 39.63 ? 277 HIS A CG  1 
ATOM   798  N  ND1 . HIS A 1 108 ? -7.804  3.293   14.451  1.00 41.03 ? 277 HIS A ND1 1 
ATOM   799  C  CD2 . HIS A 1 108 ? -7.942  1.156   14.014  1.00 39.68 ? 277 HIS A CD2 1 
ATOM   800  C  CE1 . HIS A 1 108 ? -8.825  2.821   15.143  1.00 40.42 ? 277 HIS A CE1 1 
ATOM   801  N  NE2 . HIS A 1 108 ? -8.931  1.527   14.896  1.00 40.89 ? 277 HIS A NE2 1 
ATOM   802  N  N   . LEU A 1 109 ? -3.479  0.792   14.104  1.00 39.96 ? 278 LEU A N   1 
ATOM   803  C  CA  . LEU A 1 109 ? -2.965  -0.274  14.965  1.00 40.99 ? 278 LEU A CA  1 
ATOM   804  C  C   . LEU A 1 109 ? -2.094  0.297   16.087  1.00 41.83 ? 278 LEU A C   1 
ATOM   805  O  O   . LEU A 1 109 ? -2.174  -0.157  17.220  1.00 41.40 ? 278 LEU A O   1 
ATOM   806  C  CB  . LEU A 1 109 ? -2.172  -1.308  14.163  1.00 40.73 ? 278 LEU A CB  1 
ATOM   807  C  CG  . LEU A 1 109 ? -2.900  -2.241  13.187  1.00 41.17 ? 278 LEU A CG  1 
ATOM   808  C  CD1 . LEU A 1 109 ? -1.893  -2.917  12.268  1.00 39.82 ? 278 LEU A CD1 1 
ATOM   809  C  CD2 . LEU A 1 109 ? -3.742  -3.281  13.919  1.00 40.63 ? 278 LEU A CD2 1 
ATOM   810  N  N   . LYS A 1 110 ? -1.268  1.292   15.756  1.00 43.18 ? 279 LYS A N   1 
ATOM   811  C  CA  . LYS A 1 110 ? -0.431  1.972   16.751  1.00 44.47 ? 279 LYS A CA  1 
ATOM   812  C  C   . LYS A 1 110 ? -1.245  2.714   17.803  1.00 45.11 ? 279 LYS A C   1 
ATOM   813  O  O   . LYS A 1 110 ? -0.842  2.772   18.968  1.00 45.23 ? 279 LYS A O   1 
ATOM   814  C  CB  . LYS A 1 110 ? 0.559   2.933   16.084  1.00 44.53 ? 279 LYS A CB  1 
ATOM   815  C  CG  . LYS A 1 110 ? 1.816   2.273   15.537  1.00 45.13 ? 279 LYS A CG  1 
ATOM   816  C  CD  . LYS A 1 110 ? 2.727   1.769   16.643  1.00 45.88 ? 279 LYS A CD  1 
ATOM   817  C  CE  . LYS A 1 110 ? 4.119   1.432   16.124  1.00 46.67 ? 279 LYS A CE  1 
ATOM   818  N  NZ  . LYS A 1 110 ? 4.115   0.415   15.030  1.00 47.72 ? 279 LYS A NZ  1 
ATOM   819  N  N   . THR A 1 111 ? -2.388  3.274   17.401  1.00 46.05 ? 280 THR A N   1 
ATOM   820  C  CA  . THR A 1 111 ? -3.271  3.965   18.350  1.00 46.92 ? 280 THR A CA  1 
ATOM   821  C  C   . THR A 1 111 ? -3.838  3.027   19.419  1.00 47.31 ? 280 THR A C   1 
ATOM   822  O  O   . THR A 1 111 ? -3.919  3.405   20.585  1.00 47.51 ? 280 THR A O   1 
ATOM   823  C  CB  . THR A 1 111 ? -4.440  4.725   17.666  1.00 47.06 ? 280 THR A CB  1 
ATOM   824  O  OG1 . THR A 1 111 ? -5.357  3.790   17.082  1.00 47.54 ? 280 THR A OG1 1 
ATOM   825  C  CG2 . THR A 1 111 ? -3.925  5.704   16.610  1.00 46.67 ? 280 THR A CG2 1 
ATOM   826  N  N   . ILE A 1 112 ? -4.230  1.816   19.024  1.00 47.73 ? 281 ILE A N   1 
ATOM   827  C  CA  . ILE A 1 112 ? -4.755  0.840   19.992  1.00 48.18 ? 281 ILE A CA  1 
ATOM   828  C  C   . ILE A 1 112 ? -3.653  0.182   20.826  1.00 48.20 ? 281 ILE A C   1 
ATOM   829  O  O   . ILE A 1 112 ? -3.855  -0.100  22.009  1.00 48.37 ? 281 ILE A O   1 
ATOM   830  C  CB  . ILE A 1 112 ? -5.679  -0.245  19.342  1.00 48.27 ? 281 ILE A CB  1 
ATOM   831  C  CG1 . ILE A 1 112 ? -4.966  -0.969  18.188  1.00 48.74 ? 281 ILE A CG1 1 
ATOM   832  C  CG2 . ILE A 1 112 ? -7.004  0.385   18.891  1.00 48.82 ? 281 ILE A CG2 1 
ATOM   833  C  CD1 . ILE A 1 112 ? -5.747  -2.127  17.545  1.00 49.12 ? 281 ILE A CD1 1 
ATOM   834  N  N   . ASN A 1 113 ? -2.492  -0.046  20.214  1.00 48.07 ? 282 ASN A N   1 
ATOM   835  C  CA  . ASN A 1 113 ? -1.358  -0.661  20.905  1.00 47.98 ? 282 ASN A CA  1 
ATOM   836  C  C   . ASN A 1 113 ? -0.022  -0.121  20.391  1.00 47.79 ? 282 ASN A C   1 
ATOM   837  O  O   . ASN A 1 113 ? 0.409   -0.461  19.286  1.00 47.88 ? 282 ASN A O   1 
ATOM   838  C  CB  . ASN A 1 113 ? -1.418  -2.184  20.762  1.00 48.02 ? 282 ASN A CB  1 
ATOM   839  C  CG  . ASN A 1 113 ? -0.453  -2.895  21.689  1.00 48.63 ? 282 ASN A CG  1 
ATOM   840  O  OD1 . ASN A 1 113 ? 0.615   -3.333  21.265  1.00 49.14 ? 282 ASN A OD1 1 
ATOM   841  N  ND2 . ASN A 1 113 ? -0.823  -3.011  22.964  1.00 49.21 ? 282 ASN A ND2 1 
ATOM   842  N  N   . GLN A 1 114 ? 0.635   0.710   21.199  1.00 47.50 ? 283 GLN A N   1 
ATOM   843  C  CA  . GLN A 1 114 ? 1.845   1.427   20.772  1.00 47.33 ? 283 GLN A CA  1 
ATOM   844  C  C   . GLN A 1 114 ? 3.024   0.536   20.356  1.00 46.92 ? 283 GLN A C   1 
ATOM   845  O  O   . GLN A 1 114 ? 3.864   0.959   19.555  1.00 46.94 ? 283 GLN A O   1 
ATOM   846  C  CB  . GLN A 1 114 ? 2.290   2.450   21.830  1.00 47.70 ? 283 GLN A CB  1 
ATOM   847  C  CG  . GLN A 1 114 ? 1.309   3.612   22.062  1.00 48.63 ? 283 GLN A CG  1 
ATOM   848  C  CD  . GLN A 1 114 ? 1.039   4.459   20.813  1.00 49.60 ? 283 GLN A CD  1 
ATOM   849  O  OE1 . GLN A 1 114 ? 1.887   4.587   19.928  1.00 49.73 ? 283 GLN A OE1 1 
ATOM   850  N  NE2 . GLN A 1 114 ? -0.153  5.048   20.751  1.00 49.94 ? 283 GLN A NE2 1 
ATOM   851  N  N   . GLU A 1 115 ? 3.089   -0.684  20.887  1.00 46.37 ? 284 GLU A N   1 
ATOM   852  C  CA  . GLU A 1 115 ? 4.180   -1.605  20.542  1.00 46.15 ? 284 GLU A CA  1 
ATOM   853  C  C   . GLU A 1 115 ? 3.844   -2.591  19.405  1.00 45.73 ? 284 GLU A C   1 
ATOM   854  O  O   . GLU A 1 115 ? 4.512   -3.617  19.253  1.00 45.65 ? 284 GLU A O   1 
ATOM   855  C  CB  . GLU A 1 115 ? 4.699   -2.344  21.784  1.00 46.36 ? 284 GLU A CB  1 
ATOM   856  C  CG  . GLU A 1 115 ? 3.737   -3.365  22.384  1.00 47.06 ? 284 GLU A CG  1 
ATOM   857  C  CD  . GLU A 1 115 ? 4.277   -4.019  23.648  1.00 48.44 ? 284 GLU A CD  1 
ATOM   858  O  OE1 . GLU A 1 115 ? 5.500   -3.929  23.905  1.00 48.88 ? 284 GLU A OE1 1 
ATOM   859  O  OE2 . GLU A 1 115 ? 3.473   -4.629  24.385  1.00 48.85 ? 284 GLU A OE2 1 
ATOM   860  N  N   . SER A 1 116 ? 2.820   -2.271  18.614  1.00 45.23 ? 285 SER A N   1 
ATOM   861  C  CA  . SER A 1 116 ? 2.461   -3.084  17.443  1.00 44.99 ? 285 SER A CA  1 
ATOM   862  C  C   . SER A 1 116 ? 3.547   -3.070  16.373  1.00 44.37 ? 285 SER A C   1 
ATOM   863  O  O   . SER A 1 116 ? 4.071   -2.008  16.028  1.00 44.43 ? 285 SER A O   1 
ATOM   864  C  CB  . SER A 1 116 ? 1.142   -2.609  16.832  1.00 45.10 ? 285 SER A CB  1 
ATOM   865  O  OG  . SER A 1 116 ? 0.045   -3.253  17.459  1.00 46.47 ? 285 SER A OG  1 
ATOM   866  N  N   . CYS A 1 117 ? 3.887   -4.251  15.857  1.00 43.56 ? 286 CYS A N   1 
ATOM   867  C  CA  . CYS A 1 117 ? 4.755   -4.345  14.684  1.00 42.73 ? 286 CYS A CA  1 
ATOM   868  C  C   . CYS A 1 117 ? 3.924   -4.100  13.418  1.00 42.06 ? 286 CYS A C   1 
ATOM   869  O  O   . CYS A 1 117 ? 2.888   -4.735  13.223  1.00 41.67 ? 286 CYS A O   1 
ATOM   870  C  CB  . CYS A 1 117 ? 5.450   -5.709  14.612  1.00 42.76 ? 286 CYS A CB  1 
ATOM   871  S  SG  . CYS A 1 117 ? 6.582   -6.081  15.992  0.50 42.29 ? 286 CYS A SG  1 
ATOM   872  N  N   . ILE A 1 118 ? 4.368   -3.162  12.581  1.00 41.52 ? 287 ILE A N   1 
ATOM   873  C  CA  . ILE A 1 118 ? 3.707   -2.890  11.295  1.00 41.08 ? 287 ILE A CA  1 
ATOM   874  C  C   . ILE A 1 118 ? 4.119   -3.935  10.256  1.00 40.78 ? 287 ILE A C   1 
ATOM   875  O  O   . ILE A 1 118 ? 3.559   -3.989  9.156   1.00 40.66 ? 287 ILE A O   1 
ATOM   876  C  CB  . ILE A 1 118 ? 4.000   -1.443  10.755  1.00 41.30 ? 287 ILE A CB  1 
ATOM   877  C  CG1 . ILE A 1 118 ? 5.511   -1.194  10.583  1.00 40.78 ? 287 ILE A CG1 1 
ATOM   878  C  CG2 . ILE A 1 118 ? 3.380   -0.388  11.663  1.00 40.30 ? 287 ILE A CG2 1 
ATOM   879  C  CD1 . ILE A 1 118 ? 6.058   -1.532  9.206   1.00 38.74 ? 287 ILE A CD1 1 
ATOM   880  N  N   . GLU A 1 119 ? 5.094   -4.765  10.626  1.00 40.33 ? 288 GLU A N   1 
ATOM   881  C  CA  . GLU A 1 119 ? 5.714   -5.730  9.708   1.00 40.20 ? 288 GLU A CA  1 
ATOM   882  C  C   . GLU A 1 119 ? 4.798   -6.800  9.066   1.00 39.11 ? 288 GLU A C   1 
ATOM   883  O  O   . GLU A 1 119 ? 4.956   -7.090  7.882   1.00 39.03 ? 288 GLU A O   1 
ATOM   884  C  CB  . GLU A 1 119 ? 6.969   -6.353  10.341  1.00 40.53 ? 288 GLU A CB  1 
ATOM   885  C  CG  . GLU A 1 119 ? 8.221   -5.511  10.118  1.00 42.92 ? 288 GLU A CG  1 
ATOM   886  C  CD  . GLU A 1 119 ? 9.287   -5.695  11.190  1.00 46.38 ? 288 GLU A CD  1 
ATOM   887  O  OE1 . GLU A 1 119 ? 9.836   -6.816  11.325  1.00 49.16 ? 288 GLU A OE1 1 
ATOM   888  O  OE2 . GLU A 1 119 ? 9.593   -4.703  11.890  1.00 46.97 ? 288 GLU A OE2 1 
ATOM   889  N  N   . PRO A 1 120 ? 3.879   -7.420  9.836   1.00 38.65 ? 289 PRO A N   1 
ATOM   890  C  CA  . PRO A 1 120 ? 2.915   -8.354  9.213   1.00 37.88 ? 289 PRO A CA  1 
ATOM   891  C  C   . PRO A 1 120 ? 2.042   -7.716  8.129   1.00 37.66 ? 289 PRO A C   1 
ATOM   892  O  O   . PRO A 1 120 ? 1.741   -8.356  7.115   1.00 37.41 ? 289 PRO A O   1 
ATOM   893  C  CB  . PRO A 1 120 ? 2.034   -8.792  10.388  1.00 37.99 ? 289 PRO A CB  1 
ATOM   894  C  CG  . PRO A 1 120 ? 2.873   -8.590  11.584  1.00 38.23 ? 289 PRO A CG  1 
ATOM   895  C  CD  . PRO A 1 120 ? 3.716   -7.377  11.302  1.00 38.55 ? 289 PRO A CD  1 
ATOM   896  N  N   . LEU A 1 121 ? 1.631   -6.472  8.351   1.00 36.70 ? 290 LEU A N   1 
ATOM   897  C  CA  . LEU A 1 121 ? 0.857   -5.733  7.364   1.00 36.48 ? 290 LEU A CA  1 
ATOM   898  C  C   . LEU A 1 121 ? 1.732   -5.459  6.129   1.00 35.37 ? 290 LEU A C   1 
ATOM   899  O  O   . LEU A 1 121 ? 1.306   -5.678  5.001   1.00 33.68 ? 290 LEU A O   1 
ATOM   900  C  CB  . LEU A 1 121 ? 0.383   -4.428  7.995   1.00 37.16 ? 290 LEU A CB  1 
ATOM   901  C  CG  . LEU A 1 121 ? -0.776  -3.629  7.431   1.00 38.56 ? 290 LEU A CG  1 
ATOM   902  C  CD1 . LEU A 1 121 ? -2.050  -4.464  7.445   1.00 39.52 ? 290 LEU A CD1 1 
ATOM   903  C  CD2 . LEU A 1 121 ? -0.933  -2.417  8.334   1.00 40.69 ? 290 LEU A CD2 1 
ATOM   904  N  N   . ALA A 1 122 ? 2.971   -5.025  6.359   1.00 34.26 ? 291 ALA A N   1 
ATOM   905  C  CA  . ALA A 1 122 ? 3.877   -4.704  5.260   1.00 34.02 ? 291 ALA A CA  1 
ATOM   906  C  C   . ALA A 1 122 ? 4.216   -5.952  4.456   1.00 34.02 ? 291 ALA A C   1 
ATOM   907  O  O   . ALA A 1 122 ? 4.267   -5.900  3.229   1.00 33.05 ? 291 ALA A O   1 
ATOM   908  C  CB  . ALA A 1 122 ? 5.147   -4.027  5.776   1.00 33.78 ? 291 ALA A CB  1 
ATOM   909  N  N   . GLU A 1 123 ? 4.437   -7.072  5.146   1.00 33.90 ? 292 GLU A N   1 
ATOM   910  C  CA  . GLU A 1 123 ? 4.657   -8.349  4.470   1.00 34.42 ? 292 GLU A CA  1 
ATOM   911  C  C   . GLU A 1 123 ? 3.461   -8.807  3.636   1.00 34.54 ? 292 GLU A C   1 
ATOM   912  O  O   . GLU A 1 123 ? 3.633   -9.333  2.538   1.00 33.78 ? 292 GLU A O   1 
ATOM   913  C  CB  . GLU A 1 123 ? 5.093   -9.417  5.471   1.00 35.63 ? 292 GLU A CB  1 
ATOM   914  C  CG  . GLU A 1 123 ? 6.518   -9.200  5.911   1.00 37.14 ? 292 GLU A CG  1 
ATOM   915  C  CD  . GLU A 1 123 ? 6.831   -9.740  7.285   1.00 40.31 ? 292 GLU A CD  1 
ATOM   916  O  OE1 . GLU A 1 123 ? 6.104   -10.621 7.797   1.00 42.07 ? 292 GLU A OE1 1 
ATOM   917  O  OE2 . GLU A 1 123 ? 7.833   -9.272  7.871   1.00 40.77 ? 292 GLU A OE2 1 
ATOM   918  N  N   . SER A 1 124 ? 2.255   -8.565  4.143   1.00 34.42 ? 293 SER A N   1 
ATOM   919  C  CA  . SER A 1 124 ? 1.019   -8.923  3.446   1.00 34.89 ? 293 SER A CA  1 
ATOM   920  C  C   . SER A 1 124 ? 0.886   -8.188  2.109   1.00 33.60 ? 293 SER A C   1 
ATOM   921  O  O   . SER A 1 124 ? 0.558   -8.779  1.075   1.00 32.97 ? 293 SER A O   1 
ATOM   922  C  CB  . SER A 1 124 ? -0.186  -8.619  4.346   1.00 35.23 ? 293 SER A CB  1 
ATOM   923  O  OG  . SER A 1 124 ? -1.394  -8.661  3.602   1.00 40.98 ? 293 SER A OG  1 
ATOM   924  N  N   . ILE A 1 125 ? 1.175   -6.896  2.137   1.00 32.36 ? 294 ILE A N   1 
ATOM   925  C  CA  . ILE A 1 125 ? 1.099   -6.054  0.960   1.00 31.70 ? 294 ILE A CA  1 
ATOM   926  C  C   . ILE A 1 125 ? 2.234   -6.394  -0.024  1.00 32.04 ? 294 ILE A C   1 
ATOM   927  O  O   . ILE A 1 125 ? 1.997   -6.544  -1.230  1.00 31.15 ? 294 ILE A O   1 
ATOM   928  C  CB  . ILE A 1 125 ? 1.147   -4.553  1.393   1.00 32.04 ? 294 ILE A CB  1 
ATOM   929  C  CG1 . ILE A 1 125 ? -0.093  -4.215  2.241   1.00 31.37 ? 294 ILE A CG1 1 
ATOM   930  C  CG2 . ILE A 1 125 ? 1.269   -3.615  0.179   1.00 30.92 ? 294 ILE A CG2 1 
ATOM   931  C  CD1 . ILE A 1 125 ? 0.045   -2.899  3.044   1.00 29.67 ? 294 ILE A CD1 1 
ATOM   932  N  N   . THR A 1 126 ? 3.453   -6.533  0.492   1.00 31.65 ? 295 THR A N   1 
ATOM   933  C  CA  . THR A 1 126 ? 4.610   -6.823  -0.356  1.00 32.87 ? 295 THR A CA  1 
ATOM   934  C  C   . THR A 1 126 ? 4.394   -8.159  -1.055  1.00 33.60 ? 295 THR A C   1 
ATOM   935  O  O   . THR A 1 126 ? 4.740   -8.339  -2.225  1.00 33.26 ? 295 THR A O   1 
ATOM   936  C  CB  . THR A 1 126 ? 5.918   -6.885  0.462   1.00 32.23 ? 295 THR A CB  1 
ATOM   937  O  OG1 . THR A 1 126 ? 6.125   -5.619  1.101   1.00 33.40 ? 295 THR A OG1 1 
ATOM   938  C  CG2 . THR A 1 126 ? 7.088   -7.156  -0.448  1.00 32.60 ? 295 THR A CG2 1 
ATOM   939  N  N   . ASP A 1 127 ? 3.779   -9.081  -0.331  1.00 34.78 ? 296 ASP A N   1 
ATOM   940  C  CA  . ASP A 1 127 ? 3.510   -10.392 -0.866  1.00 37.15 ? 296 ASP A CA  1 
ATOM   941  C  C   . ASP A 1 127 ? 2.553   -10.410 -2.045  1.00 36.98 ? 296 ASP A C   1 
ATOM   942  O  O   . ASP A 1 127 ? 2.856   -11.027 -3.063  1.00 37.71 ? 296 ASP A O   1 
ATOM   943  C  CB  . ASP A 1 127 ? 2.995   -11.299 0.224   1.00 38.14 ? 296 ASP A CB  1 
ATOM   944  C  CG  . ASP A 1 127 ? 3.650   -12.601 0.181   1.00 42.57 ? 296 ASP A CG  1 
ATOM   945  O  OD1 . ASP A 1 127 ? 2.985   -13.568 -0.249  1.00 46.88 ? 296 ASP A OD1 1 
ATOM   946  O  OD2 . ASP A 1 127 ? 4.858   -12.637 0.524   1.00 47.73 ? 296 ASP A OD2 1 
ATOM   947  N  N   . VAL A 1 128 ? 1.400   -9.753  -1.911  1.00 37.13 ? 297 VAL A N   1 
ATOM   948  C  CA  . VAL A 1 128 ? 0.475   -9.584  -3.033  1.00 37.17 ? 297 VAL A CA  1 
ATOM   949  C  C   . VAL A 1 128 ? 1.213   -8.926  -4.180  1.00 37.39 ? 297 VAL A C   1 
ATOM   950  O  O   . VAL A 1 128 ? 1.160   -9.418  -5.317  1.00 38.21 ? 297 VAL A O   1 
ATOM   951  C  CB  . VAL A 1 128 ? -0.791  -8.740  -2.666  1.00 37.82 ? 297 VAL A CB  1 
ATOM   952  C  CG1 . VAL A 1 128 ? -1.685  -8.465  -3.916  1.00 38.90 ? 297 VAL A CG1 1 
ATOM   953  C  CG2 . VAL A 1 128 ? -1.589  -9.421  -1.577  1.00 37.14 ? 297 VAL A CG2 1 
ATOM   954  N  N   . LEU A 1 129 ? 1.894   -7.813  -3.899  1.00 35.71 ? 298 LEU A N   1 
ATOM   955  C  CA  . LEU A 1 129 ? 2.575   -7.076  -4.950  1.00 35.08 ? 298 LEU A CA  1 
ATOM   956  C  C   . LEU A 1 129 ? 3.644   -7.914  -5.680  1.00 34.13 ? 298 LEU A C   1 
ATOM   957  O  O   . LEU A 1 129 ? 3.566   -8.113  -6.884  1.00 34.28 ? 298 LEU A O   1 
ATOM   958  C  CB  . LEU A 1 129 ? 3.176   -5.773  -4.404  1.00 35.35 ? 298 LEU A CB  1 
ATOM   959  C  CG  . LEU A 1 129 ? 4.068   -4.934  -5.338  1.00 38.80 ? 298 LEU A CG  1 
ATOM   960  C  CD1 . LEU A 1 129 ? 3.312   -4.419  -6.570  1.00 40.18 ? 298 LEU A CD1 1 
ATOM   961  C  CD2 . LEU A 1 129 ? 4.713   -3.762  -4.583  1.00 40.30 ? 298 LEU A CD2 1 
ATOM   962  N  N   . VAL A 1 130 ? 4.629   -8.411  -4.946  1.00 32.15 ? 299 VAL A N   1 
ATOM   963  C  CA  . VAL A 1 130 ? 5.781   -9.032  -5.582  1.00 32.03 ? 299 VAL A CA  1 
ATOM   964  C  C   . VAL A 1 130 ? 5.443   -10.416 -6.127  1.00 32.04 ? 299 VAL A C   1 
ATOM   965  O  O   . VAL A 1 130 ? 5.855   -10.762 -7.217  1.00 32.95 ? 299 VAL A O   1 
ATOM   966  C  CB  . VAL A 1 130 ? 7.015   -9.047  -4.640  1.00 31.56 ? 299 VAL A CB  1 
ATOM   967  C  CG1 . VAL A 1 130 ? 8.220   -9.703  -5.315  1.00 32.46 ? 299 VAL A CG1 1 
ATOM   968  C  CG2 . VAL A 1 130 ? 7.362   -7.609  -4.254  1.00 30.78 ? 299 VAL A CG2 1 
ATOM   969  N  N   . ARG A 1 131 ? 4.684   -11.197 -5.376  1.00 31.65 ? 300 ARG A N   1 
ATOM   970  C  CA  . ARG A 1 131 ? 4.414   -12.560 -5.776  1.00 32.34 ? 300 ARG A CA  1 
ATOM   971  C  C   . ARG A 1 131 ? 3.403   -12.528 -6.943  1.00 31.22 ? 300 ARG A C   1 
ATOM   972  O  O   . ARG A 1 131 ? 3.640   -13.141 -7.976  1.00 31.06 ? 300 ARG A O   1 
ATOM   973  C  CB  . ARG A 1 131 ? 3.952   -13.383 -4.550  1.00 32.71 ? 300 ARG A CB  1 
ATOM   974  C  CG  . ARG A 1 131 ? 3.736   -14.859 -4.750  1.00 36.07 ? 300 ARG A CG  1 
ATOM   975  C  CD  . ARG A 1 131 ? 3.377   -15.560 -3.405  1.00 40.64 ? 300 ARG A CD  1 
ATOM   976  N  NE  . ARG A 1 131 ? 2.295   -14.867 -2.690  1.00 43.66 ? 300 ARG A NE  1 
ATOM   977  C  CZ  . ARG A 1 131 ? 1.006   -14.919 -3.025  1.00 44.31 ? 300 ARG A CZ  1 
ATOM   978  N  NH1 . ARG A 1 131 ? 0.592   -15.668 -4.052  1.00 43.37 ? 300 ARG A NH1 1 
ATOM   979  N  NH2 . ARG A 1 131 ? 0.121   -14.231 -2.316  1.00 45.21 ? 300 ARG A NH2 1 
ATOM   980  N  N   . THR A 1 132 ? 2.330   -11.752 -6.825  1.00 30.31 ? 301 THR A N   1 
ATOM   981  C  CA  . THR A 1 132 ? 1.305   -11.804 -7.865  1.00 30.04 ? 301 THR A CA  1 
ATOM   982  C  C   . THR A 1 132 ? 1.600   -10.946 -9.088  1.00 28.99 ? 301 THR A C   1 
ATOM   983  O  O   . THR A 1 132 ? 1.017   -11.198 -10.149 1.00 28.23 ? 301 THR A O   1 
ATOM   984  C  CB  . THR A 1 132 ? -0.143  -11.511 -7.343  1.00 31.04 ? 301 THR A CB  1 
ATOM   985  O  OG1 . THR A 1 132 ? -0.284  -10.121 -7.089  1.00 31.16 ? 301 THR A OG1 1 
ATOM   986  C  CG2 . THR A 1 132 ? -0.430  -12.295 -6.076  1.00 30.90 ? 301 THR A CG2 1 
ATOM   987  N  N   . LYS A 1 133 ? 2.494   -9.957  -8.959  1.00 27.77 ? 302 LYS A N   1 
ATOM   988  C  CA  . LYS A 1 133 ? 2.821   -9.064  -10.094 1.00 27.92 ? 302 LYS A CA  1 
ATOM   989  C  C   . LYS A 1 133 ? 4.295   -9.108  -10.460 1.00 27.41 ? 302 LYS A C   1 
ATOM   990  O  O   . LYS A 1 133 ? 4.826   -8.175  -11.067 1.00 27.27 ? 302 LYS A O   1 
ATOM   991  C  CB  . LYS A 1 133 ? 2.360   -7.617  -9.828  1.00 28.87 ? 302 LYS A CB  1 
ATOM   992  C  CG  . LYS A 1 133 ? 0.875   -7.480  -9.509  1.00 30.72 ? 302 LYS A CG  1 
ATOM   993  C  CD  . LYS A 1 133 ? -0.014  -7.931  -10.655 1.00 33.44 ? 302 LYS A CD  1 
ATOM   994  C  CE  . LYS A 1 133 ? -1.474  -7.813  -10.230 1.00 38.11 ? 302 LYS A CE  1 
ATOM   995  N  NZ  . LYS A 1 133 ? -2.354  -8.202  -11.370 1.00 40.28 ? 302 LYS A NZ  1 
ATOM   996  N  N   . ARG A 1 134 ? 4.934   -10.227 -10.132 1.00 26.90 ? 303 ARG A N   1 
ATOM   997  C  CA  . ARG A 1 134 ? 6.356   -10.404 -10.346 1.00 26.44 ? 303 ARG A CA  1 
ATOM   998  C  C   . ARG A 1 134 ? 6.851   -9.972  -11.725 1.00 26.41 ? 303 ARG A C   1 
ATOM   999  O  O   . ARG A 1 134 ? 7.702   -9.073  -11.821 1.00 26.52 ? 303 ARG A O   1 
ATOM   1000 C  CB  . ARG A 1 134 ? 6.761   -11.860 -10.053 1.00 26.83 ? 303 ARG A CB  1 
ATOM   1001 C  CG  . ARG A 1 134 ? 8.193   -12.197 -10.438 1.00 29.19 ? 303 ARG A CG  1 
ATOM   1002 C  CD  . ARG A 1 134 ? 9.204   -11.711 -9.439  1.00 34.50 ? 303 ARG A CD  1 
ATOM   1003 N  NE  . ARG A 1 134 ? 9.052   -12.361 -8.139  1.00 36.15 ? 303 ARG A NE  1 
ATOM   1004 C  CZ  . ARG A 1 134 ? 9.939   -12.292 -7.147  1.00 36.98 ? 303 ARG A CZ  1 
ATOM   1005 N  NH1 . ARG A 1 134 ? 11.078  -11.619 -7.304  1.00 35.16 ? 303 ARG A NH1 1 
ATOM   1006 N  NH2 . ARG A 1 134 ? 9.684   -12.917 -6.004  1.00 34.50 ? 303 ARG A NH2 1 
ATOM   1007 N  N   . ASP A 1 135 ? 6.338   -10.603 -12.784 1.00 25.00 ? 304 ASP A N   1 
ATOM   1008 C  CA  . ASP A 1 135 ? 6.815   -10.311 -14.153 1.00 25.30 ? 304 ASP A CA  1 
ATOM   1009 C  C   . ASP A 1 135 ? 6.438   -8.887  -14.608 1.00 25.23 ? 304 ASP A C   1 
ATOM   1010 O  O   . ASP A 1 135 ? 7.208   -8.234  -15.302 1.00 24.91 ? 304 ASP A O   1 
ATOM   1011 C  CB  . ASP A 1 135 ? 6.362   -11.402 -15.144 1.00 24.61 ? 304 ASP A CB  1 
ATOM   1012 C  CG  . ASP A 1 135 ? 7.057   -12.730 -14.873 1.00 25.31 ? 304 ASP A CG  1 
ATOM   1013 O  OD1 . ASP A 1 135 ? 8.048   -12.703 -14.107 1.00 25.99 ? 304 ASP A OD1 1 
ATOM   1014 O  OD2 . ASP A 1 135 ? 6.679   -13.785 -15.435 1.00 26.47 ? 304 ASP A OD2 1 
ATOM   1015 N  N   . TRP A 1 136 ? 5.268   -8.417  -14.200 1.00 26.22 ? 305 TRP A N   1 
ATOM   1016 C  CA  . TRP A 1 136 ? 4.851   -7.029  -14.458 1.00 26.67 ? 305 TRP A CA  1 
ATOM   1017 C  C   . TRP A 1 136 ? 5.845   -5.995  -13.891 1.00 27.44 ? 305 TRP A C   1 
ATOM   1018 O  O   . TRP A 1 136 ? 6.216   -5.034  -14.580 1.00 26.85 ? 305 TRP A O   1 
ATOM   1019 C  CB  . TRP A 1 136 ? 3.462   -6.797  -13.885 1.00 27.31 ? 305 TRP A CB  1 
ATOM   1020 C  CG  . TRP A 1 136 ? 2.841   -5.472  -14.236 1.00 26.57 ? 305 TRP A CG  1 
ATOM   1021 C  CD1 . TRP A 1 136 ? 2.141   -5.167  -15.361 1.00 29.26 ? 305 TRP A CD1 1 
ATOM   1022 C  CD2 . TRP A 1 136 ? 2.872   -4.285  -13.440 1.00 28.12 ? 305 TRP A CD2 1 
ATOM   1023 N  NE1 . TRP A 1 136 ? 1.716   -3.856  -15.318 1.00 29.18 ? 305 TRP A NE1 1 
ATOM   1024 C  CE2 . TRP A 1 136 ? 2.146   -3.293  -14.140 1.00 29.79 ? 305 TRP A CE2 1 
ATOM   1025 C  CE3 . TRP A 1 136 ? 3.412   -3.974  -12.175 1.00 27.74 ? 305 TRP A CE3 1 
ATOM   1026 C  CZ2 . TRP A 1 136 ? 1.967   -1.989  -13.639 1.00 28.28 ? 305 TRP A CZ2 1 
ATOM   1027 C  CZ3 . TRP A 1 136 ? 3.224   -2.660  -11.671 1.00 29.54 ? 305 TRP A CZ3 1 
ATOM   1028 C  CH2 . TRP A 1 136 ? 2.501   -1.701  -12.403 1.00 28.17 ? 305 TRP A CH2 1 
ATOM   1029 N  N   . LEU A 1 137 ? 6.258   -6.209  -12.646 1.00 28.19 ? 306 LEU A N   1 
ATOM   1030 C  CA  . LEU A 1 137 ? 7.278   -5.376  -11.983 1.00 30.11 ? 306 LEU A CA  1 
ATOM   1031 C  C   . LEU A 1 137 ? 8.652   -5.502  -12.649 1.00 30.68 ? 306 LEU A C   1 
ATOM   1032 O  O   . LEU A 1 137 ? 9.284   -4.492  -12.949 1.00 31.24 ? 306 LEU A O   1 
ATOM   1033 C  CB  . LEU A 1 137 ? 7.411   -5.785  -10.513 1.00 29.31 ? 306 LEU A CB  1 
ATOM   1034 C  CG  . LEU A 1 137 ? 6.234   -5.508  -9.595  1.00 31.93 ? 306 LEU A CG  1 
ATOM   1035 C  CD1 . LEU A 1 137 ? 6.444   -6.195  -8.257  1.00 33.04 ? 306 LEU A CD1 1 
ATOM   1036 C  CD2 . LEU A 1 137 ? 6.084   -3.973  -9.426  1.00 32.34 ? 306 LEU A CD2 1 
ATOM   1037 N  N   . VAL A 1 138 ? 9.121   -6.738  -12.865 1.00 31.41 ? 307 VAL A N   1 
ATOM   1038 C  CA  . VAL A 1 138 ? 10.453  -6.969  -13.470 1.00 32.45 ? 307 VAL A CA  1 
ATOM   1039 C  C   . VAL A 1 138 ? 10.577  -6.235  -14.809 1.00 33.31 ? 307 VAL A C   1 
ATOM   1040 O  O   . VAL A 1 138 ? 11.585  -5.567  -15.078 1.00 33.17 ? 307 VAL A O   1 
ATOM   1041 C  CB  . VAL A 1 138 ? 10.763  -8.480  -13.669 1.00 32.53 ? 307 VAL A CB  1 
ATOM   1042 C  CG1 . VAL A 1 138 ? 12.109  -8.686  -14.405 1.00 34.44 ? 307 VAL A CG1 1 
ATOM   1043 C  CG2 . VAL A 1 138 ? 10.778  -9.231  -12.319 1.00 32.13 ? 307 VAL A CG2 1 
ATOM   1044 N  N   . LYS A 1 139 ? 9.537   -6.338  -15.635 1.00 33.80 ? 308 LYS A N   1 
ATOM   1045 C  CA  . LYS A 1 139 ? 9.584   -5.794  -16.989 1.00 35.37 ? 308 LYS A CA  1 
ATOM   1046 C  C   . LYS A 1 139 ? 9.956   -4.303  -17.011 1.00 35.37 ? 308 LYS A C   1 
ATOM   1047 O  O   . LYS A 1 139 ? 10.608  -3.836  -17.949 1.00 35.58 ? 308 LYS A O   1 
ATOM   1048 C  CB  . LYS A 1 139 ? 8.234   -5.985  -17.685 1.00 35.95 ? 308 LYS A CB  1 
ATOM   1049 C  CG  . LYS A 1 139 ? 8.339   -5.890  -19.217 1.00 40.52 ? 308 LYS A CG  1 
ATOM   1050 C  CD  . LYS A 1 139 ? 6.969   -5.832  -19.900 1.00 44.43 ? 308 LYS A CD  1 
ATOM   1051 C  CE  . LYS A 1 139 ? 7.130   -5.745  -21.419 1.00 47.02 ? 308 LYS A CE  1 
ATOM   1052 N  NZ  . LYS A 1 139 ? 5.799   -5.612  -22.089 1.00 49.06 ? 308 LYS A NZ  1 
ATOM   1053 N  N   . GLN A 1 140 ? 9.546   -3.574  -15.973 1.00 34.00 ? 309 GLN A N   1 
ATOM   1054 C  CA  . GLN A 1 140 ? 9.753   -2.120  -15.908 1.00 32.84 ? 309 GLN A CA  1 
ATOM   1055 C  C   . GLN A 1 140 ? 10.807  -1.693  -14.896 1.00 32.23 ? 309 GLN A C   1 
ATOM   1056 O  O   . GLN A 1 140 ? 10.774  -0.569  -14.377 1.00 32.66 ? 309 GLN A O   1 
ATOM   1057 C  CB  . GLN A 1 140 ? 8.430   -1.435  -15.597 1.00 32.39 ? 309 GLN A CB  1 
ATOM   1058 C  CG  . GLN A 1 140 ? 7.744   -1.926  -14.352 1.00 32.03 ? 309 GLN A CG  1 
ATOM   1059 C  CD  . GLN A 1 140 ? 6.363   -1.350  -14.241 1.00 31.43 ? 309 GLN A CD  1 
ATOM   1060 O  OE1 . GLN A 1 140 ? 6.193   -0.140  -14.274 1.00 32.06 ? 309 GLN A OE1 1 
ATOM   1061 N  NE2 . GLN A 1 140 ? 5.365   -2.210  -14.127 1.00 32.65 ? 309 GLN A NE2 1 
ATOM   1062 N  N   . ARG A 1 141 ? 11.741  -2.595  -14.618 1.00 30.66 ? 310 ARG A N   1 
ATOM   1063 C  CA  . ARG A 1 141 ? 12.826  -2.357  -13.662 1.00 29.56 ? 310 ARG A CA  1 
ATOM   1064 C  C   . ARG A 1 141 ? 12.246  -1.970  -12.300 1.00 28.48 ? 310 ARG A C   1 
ATOM   1065 O  O   . ARG A 1 141 ? 12.731  -1.058  -11.632 1.00 27.59 ? 310 ARG A O   1 
ATOM   1066 C  CB  . ARG A 1 141 ? 13.856  -1.323  -14.168 1.00 28.98 ? 310 ARG A CB  1 
ATOM   1067 C  CG  . ARG A 1 141 ? 14.735  -1.793  -15.317 1.00 30.60 ? 310 ARG A CG  1 
ATOM   1068 C  CD  . ARG A 1 141 ? 15.911  -0.818  -15.547 1.00 32.18 ? 310 ARG A CD  1 
ATOM   1069 N  NE  . ARG A 1 141 ? 15.424  0.550   -15.760 1.00 35.72 ? 310 ARG A NE  1 
ATOM   1070 C  CZ  . ARG A 1 141 ? 14.943  0.995   -16.916 1.00 37.72 ? 310 ARG A CZ  1 
ATOM   1071 N  NH1 . ARG A 1 141 ? 14.902  0.184   -17.980 1.00 38.55 ? 310 ARG A NH1 1 
ATOM   1072 N  NH2 . ARG A 1 141 ? 14.500  2.246   -17.015 1.00 38.10 ? 310 ARG A NH2 1 
ATOM   1073 N  N   . GLY A 1 142 ? 11.193  -2.688  -11.910 1.00 27.50 ? 311 GLY A N   1 
ATOM   1074 C  CA  . GLY A 1 142 ? 10.669  -2.614  -10.557 1.00 26.75 ? 311 GLY A CA  1 
ATOM   1075 C  C   . GLY A 1 142 ? 10.245  -1.218  -10.183 1.00 26.32 ? 311 GLY A C   1 
ATOM   1076 O  O   . GLY A 1 142 ? 9.410   -0.612  -10.858 1.00 25.91 ? 311 GLY A O   1 
ATOM   1077 N  N   . TRP A 1 143 ? 10.838  -0.701  -9.117  1.00 26.40 ? 312 TRP A N   1 
ATOM   1078 C  CA  . TRP A 1 143 ? 10.444  0.600   -8.574  1.00 27.83 ? 312 TRP A CA  1 
ATOM   1079 C  C   . TRP A 1 143 ? 10.723  1.825   -9.468  1.00 28.22 ? 312 TRP A C   1 
ATOM   1080 O  O   . TRP A 1 143 ? 10.131  2.903   -9.276  1.00 27.52 ? 312 TRP A O   1 
ATOM   1081 C  CB  . TRP A 1 143 ? 11.036  0.755   -7.175  1.00 28.59 ? 312 TRP A CB  1 
ATOM   1082 C  CG  . TRP A 1 143 ? 10.312  -0.195  -6.248  1.00 29.11 ? 312 TRP A CG  1 
ATOM   1083 C  CD1 . TRP A 1 143 ? 10.652  -1.494  -5.959  1.00 30.00 ? 312 TRP A CD1 1 
ATOM   1084 C  CD2 . TRP A 1 143 ? 9.091   0.068   -5.549  1.00 29.83 ? 312 TRP A CD2 1 
ATOM   1085 N  NE1 . TRP A 1 143 ? 9.724   -2.042  -5.099  1.00 30.65 ? 312 TRP A NE1 1 
ATOM   1086 C  CE2 . TRP A 1 143 ? 8.758   -1.106  -4.829  1.00 29.76 ? 312 TRP A CE2 1 
ATOM   1087 C  CE3 . TRP A 1 143 ? 8.253   1.192   -5.449  1.00 31.24 ? 312 TRP A CE3 1 
ATOM   1088 C  CZ2 . TRP A 1 143 ? 7.619   -1.193  -4.006  1.00 30.54 ? 312 TRP A CZ2 1 
ATOM   1089 C  CZ3 . TRP A 1 143 ? 7.109   1.111   -4.639  1.00 30.94 ? 312 TRP A CZ3 1 
ATOM   1090 C  CH2 . TRP A 1 143 ? 6.803   -0.089  -3.926  1.00 29.98 ? 312 TRP A CH2 1 
ATOM   1091 N  N   . ASP A 1 144 ? 11.598  1.654   -10.456 1.00 27.52 ? 313 ASP A N   1 
ATOM   1092 C  CA  . ASP A 1 144 ? 11.781  2.714   -11.446 1.00 27.91 ? 313 ASP A CA  1 
ATOM   1093 C  C   . ASP A 1 144 ? 10.454  3.009   -12.165 1.00 27.73 ? 313 ASP A C   1 
ATOM   1094 O  O   . ASP A 1 144 ? 10.166  4.162   -12.479 1.00 26.81 ? 313 ASP A O   1 
ATOM   1095 C  CB  . ASP A 1 144 ? 12.834  2.355   -12.478 1.00 27.56 ? 313 ASP A CB  1 
ATOM   1096 C  CG  . ASP A 1 144 ? 13.092  3.481   -13.415 1.00 29.64 ? 313 ASP A CG  1 
ATOM   1097 O  OD1 . ASP A 1 144 ? 13.348  4.613   -12.898 1.00 27.94 ? 313 ASP A OD1 1 
ATOM   1098 O  OD2 . ASP A 1 144 ? 13.014  3.259   -14.659 1.00 30.56 ? 313 ASP A OD2 1 
ATOM   1099 N  N   . GLY A 1 145 ? 9.640   1.979   -12.411 1.00 27.85 ? 314 GLY A N   1 
ATOM   1100 C  CA  . GLY A 1 145 ? 8.333   2.200   -13.040 1.00 27.95 ? 314 GLY A CA  1 
ATOM   1101 C  C   . GLY A 1 145 ? 7.507   3.144   -12.198 1.00 28.35 ? 314 GLY A C   1 
ATOM   1102 O  O   . GLY A 1 145 ? 6.866   4.053   -12.720 1.00 29.05 ? 314 GLY A O   1 
ATOM   1103 N  N   . PHE A 1 146 ? 7.551   2.921   -10.884 1.00 28.59 ? 315 PHE A N   1 
ATOM   1104 C  CA  . PHE A 1 146 ? 6.804   3.694   -9.887  1.00 28.01 ? 315 PHE A CA  1 
ATOM   1105 C  C   . PHE A 1 146 ? 7.327   5.126   -9.827  1.00 27.80 ? 315 PHE A C   1 
ATOM   1106 O  O   . PHE A 1 146 ? 6.549   6.107   -9.950  1.00 27.46 ? 315 PHE A O   1 
ATOM   1107 C  CB  . PHE A 1 146 ? 6.937   2.981   -8.531  1.00 28.20 ? 315 PHE A CB  1 
ATOM   1108 C  CG  . PHE A 1 146 ? 6.368   3.743   -7.350  1.00 29.08 ? 315 PHE A CG  1 
ATOM   1109 C  CD1 . PHE A 1 146 ? 4.997   3.788   -7.119  1.00 31.21 ? 315 PHE A CD1 1 
ATOM   1110 C  CD2 . PHE A 1 146 ? 7.217   4.384   -6.455  1.00 29.76 ? 315 PHE A CD2 1 
ATOM   1111 C  CE1 . PHE A 1 146 ? 4.472   4.479   -6.025  1.00 30.29 ? 315 PHE A CE1 1 
ATOM   1112 C  CE2 . PHE A 1 146 ? 6.700   5.069   -5.348  1.00 29.93 ? 315 PHE A CE2 1 
ATOM   1113 C  CZ  . PHE A 1 146 ? 5.332   5.118   -5.138  1.00 28.52 ? 315 PHE A CZ  1 
ATOM   1114 N  N   . VAL A 1 147 ? 8.651   5.253   -9.691  1.00 26.40 ? 316 VAL A N   1 
ATOM   1115 C  CA  . VAL A 1 147 ? 9.291   6.567   -9.668  1.00 26.34 ? 316 VAL A CA  1 
ATOM   1116 C  C   . VAL A 1 147 ? 8.921   7.397   -10.900 1.00 25.87 ? 316 VAL A C   1 
ATOM   1117 O  O   . VAL A 1 147 ? 8.552   8.567   -10.780 1.00 25.87 ? 316 VAL A O   1 
ATOM   1118 C  CB  . VAL A 1 147 ? 10.834  6.446   -9.576  1.00 25.61 ? 316 VAL A CB  1 
ATOM   1119 C  CG1 . VAL A 1 147 ? 11.513  7.796   -9.767  1.00 26.76 ? 316 VAL A CG1 1 
ATOM   1120 C  CG2 . VAL A 1 147 ? 11.224  5.874   -8.205  1.00 26.15 ? 316 VAL A CG2 1 
ATOM   1121 N  N   . GLU A 1 148 ? 9.046   6.791   -12.084 1.00 25.30 ? 317 GLU A N   1 
ATOM   1122 C  CA  . GLU A 1 148 ? 8.806   7.516   -13.314 1.00 25.03 ? 317 GLU A CA  1 
ATOM   1123 C  C   . GLU A 1 148 ? 7.335   7.859   -13.520 1.00 25.52 ? 317 GLU A C   1 
ATOM   1124 O  O   . GLU A 1 148 ? 7.018   8.947   -14.025 1.00 25.86 ? 317 GLU A O   1 
ATOM   1125 C  CB  . GLU A 1 148 ? 9.403   6.785   -14.515 1.00 24.88 ? 317 GLU A CB  1 
ATOM   1126 C  CG  . GLU A 1 148 ? 10.962  6.509   -14.394 1.00 24.27 ? 317 GLU A CG  1 
ATOM   1127 C  CD  . GLU A 1 148 ? 11.825  7.746   -14.240 1.00 24.45 ? 317 GLU A CD  1 
ATOM   1128 O  OE1 . GLU A 1 148 ? 11.314  8.867   -14.459 1.00 25.12 ? 317 GLU A OE1 1 
ATOM   1129 O  OE2 . GLU A 1 148 ? 13.056  7.593   -13.940 1.00 22.18 ? 317 GLU A OE2 1 
ATOM   1130 N  N   . PHE A 1 149 ? 6.445   6.948   -13.118 1.00 25.55 ? 318 PHE A N   1 
ATOM   1131 C  CA  . PHE A 1 149 ? 5.001   7.159   -13.288 1.00 26.83 ? 318 PHE A CA  1 
ATOM   1132 C  C   . PHE A 1 149 ? 4.572   8.372   -12.488 1.00 26.91 ? 318 PHE A C   1 
ATOM   1133 O  O   . PHE A 1 149 ? 3.805   9.217   -12.963 1.00 27.18 ? 318 PHE A O   1 
ATOM   1134 C  CB  . PHE A 1 149 ? 4.176   5.911   -12.859 1.00 26.92 ? 318 PHE A CB  1 
ATOM   1135 C  CG  . PHE A 1 149 ? 2.704   6.039   -13.169 1.00 28.30 ? 318 PHE A CG  1 
ATOM   1136 C  CD1 . PHE A 1 149 ? 2.256   5.930   -14.482 1.00 30.34 ? 318 PHE A CD1 1 
ATOM   1137 C  CD2 . PHE A 1 149 ? 1.787   6.343   -12.172 1.00 28.34 ? 318 PHE A CD2 1 
ATOM   1138 C  CE1 . PHE A 1 149 ? 0.905   6.106   -14.801 1.00 31.76 ? 318 PHE A CE1 1 
ATOM   1139 C  CE2 . PHE A 1 149 ? 0.431   6.520   -12.472 1.00 30.18 ? 318 PHE A CE2 1 
ATOM   1140 C  CZ  . PHE A 1 149 ? -0.014  6.382   -13.792 1.00 29.56 ? 318 PHE A CZ  1 
ATOM   1141 N  N   . PHE A 1 150 ? 5.082   8.473   -11.268 1.00 26.28 ? 319 PHE A N   1 
ATOM   1142 C  CA  . PHE A 1 150 ? 4.714   9.587   -10.417 1.00 27.09 ? 319 PHE A CA  1 
ATOM   1143 C  C   . PHE A 1 150 ? 5.662   10.792  -10.464 1.00 27.24 ? 319 PHE A C   1 
ATOM   1144 O  O   . PHE A 1 150 ? 5.552   11.713  -9.632  1.00 27.23 ? 319 PHE A O   1 
ATOM   1145 C  CB  . PHE A 1 150 ? 4.500   9.111   -8.991  1.00 25.98 ? 319 PHE A CB  1 
ATOM   1146 C  CG  . PHE A 1 150 ? 3.305   8.227   -8.845  1.00 25.77 ? 319 PHE A CG  1 
ATOM   1147 C  CD1 . PHE A 1 150 ? 2.016   8.743   -9.014  1.00 27.10 ? 319 PHE A CD1 1 
ATOM   1148 C  CD2 . PHE A 1 150 ? 3.462   6.883   -8.544  1.00 26.95 ? 319 PHE A CD2 1 
ATOM   1149 C  CE1 . PHE A 1 150 ? 0.885   7.909   -8.881  1.00 26.73 ? 319 PHE A CE1 1 
ATOM   1150 C  CE2 . PHE A 1 150 ? 2.329   6.050   -8.396  1.00 27.12 ? 319 PHE A CE2 1 
ATOM   1151 C  CZ  . PHE A 1 150 ? 1.055   6.580   -8.591  1.00 26.59 ? 319 PHE A CZ  1 
ATOM   1152 N  N   . HIS A 1 151 ? 6.554   10.807  -11.457 1.00 27.66 ? 320 HIS A N   1 
ATOM   1153 C  CA  . HIS A 1 151 ? 7.569   11.864  -11.545 1.00 28.65 ? 320 HIS A CA  1 
ATOM   1154 C  C   . HIS A 1 151 ? 6.953   13.216  -11.885 1.00 30.30 ? 320 HIS A C   1 
ATOM   1155 O  O   . HIS A 1 151 ? 6.233   13.333  -12.876 1.00 30.66 ? 320 HIS A O   1 
ATOM   1156 C  CB  . HIS A 1 151 ? 8.637   11.526  -12.595 1.00 27.32 ? 320 HIS A CB  1 
ATOM   1157 C  CG  . HIS A 1 151 ? 9.771   12.496  -12.615 1.00 28.20 ? 320 HIS A CG  1 
ATOM   1158 N  ND1 . HIS A 1 151 ? 10.662  12.608  -11.571 1.00 27.13 ? 320 HIS A ND1 1 
ATOM   1159 C  CD2 . HIS A 1 151 ? 10.140  13.426  -13.531 1.00 24.26 ? 320 HIS A CD2 1 
ATOM   1160 C  CE1 . HIS A 1 151 ? 11.537  13.558  -11.845 1.00 28.15 ? 320 HIS A CE1 1 
ATOM   1161 N  NE2 . HIS A 1 151 ? 11.239  14.067  -13.025 1.00 28.52 ? 320 HIS A NE2 1 
ATOM   1162 N  N   . VAL A 1 152 ? 7.245   14.224  -11.064 1.00 31.31 ? 321 VAL A N   1 
ATOM   1163 C  CA  . VAL A 1 152 ? 6.784   15.582  -11.330 1.00 33.05 ? 321 VAL A CA  1 
ATOM   1164 C  C   . VAL A 1 152 ? 7.942   16.570  -11.353 1.00 32.81 ? 321 VAL A C   1 
ATOM   1165 O  O   . VAL A 1 152 ? 7.984   17.431  -12.222 1.00 33.61 ? 321 VAL A O   1 
ATOM   1166 C  CB  . VAL A 1 152 ? 5.712   16.059  -10.316 1.00 33.34 ? 321 VAL A CB  1 
ATOM   1167 C  CG1 . VAL A 1 152 ? 4.425   15.275  -10.497 1.00 33.97 ? 321 VAL A CG1 1 
ATOM   1168 C  CG2 . VAL A 1 152 ? 6.240   15.945  -8.870  1.00 35.29 ? 321 VAL A CG2 1 
ATOM   1169 N  N   . GLY B 2 4   ? -16.638 -10.882 0.410   1.00 47.14 ? 0   GLY B N   1 
ATOM   1170 C  CA  . GLY B 2 4   ? -17.545 -9.743  0.777   1.00 46.07 ? 0   GLY B CA  1 
ATOM   1171 C  C   . GLY B 2 4   ? -18.576 -10.213 1.777   1.00 45.77 ? 0   GLY B C   1 
ATOM   1172 O  O   . GLY B 2 4   ? -18.419 -11.303 2.335   1.00 46.37 ? 0   GLY B O   1 
ATOM   1173 N  N   . ARG B 2 5   ? -19.645 -9.441  2.009   1.00 44.73 ? 1   ARG B N   1 
ATOM   1174 C  CA  . ARG B 2 5   ? -19.943 -8.187  1.313   1.00 43.58 ? 1   ARG B CA  1 
ATOM   1175 C  C   . ARG B 2 5   ? -19.062 -7.003  1.723   1.00 42.72 ? 1   ARG B C   1 
ATOM   1176 O  O   . ARG B 2 5   ? -18.822 -6.115  0.895   1.00 42.22 ? 1   ARG B O   1 
ATOM   1177 C  CB  . ARG B 2 5   ? -21.423 -7.819  1.474   1.00 43.64 ? 1   ARG B CB  1 
ATOM   1178 N  N   . PRO B 2 6   ? -18.621 -6.957  3.004   1.00 41.81 ? 2   PRO B N   1 
ATOM   1179 C  CA  . PRO B 2 6   ? -17.665 -5.918  3.401   1.00 41.11 ? 2   PRO B CA  1 
ATOM   1180 C  C   . PRO B 2 6   ? -16.387 -5.944  2.572   1.00 40.24 ? 2   PRO B C   1 
ATOM   1181 O  O   . PRO B 2 6   ? -15.914 -4.894  2.160   1.00 39.78 ? 2   PRO B O   1 
ATOM   1182 C  CB  . PRO B 2 6   ? -17.369 -6.261  4.867   1.00 41.21 ? 2   PRO B CB  1 
ATOM   1183 C  CG  . PRO B 2 6   ? -18.629 -6.920  5.331   1.00 41.65 ? 2   PRO B CG  1 
ATOM   1184 C  CD  . PRO B 2 6   ? -19.007 -7.784  4.164   1.00 41.98 ? 2   PRO B CD  1 
ATOM   1185 N  N   . GLU B 2 7   ? -15.848 -7.133  2.313   1.00 39.15 ? 3   GLU B N   1 
ATOM   1186 C  CA  . GLU B 2 7   ? -14.619 -7.236  1.540   1.00 38.48 ? 3   GLU B CA  1 
ATOM   1187 C  C   . GLU B 2 7   ? -14.793 -6.812  0.076   1.00 37.34 ? 3   GLU B C   1 
ATOM   1188 O  O   . GLU B 2 7   ? -13.887 -6.195  -0.490  1.00 36.52 ? 3   GLU B O   1 
ATOM   1189 C  CB  . GLU B 2 7   ? -13.972 -8.623  1.692   1.00 39.15 ? 3   GLU B CB  1 
ATOM   1190 C  CG  . GLU B 2 7   ? -13.621 -8.970  3.169   1.00 41.86 ? 3   GLU B CG  1 
ATOM   1191 C  CD  . GLU B 2 7   ? -13.033 -10.373 3.361   1.00 45.60 ? 3   GLU B CD  1 
ATOM   1192 O  OE1 . GLU B 2 7   ? -12.384 -10.911 2.439   1.00 46.82 ? 3   GLU B OE1 1 
ATOM   1193 O  OE2 . GLU B 2 7   ? -13.211 -10.946 4.458   1.00 47.45 ? 3   GLU B OE2 1 
ATOM   1194 N  N   . ILE B 2 8   ? -15.950 -7.113  -0.522  1.00 36.11 ? 4   ILE B N   1 
ATOM   1195 C  CA  . ILE B 2 8   ? -16.262 -6.642  -1.882  1.00 35.68 ? 4   ILE B CA  1 
ATOM   1196 C  C   . ILE B 2 8   ? -16.324 -5.111  -1.890  1.00 34.99 ? 4   ILE B C   1 
ATOM   1197 O  O   . ILE B 2 8   ? -15.797 -4.457  -2.795  1.00 33.21 ? 4   ILE B O   1 
ATOM   1198 C  CB  . ILE B 2 8   ? -17.593 -7.253  -2.445  1.00 36.41 ? 4   ILE B CB  1 
ATOM   1199 C  CG1 . ILE B 2 8   ? -17.411 -8.735  -2.779  1.00 36.51 ? 4   ILE B CG1 1 
ATOM   1200 C  CG2 . ILE B 2 8   ? -18.075 -6.497  -3.703  1.00 36.64 ? 4   ILE B CG2 1 
ATOM   1201 C  CD1 . ILE B 2 8   ? -18.731 -9.481  -3.027  1.00 39.54 ? 4   ILE B CD1 1 
ATOM   1202 N  N   . TRP B 2 9   ? -16.957 -4.534  -0.867  1.00 34.30 ? 5   TRP B N   1 
ATOM   1203 C  CA  . TRP B 2 9   ? -17.114 -3.074  -0.831  1.00 33.96 ? 5   TRP B CA  1 
ATOM   1204 C  C   . TRP B 2 9   ? -15.766 -2.365  -0.671  1.00 32.60 ? 5   TRP B C   1 
ATOM   1205 O  O   . TRP B 2 9   ? -15.492 -1.372  -1.360  1.00 32.33 ? 5   TRP B O   1 
ATOM   1206 C  CB  . TRP B 2 9   ? -18.115 -2.621  0.243   1.00 34.78 ? 5   TRP B CB  1 
ATOM   1207 C  CG  . TRP B 2 9   ? -18.209 -1.121  0.260   1.00 36.77 ? 5   TRP B CG  1 
ATOM   1208 C  CD1 . TRP B 2 9   ? -18.939 -0.334  -0.593  1.00 38.50 ? 5   TRP B CD1 1 
ATOM   1209 C  CD2 . TRP B 2 9   ? -17.484 -0.223  1.112   1.00 37.75 ? 5   TRP B CD2 1 
ATOM   1210 N  NE1 . TRP B 2 9   ? -18.740 0.996   -0.299  1.00 39.90 ? 5   TRP B NE1 1 
ATOM   1211 C  CE2 . TRP B 2 9   ? -17.847 1.093   0.736   1.00 39.01 ? 5   TRP B CE2 1 
ATOM   1212 C  CE3 . TRP B 2 9   ? -16.576 -0.400  2.163   1.00 37.20 ? 5   TRP B CE3 1 
ATOM   1213 C  CZ2 . TRP B 2 9   ? -17.342 2.230   1.390   1.00 38.84 ? 5   TRP B CZ2 1 
ATOM   1214 C  CZ3 . TRP B 2 9   ? -16.070 0.734   2.810   1.00 37.30 ? 5   TRP B CZ3 1 
ATOM   1215 C  CH2 . TRP B 2 9   ? -16.457 2.028   2.421   1.00 38.28 ? 5   TRP B CH2 1 
ATOM   1216 N  N   . ILE B 2 10  ? -14.919 -2.882  0.219   1.00 31.31 ? 6   ILE B N   1 
ATOM   1217 C  CA  . ILE B 2 10  ? -13.587 -2.305  0.418   1.00 30.19 ? 6   ILE B CA  1 
ATOM   1218 C  C   . ILE B 2 10  ? -12.769 -2.364  -0.895  1.00 29.99 ? 6   ILE B C   1 
ATOM   1219 O  O   . ILE B 2 10  ? -12.159 -1.372  -1.307  1.00 29.02 ? 6   ILE B O   1 
ATOM   1220 C  CB  . ILE B 2 10  ? -12.820 -2.981  1.591   1.00 30.24 ? 6   ILE B CB  1 
ATOM   1221 C  CG1 . ILE B 2 10  ? -13.591 -2.842  2.917   1.00 29.83 ? 6   ILE B CG1 1 
ATOM   1222 C  CG2 . ILE B 2 10  ? -11.427 -2.348  1.770   1.00 29.41 ? 6   ILE B CG2 1 
ATOM   1223 C  CD1 . ILE B 2 10  ? -13.038 -3.759  4.028   1.00 30.48 ? 6   ILE B CD1 1 
ATOM   1224 N  N   . ALA B 2 11  ? -12.800 -3.513  -1.556  1.00 28.84 ? 7   ALA B N   1 
ATOM   1225 C  CA  . ALA B 2 11  ? -12.111 -3.688  -2.835  1.00 29.65 ? 7   ALA B CA  1 
ATOM   1226 C  C   . ALA B 2 11  ? -12.597 -2.712  -3.911  1.00 30.03 ? 7   ALA B C   1 
ATOM   1227 O  O   . ALA B 2 11  ? -11.780 -2.113  -4.610  1.00 30.36 ? 7   ALA B O   1 
ATOM   1228 C  CB  . ALA B 2 11  ? -12.255 -5.113  -3.315  1.00 28.75 ? 7   ALA B CB  1 
ATOM   1229 N  N   . GLN B 2 12  ? -13.917 -2.604  -4.069  1.00 30.18 ? 8   GLN B N   1 
ATOM   1230 C  CA  . GLN B 2 12  ? -14.534 -1.648  -5.021  1.00 30.95 ? 8   GLN B CA  1 
ATOM   1231 C  C   . GLN B 2 12  ? -14.021 -0.213  -4.783  1.00 30.21 ? 8   GLN B C   1 
ATOM   1232 O  O   . GLN B 2 12  ? -13.692 0.523   -5.732  1.00 29.16 ? 8   GLN B O   1 
ATOM   1233 C  CB  . GLN B 2 12  ? -16.060 -1.656  -4.858  1.00 31.62 ? 8   GLN B CB  1 
ATOM   1234 C  CG  . GLN B 2 12  ? -16.847 -1.378  -6.157  1.00 36.20 ? 8   GLN B CG  1 
ATOM   1235 C  CD  . GLN B 2 12  ? -18.357 -1.656  -6.029  1.00 41.51 ? 8   GLN B CD  1 
ATOM   1236 O  OE1 . GLN B 2 12  ? -18.782 -2.747  -5.614  1.00 44.55 ? 8   GLN B OE1 1 
ATOM   1237 N  NE2 . GLN B 2 12  ? -19.169 -0.672  -6.408  1.00 43.24 ? 8   GLN B NE2 1 
ATOM   1238 N  N   . GLU B 2 13  ? -13.975 0.168   -3.512  1.00 29.60 ? 9   GLU B N   1 
ATOM   1239 C  CA  . GLU B 2 13  ? -13.566 1.506   -3.100  1.00 30.19 ? 9   GLU B CA  1 
ATOM   1240 C  C   . GLU B 2 13  ? -12.080 1.736   -3.420  1.00 29.51 ? 9   GLU B C   1 
ATOM   1241 O  O   . GLU B 2 13  ? -11.706 2.778   -3.966  1.00 28.47 ? 9   GLU B O   1 
ATOM   1242 C  CB  . GLU B 2 13  ? -13.820 1.673   -1.593  1.00 30.59 ? 9   GLU B CB  1 
ATOM   1243 C  CG  . GLU B 2 13  ? -13.955 3.094   -1.140  1.00 33.85 ? 9   GLU B CG  1 
ATOM   1244 C  CD  . GLU B 2 13  ? -15.110 3.802   -1.833  1.00 35.52 ? 9   GLU B CD  1 
ATOM   1245 O  OE1 . GLU B 2 13  ? -16.164 3.176   -2.047  1.00 37.86 ? 9   GLU B OE1 1 
ATOM   1246 O  OE2 . GLU B 2 13  ? -14.959 4.971   -2.180  1.00 37.54 ? 9   GLU B OE2 1 
ATOM   1247 N  N   . LEU B 2 14  ? -11.241 0.761   -3.073  1.00 28.25 ? 10  LEU B N   1 
ATOM   1248 C  CA  . LEU B 2 14  ? -9.804  0.879   -3.299  1.00 28.86 ? 10  LEU B CA  1 
ATOM   1249 C  C   . LEU B 2 14  ? -9.521  0.927   -4.795  1.00 28.25 ? 10  LEU B C   1 
ATOM   1250 O  O   . LEU B 2 14  ? -8.696  1.705   -5.262  1.00 29.29 ? 10  LEU B O   1 
ATOM   1251 C  CB  . LEU B 2 14  ? -9.075  -0.316  -2.659  1.00 29.12 ? 10  LEU B CB  1 
ATOM   1252 C  CG  . LEU B 2 14  ? -8.991  -0.297  -1.124  1.00 30.17 ? 10  LEU B CG  1 
ATOM   1253 C  CD1 . LEU B 2 14  ? -8.500  -1.661  -0.589  1.00 28.14 ? 10  LEU B CD1 1 
ATOM   1254 C  CD2 . LEU B 2 14  ? -8.077  0.807   -0.651  1.00 29.27 ? 10  LEU B CD2 1 
ATOM   1255 N  N   . ARG B 2 15  ? -10.217 0.089   -5.551  1.00 28.09 ? 11  ARG B N   1 
ATOM   1256 C  CA  . ARG B 2 15  ? -10.061 0.111   -7.013  1.00 28.78 ? 11  ARG B CA  1 
ATOM   1257 C  C   . ARG B 2 15  ? -10.484 1.452   -7.615  1.00 28.53 ? 11  ARG B C   1 
ATOM   1258 O  O   . ARG B 2 15  ? -9.797  1.970   -8.492  1.00 28.21 ? 11  ARG B O   1 
ATOM   1259 C  CB  . ARG B 2 15  ? -10.863 -1.009  -7.662  1.00 28.00 ? 11  ARG B CB  1 
ATOM   1260 C  CG  . ARG B 2 15  ? -10.610 -1.150  -9.140  1.00 27.81 ? 11  ARG B CG  1 
ATOM   1261 C  CD  . ARG B 2 15  ? -11.523 -2.205  -9.769  1.00 27.48 ? 11  ARG B CD  1 
ATOM   1262 N  NE  . ARG B 2 15  ? -11.132 -3.591  -9.426  1.00 24.84 ? 11  ARG B NE  1 
ATOM   1263 C  CZ  . ARG B 2 15  ? -11.970 -4.625  -9.506  1.00 28.11 ? 11  ARG B CZ  1 
ATOM   1264 N  NH1 . ARG B 2 15  ? -13.234 -4.427  -9.910  1.00 25.79 ? 11  ARG B NH1 1 
ATOM   1265 N  NH2 . ARG B 2 15  ? -11.564 -5.856  -9.210  1.00 24.86 ? 11  ARG B NH2 1 
ATOM   1266 N  N   . ARG B 2 16  ? -11.606 2.004   -7.144  1.00 28.86 ? 12  ARG B N   1 
ATOM   1267 C  CA  . ARG B 2 16  ? -12.088 3.313   -7.612  1.00 28.91 ? 12  ARG B CA  1 
ATOM   1268 C  C   . ARG B 2 16  ? -11.028 4.413   -7.436  1.00 29.01 ? 12  ARG B C   1 
ATOM   1269 O  O   . ARG B 2 16  ? -10.704 5.164   -8.380  1.00 29.76 ? 12  ARG B O   1 
ATOM   1270 C  CB  . ARG B 2 16  ? -13.371 3.702   -6.871  1.00 28.96 ? 12  ARG B CB  1 
ATOM   1271 C  CG  . ARG B 2 16  ? -13.996 5.038   -7.388  1.00 28.95 ? 12  ARG B CG  1 
ATOM   1272 C  CD  . ARG B 2 16  ? -15.216 5.426   -6.583  1.00 27.68 ? 12  ARG B CD  1 
ATOM   1273 N  NE  . ARG B 2 16  ? -14.928 5.822   -5.198  1.00 25.74 ? 12  ARG B NE  1 
ATOM   1274 C  CZ  . ARG B 2 16  ? -14.507 7.026   -4.809  1.00 25.52 ? 12  ARG B CZ  1 
ATOM   1275 N  NH1 . ARG B 2 16  ? -14.259 7.993   -5.692  1.00 24.94 ? 12  ARG B NH1 1 
ATOM   1276 N  NH2 . ARG B 2 16  ? -14.309 7.263   -3.518  1.00 26.61 ? 12  ARG B NH2 1 
ATOM   1277 N  N   . ILE B 2 17  ? -10.495 4.502   -6.219  1.00 28.29 ? 13  ILE B N   1 
ATOM   1278 C  CA  . ILE B 2 17  ? -9.534  5.541   -5.872  1.00 27.11 ? 13  ILE B CA  1 
ATOM   1279 C  C   . ILE B 2 17  ? -8.234  5.276   -6.660  1.00 27.32 ? 13  ILE B C   1 
ATOM   1280 O  O   . ILE B 2 17  ? -7.653  6.187   -7.215  1.00 27.23 ? 13  ILE B O   1 
ATOM   1281 C  CB  . ILE B 2 17  ? -9.332  5.594   -4.354  1.00 26.90 ? 13  ILE B CB  1 
ATOM   1282 C  CG1 . ILE B 2 17  ? -10.655 6.023   -3.668  1.00 25.30 ? 13  ILE B CG1 1 
ATOM   1283 C  CG2 . ILE B 2 17  ? -8.221  6.566   -3.968  1.00 25.99 ? 13  ILE B CG2 1 
ATOM   1284 C  CD1 . ILE B 2 17  ? -10.675 5.893   -2.144  1.00 24.55 ? 13  ILE B CD1 1 
ATOM   1285 N  N   . GLY B 2 18  ? -7.835  4.015   -6.754  1.00 27.59 ? 14  GLY B N   1 
ATOM   1286 C  CA  . GLY B 2 18  ? -6.581  3.652   -7.428  1.00 28.31 ? 14  GLY B CA  1 
ATOM   1287 C  C   . GLY B 2 18  ? -6.605  4.026   -8.903  1.00 28.88 ? 14  GLY B C   1 
ATOM   1288 O  O   . GLY B 2 18  ? -5.634  4.610   -9.411  1.00 28.75 ? 14  GLY B O   1 
ATOM   1289 N  N   . ASP B 2 19  ? -7.724  3.727   -9.576  1.00 29.03 ? 15  ASP B N   1 
ATOM   1290 C  CA  . ASP B 2 19  ? -7.879  4.058   -11.006 1.00 30.53 ? 15  ASP B CA  1 
ATOM   1291 C  C   . ASP B 2 19  ? -7.996  5.558   -11.229 1.00 30.15 ? 15  ASP B C   1 
ATOM   1292 O  O   . ASP B 2 19  ? -7.518  6.094   -12.241 1.00 29.96 ? 15  ASP B O   1 
ATOM   1293 C  CB  . ASP B 2 19  ? -9.074  3.315   -11.623 1.00 31.41 ? 15  ASP B CB  1 
ATOM   1294 C  CG  . ASP B 2 19  ? -8.770  1.831   -11.907 1.00 32.96 ? 15  ASP B CG  1 
ATOM   1295 O  OD1 . ASP B 2 19  ? -7.584  1.427   -11.918 1.00 33.70 ? 15  ASP B OD1 1 
ATOM   1296 O  OD2 . ASP B 2 19  ? -9.717  1.058   -12.158 1.00 35.04 ? 15  ASP B OD2 1 
ATOM   1297 N  N   . GLU B 2 20  ? -8.603  6.248   -10.263 1.00 30.26 ? 16  GLU B N   1 
ATOM   1298 C  CA  . GLU B 2 20  ? -8.708  7.692   -10.311 1.00 31.20 ? 16  GLU B CA  1 
ATOM   1299 C  C   . GLU B 2 20  ? -7.312  8.277   -10.224 1.00 31.83 ? 16  GLU B C   1 
ATOM   1300 O  O   . GLU B 2 20  ? -6.944  9.172   -10.998 1.00 31.70 ? 16  GLU B O   1 
ATOM   1301 C  CB  . GLU B 2 20  ? -9.609  8.187   -9.159  1.00 31.02 ? 16  GLU B CB  1 
ATOM   1302 C  CG  . GLU B 2 20  ? -9.523  9.654   -8.865  1.00 32.23 ? 16  GLU B CG  1 
ATOM   1303 C  CD  . GLU B 2 20  ? -9.876  9.932   -7.429  1.00 31.97 ? 16  GLU B CD  1 
ATOM   1304 O  OE1 . GLU B 2 20  ? -9.065  10.589  -6.733  1.00 28.93 ? 16  GLU B OE1 1 
ATOM   1305 O  OE2 . GLU B 2 20  ? -10.972 9.490   -6.998  1.00 31.49 ? 16  GLU B OE2 1 
ATOM   1306 N  N   . PHE B 2 21  ? -6.528  7.746   -9.286  1.00 32.35 ? 17  PHE B N   1 
ATOM   1307 C  CA  . PHE B 2 21  ? -5.212  8.255   -9.017  1.00 33.76 ? 17  PHE B CA  1 
ATOM   1308 C  C   . PHE B 2 21  ? -4.292  7.915   -10.192 1.00 34.06 ? 17  PHE B C   1 
ATOM   1309 O  O   . PHE B 2 21  ? -3.458  8.725   -10.567 1.00 35.37 ? 17  PHE B O   1 
ATOM   1310 C  CB  . PHE B 2 21  ? -4.691  7.671   -7.697  1.00 34.27 ? 17  PHE B CB  1 
ATOM   1311 C  CG  . PHE B 2 21  ? -3.761  8.571   -6.952  1.00 36.18 ? 17  PHE B CG  1 
ATOM   1312 C  CD1 . PHE B 2 21  ? -4.172  9.823   -6.521  1.00 37.40 ? 17  PHE B CD1 1 
ATOM   1313 C  CD2 . PHE B 2 21  ? -2.473  8.149   -6.650  1.00 38.61 ? 17  PHE B CD2 1 
ATOM   1314 C  CE1 . PHE B 2 21  ? -3.320  10.650  -5.829  1.00 37.88 ? 17  PHE B CE1 1 
ATOM   1315 C  CE2 . PHE B 2 21  ? -1.606  8.977   -5.954  1.00 40.45 ? 17  PHE B CE2 1 
ATOM   1316 C  CZ  . PHE B 2 21  ? -2.034  10.234  -5.542  1.00 39.86 ? 17  PHE B CZ  1 
ATOM   1317 N  N   . ASN B 2 22  ? -4.458  6.729   -10.778 1.00 33.65 ? 18  ASN B N   1 
ATOM   1318 C  CA  . ASN B 2 22  ? -3.725  6.380   -11.989 1.00 33.75 ? 18  ASN B CA  1 
ATOM   1319 C  C   . ASN B 2 22  ? -4.016  7.356   -13.109 1.00 34.08 ? 18  ASN B C   1 
ATOM   1320 O  O   . ASN B 2 22  ? -3.093  7.891   -13.753 1.00 34.09 ? 18  ASN B O   1 
ATOM   1321 C  CB  . ASN B 2 22  ? -4.057  4.967   -12.473 1.00 33.14 ? 18  ASN B CB  1 
ATOM   1322 C  CG  . ASN B 2 22  ? -2.978  4.418   -13.379 1.00 32.90 ? 18  ASN B CG  1 
ATOM   1323 O  OD1 . ASN B 2 22  ? -3.120  4.377   -14.617 1.00 33.09 ? 18  ASN B OD1 1 
ATOM   1324 N  ND2 . ASN B 2 22  ? -1.866  4.037   -12.773 1.00 26.48 ? 18  ASN B ND2 1 
ATOM   1325 N  N   . ALA B 2 23  ? -5.310  7.597   -13.328 1.00 34.46 ? 19  ALA B N   1 
ATOM   1326 C  CA  . ALA B 2 23  ? -5.767  8.470   -14.410 1.00 34.71 ? 19  ALA B CA  1 
ATOM   1327 C  C   . ALA B 2 23  ? -5.212  9.879   -14.253 1.00 35.49 ? 19  ALA B C   1 
ATOM   1328 O  O   . ALA B 2 23  ? -4.873  10.551  -15.244 1.00 35.24 ? 19  ALA B O   1 
ATOM   1329 C  CB  . ALA B 2 23  ? -7.307  8.494   -14.462 1.00 34.74 ? 19  ALA B CB  1 
ATOM   1330 N  N   . TYR B 2 24  ? -5.129  10.329  -13.003 1.00 36.57 ? 20  TYR B N   1 
ATOM   1331 C  CA  . TYR B 2 24  ? -4.661  11.675  -12.690 1.00 37.81 ? 20  TYR B CA  1 
ATOM   1332 C  C   . TYR B 2 24  ? -3.217  11.878  -13.165 1.00 38.02 ? 20  TYR B C   1 
ATOM   1333 O  O   . TYR B 2 24  ? -2.892  12.910  -13.764 1.00 37.97 ? 20  TYR B O   1 
ATOM   1334 C  CB  . TYR B 2 24  ? -4.823  11.966  -11.190 1.00 38.62 ? 20  TYR B CB  1 
ATOM   1335 C  CG  . TYR B 2 24  ? -4.495  13.383  -10.815 1.00 39.89 ? 20  TYR B CG  1 
ATOM   1336 C  CD1 . TYR B 2 24  ? -5.426  14.412  -11.011 1.00 40.78 ? 20  TYR B CD1 1 
ATOM   1337 C  CD2 . TYR B 2 24  ? -3.247  13.711  -10.280 1.00 41.67 ? 20  TYR B CD2 1 
ATOM   1338 C  CE1 . TYR B 2 24  ? -5.121  15.729  -10.677 1.00 42.26 ? 20  TYR B CE1 1 
ATOM   1339 C  CE2 . TYR B 2 24  ? -2.929  15.032  -9.949  1.00 42.29 ? 20  TYR B CE2 1 
ATOM   1340 C  CZ  . TYR B 2 24  ? -3.872  16.027  -10.146 1.00 42.13 ? 20  TYR B CZ  1 
ATOM   1341 O  OH  . TYR B 2 24  ? -3.568  17.322  -9.815  1.00 43.31 ? 20  TYR B OH  1 
ATOM   1342 N  N   . TYR B 2 25  ? -2.370  10.874  -12.944 1.00 38.42 ? 21  TYR B N   1 
ATOM   1343 C  CA  . TYR B 2 25  ? -0.959  10.943  -13.348 1.00 38.82 ? 21  TYR B CA  1 
ATOM   1344 C  C   . TYR B 2 25  ? -0.651  10.466  -14.768 1.00 39.64 ? 21  TYR B C   1 
ATOM   1345 O  O   . TYR B 2 25  ? 0.330   10.913  -15.358 1.00 40.40 ? 21  TYR B O   1 
ATOM   1346 C  CB  . TYR B 2 25  ? -0.063  10.210  -12.336 1.00 37.87 ? 21  TYR B CB  1 
ATOM   1347 C  CG  . TYR B 2 25  ? 0.162   11.000  -11.070 1.00 36.97 ? 21  TYR B CG  1 
ATOM   1348 C  CD1 . TYR B 2 25  ? -0.697  10.856  -9.977  1.00 35.89 ? 21  TYR B CD1 1 
ATOM   1349 C  CD2 . TYR B 2 25  ? 1.224   11.912  -10.966 1.00 36.11 ? 21  TYR B CD2 1 
ATOM   1350 C  CE1 . TYR B 2 25  ? -0.505  11.584  -8.813  1.00 35.78 ? 21  TYR B CE1 1 
ATOM   1351 C  CE2 . TYR B 2 25  ? 1.422   12.651  -9.801  1.00 36.20 ? 21  TYR B CE2 1 
ATOM   1352 C  CZ  . TYR B 2 25  ? 0.549   12.475  -8.729  1.00 37.05 ? 21  TYR B CZ  1 
ATOM   1353 O  OH  . TYR B 2 25  ? 0.726   13.184  -7.567  1.00 39.00 ? 21  TYR B OH  1 
ATOM   1354 N  N   . ALA B 2 26  ? -1.482  9.582   -15.320 1.00 40.30 ? 22  ALA B N   1 
ATOM   1355 C  CA  . ALA B 2 26  ? -1.222  8.985   -16.640 1.00 40.89 ? 22  ALA B CA  1 
ATOM   1356 C  C   . ALA B 2 26  ? -1.171  10.020  -17.771 1.00 41.28 ? 22  ALA B C   1 
ATOM   1357 O  O   . ALA B 2 26  ? -1.829  11.053  -17.690 1.00 41.78 ? 22  ALA B O   1 
ATOM   1358 C  CB  . ALA B 2 26  ? -2.253  7.922   -16.952 1.00 41.15 ? 22  ALA B CB  1 
HETATM 1359 ZN ZN  . ZN  C 3 .   ? 8.857   -14.499 -13.752 1.00 37.07 ? 401 ZN  A ZN  1 
HETATM 1360 ZN ZN  . ZN  D 3 .   ? 13.955  6.054   -14.185 1.00 27.26 ? 402 ZN  A ZN  1 
HETATM 1361 NA NA  . NA  E 4 .   ? 2.143   -10.675 15.914  1.00 36.65 ? 404 NA  A NA  1 
HETATM 1362 ZN ZN  . ZN  F 3 .   ? -17.800 4.457   -2.413  1.00 42.68 ? 403 ZN  B ZN  1 
HETATM 1363 O  O   . HOH G 5 .   ? -2.749  -15.274 -4.712  0.50 34.74 ? 1   HOH A O   1 
HETATM 1364 O  O   . HOH G 5 .   ? -13.322 10.303  1.105   1.00 40.54 ? 2   HOH A O   1 
HETATM 1365 O  O   . HOH G 5 .   ? 4.981   -15.190 -8.828  1.00 29.69 ? 3   HOH A O   1 
HETATM 1366 O  O   . HOH G 5 .   ? 8.589   10.148  -8.655  1.00 31.52 ? 4   HOH A O   1 
HETATM 1367 O  O   . HOH G 5 .   ? -9.713  -12.426 -2.739  1.00 30.72 ? 5   HOH A O   1 
HETATM 1368 O  O   . HOH G 5 .   ? -12.082 -7.215  -16.395 1.00 37.83 ? 6   HOH A O   1 
HETATM 1369 O  O   . HOH G 5 .   ? -6.196  -10.795 -8.400  1.00 22.41 ? 7   HOH A O   1 
HETATM 1370 O  O   . HOH G 5 .   ? 16.219  2.107   -13.757 1.00 37.77 ? 8   HOH A O   1 
HETATM 1371 O  O   . HOH G 5 .   ? 1.902   -10.934 7.113   1.00 44.67 ? 9   HOH A O   1 
HETATM 1372 O  O   . HOH G 5 .   ? -3.589  -3.512  -16.887 1.00 35.00 ? 10  HOH A O   1 
HETATM 1373 O  O   . HOH G 5 .   ? 1.055   -5.557  11.100  1.00 44.38 ? 11  HOH A O   1 
HETATM 1374 O  O   . HOH G 5 .   ? 0.618   2.665   -13.859 1.00 31.99 ? 12  HOH A O   1 
HETATM 1375 O  O   . HOH G 5 .   ? -7.378  -7.796  7.619   1.00 36.46 ? 13  HOH A O   1 
HETATM 1376 O  O   . HOH G 5 .   ? 6.429   4.280   -15.418 1.00 29.22 ? 14  HOH A O   1 
HETATM 1377 O  O   . HOH G 5 .   ? 14.222  4.977   -10.339 1.00 30.75 ? 15  HOH A O   1 
HETATM 1378 O  O   . HOH G 5 .   ? -4.613  -7.477  -12.029 1.00 32.91 ? 16  HOH A O   1 
HETATM 1379 O  O   . HOH G 5 .   ? 5.281   -3.962  -16.987 1.00 37.48 ? 21  HOH A O   1 
HETATM 1380 O  O   . HOH G 5 .   ? -5.442  -9.206  -17.336 1.00 39.28 ? 22  HOH A O   1 
HETATM 1381 O  O   . HOH G 5 .   ? 14.867  -0.110  -10.249 1.00 40.61 ? 23  HOH A O   1 
HETATM 1382 O  O   . HOH G 5 .   ? 14.493  -10.462 -7.365  1.00 40.90 ? 24  HOH A O   1 
HETATM 1383 O  O   . HOH G 5 .   ? 7.395   -14.762 -7.526  1.00 36.05 ? 25  HOH A O   1 
HETATM 1384 O  O   . HOH G 5 .   ? -0.697  -11.156 1.177   1.00 47.10 ? 26  HOH A O   1 
HETATM 1385 O  O   . HOH G 5 .   ? 2.110   -17.864 -5.167  1.00 41.98 ? 29  HOH A O   1 
HETATM 1386 O  O   . HOH G 5 .   ? 17.186  -11.748 -7.077  1.00 65.87 ? 30  HOH A O   1 
HETATM 1387 O  O   . HOH G 5 .   ? -12.700 -3.333  -13.770 1.00 38.48 ? 31  HOH A O   1 
HETATM 1388 O  O   . HOH G 5 .   ? -9.600  -0.997  15.536  1.00 51.26 ? 32  HOH A O   1 
HETATM 1389 O  O   . HOH G 5 .   ? -9.739  -7.711  9.424   1.00 48.49 ? 33  HOH A O   1 
HETATM 1390 O  O   . HOH G 5 .   ? -4.844  0.801   -15.919 1.00 31.02 ? 35  HOH A O   1 
HETATM 1391 O  O   . HOH G 5 .   ? 9.583   12.098  -5.559  1.00 40.79 ? 36  HOH A O   1 
HETATM 1392 O  O   . HOH G 5 .   ? 13.370  -1.945  -8.347  1.00 33.54 ? 38  HOH A O   1 
HETATM 1393 O  O   . HOH G 5 .   ? -8.032  5.400   13.835  1.00 50.51 ? 39  HOH A O   1 
HETATM 1394 O  O   . HOH G 5 .   ? 12.785  -10.552 -9.367  1.00 35.81 ? 40  HOH A O   1 
HETATM 1395 O  O   . HOH G 5 .   ? 14.360  -3.950  -10.195 1.00 42.39 ? 42  HOH A O   1 
HETATM 1396 O  O   . HOH G 5 .   ? 10.578  13.166  1.268   1.00 60.35 ? 43  HOH A O   1 
HETATM 1397 O  O   . HOH G 5 .   ? -5.750  5.554   10.682  1.00 45.08 ? 45  HOH A O   1 
HETATM 1398 O  O   . HOH G 5 .   ? 10.654  4.082   8.543   1.00 37.58 ? 46  HOH A O   1 
HETATM 1399 O  O   . HOH G 5 .   ? 9.089   10.049  -15.819 1.00 35.05 ? 48  HOH A O   1 
HETATM 1400 O  O   . HOH G 5 .   ? -4.806  -10.333 -10.989 1.00 59.21 ? 49  HOH A O   1 
HETATM 1401 O  O   . HOH G 5 .   ? 2.688   9.283   -15.559 1.00 40.58 ? 52  HOH A O   1 
HETATM 1402 O  O   . HOH G 5 .   ? 10.718  -14.193 -12.570 1.00 37.33 ? 53  HOH A O   1 
HETATM 1403 O  O   . HOH G 5 .   ? -8.497  -6.882  -17.750 1.00 41.46 ? 54  HOH A O   1 
HETATM 1404 O  O   . HOH G 5 .   ? 7.693   -14.900 -4.929  1.00 45.95 ? 55  HOH A O   1 
HETATM 1405 O  O   . HOH G 5 .   ? -5.721  -13.723 0.119   1.00 48.69 ? 56  HOH A O   1 
HETATM 1406 O  O   . HOH G 5 .   ? 10.315  -5.336  7.016   1.00 51.71 ? 57  HOH A O   1 
HETATM 1407 O  O   . HOH G 5 .   ? -14.014 14.418  1.106   1.00 49.56 ? 58  HOH A O   1 
HETATM 1408 O  O   . HOH G 5 .   ? -7.932  -15.802 3.204   1.00 49.54 ? 59  HOH A O   1 
HETATM 1409 O  O   . HOH G 5 .   ? 18.552  5.142   -8.558  1.00 54.87 ? 60  HOH A O   1 
HETATM 1410 O  O   . HOH G 5 .   ? -3.742  -9.458  -13.841 0.50 35.35 ? 62  HOH A O   1 
HETATM 1411 O  O   . HOH G 5 .   ? -5.612  10.382  6.159   1.00 60.76 ? 64  HOH A O   1 
HETATM 1412 O  O   . HOH G 5 .   ? -6.292  -12.856 9.707   1.00 60.42 ? 65  HOH A O   1 
HETATM 1413 O  O   . HOH G 5 .   ? 11.921  6.338   7.218   1.00 48.60 ? 67  HOH A O   1 
HETATM 1414 O  O   . HOH G 5 .   ? 15.930  -2.226  -18.813 1.00 44.93 ? 68  HOH A O   1 
HETATM 1415 O  O   . HOH G 5 .   ? -6.066  -13.841 2.926   1.00 42.47 ? 69  HOH A O   1 
HETATM 1416 O  O   . HOH G 5 .   ? 13.774  -8.409  -10.401 1.00 45.20 ? 70  HOH A O   1 
HETATM 1417 O  O   . HOH G 5 .   ? 8.864   13.924  -8.924  1.00 55.21 ? 71  HOH A O   1 
HETATM 1418 O  O   . HOH G 5 .   ? 8.977   12.582  -16.721 1.00 61.97 ? 72  HOH A O   1 
HETATM 1419 O  O   . HOH G 5 .   ? 10.914  -14.569 -2.149  1.00 63.11 ? 73  HOH A O   1 
HETATM 1420 O  O   . HOH G 5 .   ? 13.622  -5.987  3.211   1.00 36.68 ? 75  HOH A O   1 
HETATM 1421 O  O   . HOH G 5 .   ? 8.582   13.237  -0.703  1.00 42.24 ? 76  HOH A O   1 
HETATM 1422 O  O   . HOH G 5 .   ? 7.775   -14.474 -2.386  1.00 64.64 ? 78  HOH A O   1 
HETATM 1423 O  O   . HOH G 5 .   ? -16.466 13.194  2.344   1.00 51.61 ? 79  HOH A O   1 
HETATM 1424 O  O   . HOH G 5 .   ? -8.930  -10.962 8.740   1.00 50.03 ? 80  HOH A O   1 
HETATM 1425 O  O   . HOH G 5 .   ? 3.791   -14.046 2.786   1.00 57.30 ? 81  HOH A O   1 
HETATM 1426 O  O   . HOH G 5 .   ? 10.467  11.838  -9.177  1.00 47.07 ? 82  HOH A O   1 
HETATM 1427 O  O   . HOH G 5 .   ? 9.138   -11.114 4.983   1.00 51.49 ? 84  HOH A O   1 
HETATM 1428 O  O   . HOH G 5 .   ? 18.263  -9.950  -1.007  1.00 60.99 ? 85  HOH A O   1 
HETATM 1429 O  O   . HOH G 5 .   ? 15.038  7.722   3.334   1.00 57.21 ? 86  HOH A O   1 
HETATM 1430 O  O   . HOH G 5 .   ? 14.888  11.026  1.269   1.00 62.57 ? 88  HOH A O   1 
HETATM 1431 O  O   . HOH G 5 .   ? 3.655   14.838  1.664   1.00 48.63 ? 90  HOH A O   1 
HETATM 1432 O  O   . HOH G 5 .   ? 19.601  0.621   -8.326  1.00 61.87 ? 91  HOH A O   1 
HETATM 1433 O  O   . HOH G 5 .   ? 12.433  -4.382  5.525   1.00 56.54 ? 92  HOH A O   1 
HETATM 1434 O  O   . HOH G 5 .   ? 8.216   -15.268 -15.344 1.00 21.27 ? 93  HOH A O   1 
HETATM 1435 O  O   . HOH G 5 .   ? 12.053  1.861   9.181   1.00 56.59 ? 94  HOH A O   1 
HETATM 1436 O  O   . HOH G 5 .   ? 10.162  5.167   11.125  1.00 48.56 ? 96  HOH A O   1 
HETATM 1437 O  O   . HOH G 5 .   ? 8.956   15.031  -2.679  1.00 58.32 ? 97  HOH A O   1 
HETATM 1438 O  O   . HOH G 5 .   ? 22.571  2.808   -2.476  1.00 68.94 ? 98  HOH A O   1 
HETATM 1439 O  O   . HOH G 5 .   ? -6.050  15.271  -2.087  1.00 55.43 ? 99  HOH A O   1 
HETATM 1440 O  O   . HOH G 5 .   ? -5.333  -5.261  -18.143 1.00 46.72 ? 100 HOH A O   1 
HETATM 1441 O  O   . HOH G 5 .   ? -4.940  8.045   9.972   1.00 64.81 ? 101 HOH A O   1 
HETATM 1442 O  O   . HOH G 5 .   ? 17.158  -0.855  -1.028  1.00 53.39 ? 102 HOH A O   1 
HETATM 1443 O  O   . HOH G 5 .   ? -16.753 7.057   6.454   1.00 63.05 ? 103 HOH A O   1 
HETATM 1444 O  O   . HOH G 5 .   ? -2.327  -3.657  17.778  1.00 64.54 ? 104 HOH A O   1 
HETATM 1445 O  O   . HOH G 5 .   ? -12.895 -11.242 -1.946  1.00 40.38 ? 105 HOH A O   1 
HETATM 1446 O  O   . HOH G 5 .   ? -10.294 -11.747 12.352  1.00 78.40 ? 106 HOH A O   1 
HETATM 1447 O  O   . HOH G 5 .   ? -12.320 13.006  8.769   1.00 68.48 ? 107 HOH A O   1 
HETATM 1448 O  O   . HOH G 5 .   ? 15.970  -4.584  -6.736  1.00 54.96 ? 108 HOH A O   1 
HETATM 1449 O  O   . HOH G 5 .   ? 21.421  -0.836  -0.167  1.00 68.06 ? 109 HOH A O   1 
HETATM 1450 O  O   . HOH G 5 .   ? -12.612 12.726  2.394   1.00 50.80 ? 110 HOH A O   1 
HETATM 1451 O  O   . HOH G 5 .   ? 9.314   -10.218 -16.757 1.00 47.63 ? 111 HOH A O   1 
HETATM 1452 O  O   . HOH G 5 .   ? -1.013  -4.444  -17.164 1.00 51.30 ? 112 HOH A O   1 
HETATM 1453 O  O   . HOH G 5 .   ? -3.720  -14.530 3.624   1.00 49.10 ? 114 HOH A O   1 
HETATM 1454 O  O   . HOH G 5 .   ? 19.826  10.569  6.490   1.00 68.90 ? 115 HOH A O   1 
HETATM 1455 O  O   . HOH G 5 .   ? 0.792   -12.742 3.596   1.00 59.07 ? 116 HOH A O   1 
HETATM 1456 O  O   . HOH G 5 .   ? 13.289  -5.898  -11.329 1.00 54.46 ? 117 HOH A O   1 
HETATM 1457 O  O   . HOH G 5 .   ? 18.978  -0.511  -5.196  1.00 51.07 ? 118 HOH A O   1 
HETATM 1458 O  O   . HOH H 5 .   ? -7.576  4.680   -14.565 1.00 35.28 ? 404 HOH B O   1 
HETATM 1459 O  O   . HOH H 5 .   ? -14.531 0.076   -8.133  1.00 32.11 ? 405 HOH B O   1 
HETATM 1460 O  O   . HOH H 5 .   ? -8.502  11.182  -11.981 1.00 35.68 ? 406 HOH B O   1 
HETATM 1461 O  O   . HOH H 5 .   ? -5.389  5.191   -16.003 1.00 41.46 ? 407 HOH B O   1 
HETATM 1462 O  O   . HOH H 5 .   ? -12.090 5.412   -10.657 1.00 31.80 ? 408 HOH B O   1 
HETATM 1463 O  O   . HOH H 5 .   ? -14.621 -2.032  -11.492 1.00 51.77 ? 409 HOH B O   1 
HETATM 1464 O  O   . HOH H 5 .   ? -9.299  0.576   -15.050 1.00 47.69 ? 410 HOH B O   1 
HETATM 1465 O  O   . HOH H 5 .   ? 2.385   14.860  -7.066  1.00 57.86 ? 411 HOH B O   1 
HETATM 1466 O  O   . HOH H 5 .   ? -12.922 9.365   -8.575  1.00 38.82 ? 412 HOH B O   1 
HETATM 1467 O  O   . HOH H 5 .   ? -12.801 -10.815 0.053   1.00 42.25 ? 413 HOH B O   1 
HETATM 1468 O  O   . HOH H 5 .   ? -0.407  13.276  -4.917  1.00 41.53 ? 414 HOH B O   1 
HETATM 1469 O  O   . HOH H 5 .   ? -8.991  13.172  -9.985  1.00 38.84 ? 415 HOH B O   1 
HETATM 1470 O  O   . HOH H 5 .   ? -19.098 4.655   -0.478  1.00 39.31 ? 416 HOH B O   1 
HETATM 1471 O  O   . HOH H 5 .   ? -12.158 1.721   -11.953 1.00 40.10 ? 417 HOH B O   1 
HETATM 1472 O  O   . HOH H 5 .   ? -17.305 0.748   -3.007  1.00 56.10 ? 418 HOH B O   1 
HETATM 1473 O  O   . HOH H 5 .   ? -1.201  3.714   -16.583 1.00 36.44 ? 419 HOH B O   1 
HETATM 1474 O  O   . HOH H 5 .   ? -5.711  9.912   -17.948 1.00 43.54 ? 420 HOH B O   1 
HETATM 1475 O  O   . HOH H 5 .   ? -18.267 4.021   -3.663  1.00 30.53 ? 421 HOH B O   1 
HETATM 1476 O  O   . HOH H 5 .   ? -5.902  7.087   -18.036 1.00 45.63 ? 422 HOH B O   1 
HETATM 1477 O  O   . HOH H 5 .   ? -14.802 -5.434  -13.400 1.00 48.96 ? 423 HOH B O   1 
HETATM 1478 O  O   . HOH H 5 .   ? -20.467 -11.474 4.063   1.00 61.55 ? 424 HOH B O   1 
HETATM 1479 O  O   . HOH H 5 .   ? -15.914 -5.770  -11.029 1.00 40.24 ? 425 HOH B O   1 
HETATM 1480 O  O   . HOH H 5 .   ? -18.587 -12.268 -1.171  1.00 63.57 ? 426 HOH B O   1 
# 
